data_8DB0
#
_entry.id   8DB0
#
_cell.length_a   90.500
_cell.length_b   108.400
_cell.length_c   182.040
_cell.angle_alpha   90.000
_cell.angle_beta   90.000
_cell.angle_gamma   90.000
#
_symmetry.space_group_name_H-M   'P 21 21 21'
#
loop_
_entity.id
_entity.type
_entity.pdbx_description
1 polymer 'Dimethylallyltryptophan synthase 1'
2 non-polymer TRYPTOPHAN
3 non-polymer 3,6,9,12,15,18,21-HEPTAOXATRICOSANE-1,23-DIOL
4 non-polymer 'DIMETHYLALLYL S-THIOLODIPHOSPHATE'
5 non-polymer 1,2-ETHANEDIOL
6 water water
#
_entity_poly.entity_id   1
_entity_poly.type   'polypeptide(L)'
_entity_poly.pdbx_seq_one_letter_code
;MLLQASQATQSVWKTLNKWLPPLSRDKDWWWKTLGPQINTLLTEADYDLNERYEALLLLYRWVVPEMGPRPRSSVAPSKS
FMTDDHSPIEYSWKWISGNKKPEIRYAVELVSPLAGSKQDPFNQIPTRNLVYNLAKIIPELDLTWFEHFWHELLGPGSPT
TSTSGVLTKGSTVFAALEMLHGHLSVKVYFIPVETPDFSAWHQIKHAIEASGCPNLEALNHVDAYLSSHDDGRQLRPFML
AIDLVEPAASRLKIYARSNQTSFRFVRDVMTIGGLRTDLDRSIEKFSDLWKRALGLDPDTPPEDELPKVDHLTSGAVFNF
DVAPKSQIPEVKAYIPVRHYANNDLQAALGLIGYLEDHGHGGYSQSYLRGLDMLAPSGQLDQATGVQTYFAVACQGEDLS
LTSYLNPQFYAAFQEPERT
;
_entity_poly.pdbx_strand_id   A,B,C,D
#
loop_
_chem_comp.id
_chem_comp.type
_chem_comp.name
_chem_comp.formula
DST non-polymer 'DIMETHYLALLYL S-THIOLODIPHOSPHATE' 'C5 H12 O6 P2 S'
EDO non-polymer 1,2-ETHANEDIOL 'C2 H6 O2'
PE8 non-polymer 3,6,9,12,15,18,21-HEPTAOXATRICOSANE-1,23-DIOL 'C16 H34 O9'
#
# COMPACT_ATOMS: atom_id res chain seq x y z
N SER A 11 -11.46 -22.35 9.29
CA SER A 11 -12.00 -21.98 10.59
C SER A 11 -10.96 -21.29 11.48
N VAL A 12 -11.35 -20.16 12.08
CA VAL A 12 -10.46 -19.45 12.98
C VAL A 12 -10.05 -20.36 14.13
N TRP A 13 -11.01 -21.09 14.69
CA TRP A 13 -10.67 -21.97 15.80
C TRP A 13 -9.73 -23.07 15.36
N LYS A 14 -9.95 -23.64 14.17
CA LYS A 14 -9.06 -24.70 13.70
C LYS A 14 -7.63 -24.20 13.54
N THR A 15 -7.47 -22.98 13.00
CA THR A 15 -6.16 -22.37 12.86
C THR A 15 -5.49 -22.18 14.22
N LEU A 16 -6.21 -21.54 15.15
CA LEU A 16 -5.64 -21.27 16.47
C LEU A 16 -5.31 -22.55 17.21
N ASN A 17 -6.20 -23.54 17.16
CA ASN A 17 -5.94 -24.83 17.79
C ASN A 17 -4.77 -25.54 17.15
N LYS A 18 -4.56 -25.32 15.86
CA LYS A 18 -3.42 -25.95 15.19
C LYS A 18 -2.11 -25.34 15.69
N TRP A 19 -2.09 -24.04 15.98
CA TRP A 19 -0.81 -23.42 16.27
C TRP A 19 -0.59 -22.98 17.72
N LEU A 20 -1.63 -22.80 18.51
CA LEU A 20 -1.43 -22.44 19.91
C LEU A 20 -0.84 -23.61 20.69
N PRO A 21 -0.09 -23.33 21.75
CA PRO A 21 0.49 -24.41 22.56
C PRO A 21 -0.60 -25.29 23.15
N PRO A 22 -0.37 -26.61 23.21
CA PRO A 22 -1.42 -27.51 23.68
C PRO A 22 -1.71 -27.32 25.16
N LEU A 23 -2.92 -27.71 25.54
CA LEU A 23 -3.41 -27.53 26.90
C LEU A 23 -3.54 -28.87 27.59
N SER A 24 -3.68 -28.81 28.92
CA SER A 24 -3.95 -30.01 29.69
C SER A 24 -5.35 -30.53 29.34
N ARG A 25 -5.64 -31.74 29.82
CA ARG A 25 -6.84 -32.46 29.38
C ARG A 25 -8.11 -31.64 29.61
N ASP A 26 -8.28 -31.10 30.82
CA ASP A 26 -9.48 -30.32 31.15
C ASP A 26 -9.54 -29.04 30.34
N LYS A 27 -8.43 -28.29 30.32
CA LYS A 27 -8.41 -27.05 29.55
C LYS A 27 -8.63 -27.33 28.08
N ASP A 28 -8.04 -28.40 27.55
CA ASP A 28 -8.22 -28.70 26.13
C ASP A 28 -9.67 -29.04 25.84
N TRP A 29 -10.35 -29.74 26.75
CA TRP A 29 -11.76 -30.04 26.54
C TRP A 29 -12.57 -28.76 26.45
N TRP A 30 -12.35 -27.83 27.39
CA TRP A 30 -13.09 -26.58 27.33
C TRP A 30 -12.75 -25.79 26.08
N TRP A 31 -11.48 -25.82 25.67
CA TRP A 31 -11.05 -25.09 24.48
C TRP A 31 -11.75 -25.64 23.23
N LYS A 32 -11.74 -26.97 23.06
CA LYS A 32 -12.34 -27.60 21.90
C LYS A 32 -13.86 -27.64 21.96
N THR A 33 -14.47 -27.27 23.08
CA THR A 33 -15.93 -27.17 23.14
C THR A 33 -16.41 -25.72 22.98
N LEU A 34 -15.93 -24.82 23.84
CA LEU A 34 -16.36 -23.42 23.79
C LEU A 34 -15.83 -22.71 22.54
N GLY A 35 -14.60 -23.02 22.11
CA GLY A 35 -14.03 -22.38 20.94
C GLY A 35 -14.89 -22.50 19.71
N PRO A 36 -15.18 -23.73 19.28
CA PRO A 36 -16.06 -23.90 18.11
C PRO A 36 -17.44 -23.31 18.30
N GLN A 37 -18.00 -23.35 19.52
CA GLN A 37 -19.34 -22.79 19.73
C GLN A 37 -19.34 -21.29 19.51
N ILE A 38 -18.41 -20.59 20.16
CA ILE A 38 -18.29 -19.15 20.02
C ILE A 38 -17.95 -18.78 18.58
N ASN A 39 -17.04 -19.53 17.95
CA ASN A 39 -16.62 -19.23 16.59
C ASN A 39 -17.79 -19.38 15.62
N THR A 40 -18.61 -20.41 15.81
CA THR A 40 -19.77 -20.61 14.94
C THR A 40 -20.78 -19.49 15.13
N LEU A 41 -21.06 -19.12 16.38
CA LEU A 41 -22.01 -18.03 16.60
C LEU A 41 -21.50 -16.73 15.97
N LEU A 42 -20.20 -16.43 16.12
CA LEU A 42 -19.65 -15.20 15.56
C LEU A 42 -19.60 -15.24 14.04
N THR A 43 -19.32 -16.42 13.45
CA THR A 43 -19.30 -16.51 11.99
C THR A 43 -20.70 -16.33 11.42
N GLU A 44 -21.70 -16.98 12.02
CA GLU A 44 -23.06 -16.84 11.51
C GLU A 44 -23.57 -15.41 11.64
N ALA A 45 -23.10 -14.66 12.62
CA ALA A 45 -23.51 -13.28 12.82
C ALA A 45 -22.64 -12.30 12.02
N ASP A 46 -21.76 -12.82 11.16
CA ASP A 46 -20.98 -12.02 10.21
C ASP A 46 -19.99 -11.08 10.89
N TYR A 47 -19.40 -11.53 12.00
CA TYR A 47 -18.31 -10.77 12.60
C TYR A 47 -17.07 -10.86 11.72
N ASP A 48 -16.31 -9.77 11.62
CA ASP A 48 -15.10 -9.83 10.81
C ASP A 48 -14.06 -10.74 11.46
N LEU A 49 -13.10 -11.15 10.65
CA LEU A 49 -12.14 -12.18 11.04
C LEU A 49 -11.31 -11.77 12.26
N ASN A 50 -10.89 -10.51 12.32
CA ASN A 50 -10.04 -10.08 13.42
C ASN A 50 -10.78 -10.18 14.75
N GLU A 51 -12.07 -9.88 14.75
CA GLU A 51 -12.83 -9.98 15.99
C GLU A 51 -13.01 -11.42 16.41
N ARG A 52 -13.11 -12.35 15.46
CA ARG A 52 -13.19 -13.77 15.81
C ARG A 52 -11.86 -14.27 16.38
N TYR A 53 -10.74 -13.84 15.79
CA TYR A 53 -9.45 -14.18 16.37
C TYR A 53 -9.31 -13.63 17.78
N GLU A 54 -9.67 -12.35 17.96
CA GLU A 54 -9.56 -11.70 19.26
C GLU A 54 -10.40 -12.41 20.30
N ALA A 55 -11.65 -12.76 19.94
CA ALA A 55 -12.53 -13.42 20.89
C ALA A 55 -11.96 -14.78 21.29
N LEU A 56 -11.45 -15.55 20.32
CA LEU A 56 -10.93 -16.87 20.67
C LEU A 56 -9.59 -16.78 21.40
N LEU A 57 -8.79 -15.75 21.13
CA LEU A 57 -7.56 -15.55 21.88
C LEU A 57 -7.86 -15.19 23.33
N LEU A 58 -8.83 -14.30 23.55
CA LEU A 58 -9.27 -14.01 24.91
C LEU A 58 -9.76 -15.28 25.59
N LEU A 59 -10.62 -16.04 24.91
CA LEU A 59 -11.13 -17.29 25.47
C LEU A 59 -9.98 -18.22 25.87
N TYR A 60 -9.02 -18.42 24.97
CA TYR A 60 -7.91 -19.34 25.26
C TYR A 60 -7.08 -18.86 26.45
N ARG A 61 -6.87 -17.54 26.55
CA ARG A 61 -5.95 -17.04 27.55
C ARG A 61 -6.58 -16.84 28.94
N TRP A 62 -7.81 -16.29 29.01
CA TRP A 62 -8.38 -15.85 30.28
C TRP A 62 -9.62 -16.62 30.73
N VAL A 63 -10.26 -17.40 29.87
CA VAL A 63 -11.49 -18.13 30.22
C VAL A 63 -11.20 -19.62 30.39
N VAL A 64 -10.68 -20.26 29.34
CA VAL A 64 -10.44 -21.70 29.36
C VAL A 64 -9.62 -22.15 30.58
N PRO A 65 -8.51 -21.49 30.95
CA PRO A 65 -7.73 -21.99 32.09
C PRO A 65 -8.48 -21.96 33.41
N GLU A 66 -9.59 -21.22 33.51
CA GLU A 66 -10.29 -21.07 34.79
C GLU A 66 -11.67 -21.72 34.78
N MET A 67 -11.88 -22.71 33.91
CA MET A 67 -13.17 -23.37 33.82
C MET A 67 -13.26 -24.63 34.67
N GLY A 68 -12.15 -25.09 35.25
CA GLY A 68 -12.18 -26.24 36.13
C GLY A 68 -12.23 -27.56 35.39
N PRO A 69 -12.52 -28.64 36.12
CA PRO A 69 -12.53 -29.96 35.48
C PRO A 69 -13.59 -30.07 34.39
N ARG A 70 -13.27 -30.83 33.36
CA ARG A 70 -14.17 -31.02 32.24
C ARG A 70 -15.36 -31.90 32.66
N PRO A 71 -16.50 -31.73 32.00
CA PRO A 71 -17.64 -32.62 32.27
C PRO A 71 -17.28 -34.06 31.92
N ARG A 72 -17.69 -34.98 32.81
CA ARG A 72 -17.48 -36.40 32.59
C ARG A 72 -18.75 -37.21 32.78
N SER A 73 -19.85 -36.57 33.15
CA SER A 73 -21.12 -37.25 33.33
C SER A 73 -22.23 -36.21 33.24
N SER A 74 -23.46 -36.64 33.52
CA SER A 74 -24.62 -35.76 33.60
C SER A 74 -24.74 -35.07 34.96
N VAL A 75 -23.86 -35.41 35.90
CA VAL A 75 -23.84 -34.77 37.21
C VAL A 75 -22.92 -33.56 37.14
N ALA A 76 -23.46 -32.38 37.48
CA ALA A 76 -22.66 -31.16 37.46
C ALA A 76 -21.82 -31.03 38.73
N PRO A 77 -20.64 -30.43 38.65
CA PRO A 77 -19.81 -30.28 39.85
C PRO A 77 -20.30 -29.22 40.82
N SER A 78 -21.27 -28.39 40.44
CA SER A 78 -21.77 -27.34 41.32
C SER A 78 -23.25 -27.15 41.02
N LYS A 79 -23.89 -26.30 41.81
CA LYS A 79 -25.27 -25.89 41.54
C LYS A 79 -25.32 -24.48 40.95
N SER A 80 -24.46 -24.21 39.98
CA SER A 80 -24.32 -22.87 39.41
C SER A 80 -25.66 -22.32 38.94
N PHE A 81 -25.93 -21.07 39.31
CA PHE A 81 -27.16 -20.38 38.93
C PHE A 81 -27.14 -19.87 37.49
N MET A 82 -26.09 -20.17 36.73
CA MET A 82 -26.00 -19.67 35.36
C MET A 82 -27.11 -20.26 34.49
N THR A 83 -27.29 -21.58 34.56
CA THR A 83 -28.32 -22.28 33.80
C THR A 83 -28.93 -23.33 34.70
N ASP A 84 -30.06 -23.91 34.25
CA ASP A 84 -30.79 -24.86 35.07
C ASP A 84 -30.01 -26.15 35.29
N ASP A 85 -29.27 -26.61 34.27
CA ASP A 85 -28.45 -27.80 34.45
C ASP A 85 -27.06 -27.46 35.00
N HIS A 86 -26.86 -26.22 35.43
CA HIS A 86 -25.63 -25.72 36.04
C HIS A 86 -24.47 -25.66 35.06
N SER A 87 -24.75 -25.55 33.77
CA SER A 87 -23.71 -25.19 32.83
C SER A 87 -23.22 -23.79 33.15
N PRO A 88 -21.91 -23.58 33.31
CA PRO A 88 -21.42 -22.26 33.75
C PRO A 88 -21.25 -21.28 32.59
N ILE A 89 -21.91 -21.55 31.46
CA ILE A 89 -21.80 -20.73 30.26
C ILE A 89 -23.20 -20.50 29.71
N GLU A 90 -23.51 -19.26 29.32
CA GLU A 90 -24.75 -18.98 28.62
C GLU A 90 -24.48 -18.01 27.49
N TYR A 91 -24.81 -18.40 26.26
CA TYR A 91 -24.65 -17.52 25.10
C TYR A 91 -25.91 -16.69 24.91
N SER A 92 -25.74 -15.52 24.28
CA SER A 92 -26.90 -14.73 23.89
C SER A 92 -26.67 -14.12 22.53
N TRP A 93 -27.77 -13.95 21.81
CA TRP A 93 -27.83 -13.53 20.41
C TRP A 93 -28.86 -12.40 20.36
N LYS A 94 -28.42 -11.16 20.27
CA LYS A 94 -29.31 -10.01 20.25
C LYS A 94 -29.67 -9.67 18.81
N TRP A 95 -30.97 -9.64 18.52
CA TRP A 95 -31.48 -9.32 17.20
C TRP A 95 -31.53 -7.81 17.02
N ILE A 96 -30.73 -7.30 16.11
CA ILE A 96 -30.65 -5.86 15.87
C ILE A 96 -31.61 -5.53 14.74
N SER A 97 -32.38 -4.45 14.93
CA SER A 97 -33.37 -4.06 13.94
C SER A 97 -32.69 -3.58 12.66
N GLY A 98 -33.50 -3.38 11.63
CA GLY A 98 -32.96 -2.99 10.34
C GLY A 98 -32.17 -4.09 9.68
N ASN A 99 -32.30 -5.32 10.16
CA ASN A 99 -31.58 -6.46 9.61
C ASN A 99 -30.06 -6.27 9.70
N LYS A 100 -29.61 -5.60 10.75
CA LYS A 100 -28.19 -5.43 10.97
C LYS A 100 -27.65 -6.68 11.66
N LYS A 101 -26.32 -6.78 11.74
CA LYS A 101 -25.72 -7.99 12.26
C LYS A 101 -26.13 -8.20 13.72
N PRO A 102 -26.43 -9.42 14.13
CA PRO A 102 -26.75 -9.69 15.53
C PRO A 102 -25.54 -9.46 16.42
N GLU A 103 -25.81 -9.17 17.69
CA GLU A 103 -24.73 -9.00 18.66
C GLU A 103 -24.62 -10.28 19.48
N ILE A 104 -23.41 -10.84 19.50
CA ILE A 104 -23.16 -12.09 20.25
C ILE A 104 -22.53 -11.74 21.59
N ARG A 105 -23.08 -12.32 22.65
CA ARG A 105 -22.55 -12.09 24.00
C ARG A 105 -22.47 -13.45 24.71
N TYR A 106 -21.64 -13.57 25.73
CA TYR A 106 -21.62 -14.80 26.54
C TYR A 106 -21.31 -14.50 28.00
N ALA A 107 -22.09 -15.10 28.89
CA ALA A 107 -21.85 -15.01 30.31
C ALA A 107 -21.14 -16.27 30.78
N VAL A 108 -20.23 -16.11 31.74
CA VAL A 108 -19.39 -17.19 32.25
C VAL A 108 -19.23 -17.01 33.76
N GLU A 109 -19.26 -18.13 34.48
CA GLU A 109 -18.88 -18.19 35.89
C GLU A 109 -17.63 -19.07 35.98
N LEU A 110 -16.47 -18.44 36.08
CA LEU A 110 -15.24 -19.18 36.26
C LEU A 110 -15.20 -19.79 37.66
N VAL A 111 -14.34 -20.78 37.84
CA VAL A 111 -14.29 -21.56 39.07
C VAL A 111 -12.84 -21.82 39.44
N SER A 112 -12.62 -22.14 40.71
CA SER A 112 -11.31 -22.48 41.23
C SER A 112 -11.50 -23.57 42.26
N PRO A 113 -10.42 -24.29 42.61
CA PRO A 113 -10.54 -25.32 43.66
C PRO A 113 -10.93 -24.76 45.02
N LEU A 114 -10.76 -23.46 45.25
CA LEU A 114 -11.14 -22.85 46.52
C LEU A 114 -12.65 -22.70 46.69
N ALA A 115 -13.43 -22.93 45.64
CA ALA A 115 -14.87 -22.73 45.70
C ALA A 115 -15.50 -23.60 46.77
N GLY A 116 -16.26 -22.96 47.66
CA GLY A 116 -16.88 -23.64 48.76
C GLY A 116 -16.11 -23.59 50.06
N SER A 117 -14.80 -23.33 50.00
CA SER A 117 -13.99 -23.29 51.22
C SER A 117 -14.13 -21.93 51.91
N LYS A 118 -13.49 -21.80 53.08
CA LYS A 118 -13.53 -20.54 53.80
C LYS A 118 -12.86 -19.41 53.05
N GLN A 119 -11.94 -19.73 52.14
CA GLN A 119 -11.26 -18.70 51.36
C GLN A 119 -12.12 -18.16 50.21
N ASP A 120 -13.13 -18.92 49.78
CA ASP A 120 -14.02 -18.46 48.72
C ASP A 120 -15.32 -19.25 48.77
N PRO A 121 -16.13 -19.06 49.82
CA PRO A 121 -17.30 -19.95 50.00
C PRO A 121 -18.33 -19.84 48.90
N PHE A 122 -18.34 -18.77 48.12
CA PHE A 122 -19.35 -18.57 47.09
C PHE A 122 -18.75 -18.36 45.69
N ASN A 123 -17.53 -18.83 45.46
CA ASN A 123 -16.90 -18.83 44.13
C ASN A 123 -16.89 -17.43 43.50
N GLN A 124 -16.24 -16.50 44.18
CA GLN A 124 -16.19 -15.12 43.71
C GLN A 124 -14.85 -14.70 43.14
N ILE A 125 -13.76 -15.30 43.61
CA ILE A 125 -12.42 -14.84 43.21
C ILE A 125 -12.18 -14.99 41.72
N PRO A 126 -12.54 -16.11 41.06
CA PRO A 126 -12.26 -16.21 39.61
C PRO A 126 -12.88 -15.11 38.78
N THR A 127 -14.12 -14.69 39.09
CA THR A 127 -14.73 -13.60 38.36
C THR A 127 -13.99 -12.28 38.57
N ARG A 128 -13.60 -12.00 39.82
CA ARG A 128 -12.81 -10.80 40.10
C ARG A 128 -11.49 -10.81 39.33
N ASN A 129 -10.83 -11.96 39.29
CA ASN A 129 -9.58 -12.05 38.54
C ASN A 129 -9.81 -11.82 37.06
N LEU A 130 -10.90 -12.37 36.51
CA LEU A 130 -11.22 -12.14 35.11
C LEU A 130 -11.44 -10.66 34.83
N VAL A 131 -12.17 -9.97 35.71
CA VAL A 131 -12.44 -8.55 35.51
C VAL A 131 -11.14 -7.75 35.52
N TYR A 132 -10.24 -8.03 36.47
CA TYR A 132 -8.98 -7.28 36.48
C TYR A 132 -8.12 -7.62 35.26
N ASN A 133 -8.11 -8.89 34.83
CA ASN A 133 -7.36 -9.23 33.62
C ASN A 133 -7.88 -8.46 32.42
N LEU A 134 -9.21 -8.38 32.29
CA LEU A 134 -9.79 -7.64 31.19
C LEU A 134 -9.48 -6.15 31.27
N ALA A 135 -9.46 -5.61 32.49
CA ALA A 135 -9.11 -4.21 32.67
C ALA A 135 -7.70 -3.93 32.22
N LYS A 136 -6.81 -4.93 32.36
CA LYS A 136 -5.44 -4.73 31.89
C LYS A 136 -5.39 -4.55 30.38
N ILE A 137 -6.20 -5.30 29.64
CA ILE A 137 -6.16 -5.24 28.18
C ILE A 137 -7.11 -4.16 27.62
N ILE A 138 -8.18 -3.82 28.35
CA ILE A 138 -9.18 -2.86 27.88
C ILE A 138 -9.14 -1.61 28.75
N PRO A 139 -8.38 -0.58 28.39
CA PRO A 139 -8.30 0.61 29.25
C PRO A 139 -9.62 1.36 29.39
N GLU A 140 -10.56 1.19 28.46
CA GLU A 140 -11.84 1.89 28.57
C GLU A 140 -12.71 1.35 29.71
N LEU A 141 -12.34 0.19 30.28
CA LEU A 141 -13.09 -0.39 31.38
C LEU A 141 -12.93 0.43 32.64
N ASP A 142 -14.05 0.72 33.29
CA ASP A 142 -14.10 1.44 34.56
C ASP A 142 -14.46 0.44 35.65
N LEU A 143 -13.71 0.45 36.75
CA LEU A 143 -13.93 -0.48 37.85
C LEU A 143 -14.46 0.20 39.11
N THR A 144 -14.89 1.46 39.02
CA THR A 144 -15.40 2.17 40.19
C THR A 144 -16.67 1.50 40.72
N TRP A 145 -17.68 1.35 39.87
CA TRP A 145 -18.91 0.70 40.30
C TRP A 145 -18.70 -0.78 40.54
N PHE A 146 -17.75 -1.39 39.84
CA PHE A 146 -17.47 -2.79 40.10
C PHE A 146 -17.04 -2.98 41.54
N GLU A 147 -16.05 -2.21 42.00
CA GLU A 147 -15.61 -2.37 43.38
C GLU A 147 -16.67 -1.93 44.37
N HIS A 148 -17.44 -0.89 44.04
CA HIS A 148 -18.48 -0.45 44.97
C HIS A 148 -19.52 -1.54 45.18
N PHE A 149 -20.10 -2.04 44.10
CA PHE A 149 -21.14 -3.05 44.24
C PHE A 149 -20.57 -4.37 44.71
N TRP A 150 -19.31 -4.67 44.39
CA TRP A 150 -18.68 -5.88 44.93
C TRP A 150 -18.58 -5.82 46.43
N HIS A 151 -18.07 -4.72 46.98
CA HIS A 151 -17.94 -4.71 48.44
C HIS A 151 -19.31 -4.65 49.09
N GLU A 152 -20.26 -3.92 48.49
CA GLU A 152 -21.56 -3.78 49.12
C GLU A 152 -22.32 -5.11 49.13
N LEU A 153 -22.22 -5.91 48.07
CA LEU A 153 -23.07 -7.09 47.94
C LEU A 153 -22.37 -8.40 48.27
N LEU A 154 -21.06 -8.49 48.06
CA LEU A 154 -20.37 -9.80 48.22
C LEU A 154 -19.15 -9.66 49.14
N GLY A 155 -18.86 -8.46 49.62
CA GLY A 155 -17.64 -8.22 50.41
C GLY A 155 -17.64 -8.76 51.83
N PRO A 156 -16.55 -8.55 52.58
CA PRO A 156 -16.46 -9.02 53.97
C PRO A 156 -17.57 -8.49 54.89
N GLY A 157 -18.26 -7.43 54.49
CA GLY A 157 -19.29 -6.85 55.32
C GLY A 157 -20.66 -7.41 54.96
N SER A 158 -20.77 -7.95 53.76
CA SER A 158 -22.01 -8.54 53.29
C SER A 158 -22.30 -9.85 54.03
N PRO A 159 -23.57 -10.28 54.03
CA PRO A 159 -23.92 -11.60 54.57
C PRO A 159 -23.44 -12.74 53.67
N VAL A 166 -26.58 -17.59 54.14
CA VAL A 166 -27.57 -18.52 54.65
C VAL A 166 -28.29 -19.20 53.50
N LEU A 167 -28.97 -18.41 52.67
CA LEU A 167 -29.69 -18.91 51.50
C LEU A 167 -29.01 -18.39 50.23
N THR A 168 -28.69 -19.30 49.30
CA THR A 168 -28.00 -18.93 48.07
C THR A 168 -28.69 -19.59 46.87
N LYS A 169 -28.66 -18.88 45.74
CA LYS A 169 -29.21 -19.37 44.49
C LYS A 169 -28.32 -20.40 43.79
N GLY A 170 -27.13 -20.68 44.33
CA GLY A 170 -26.16 -21.54 43.69
C GLY A 170 -24.96 -20.79 43.14
N SER A 171 -25.08 -19.48 42.96
CA SER A 171 -23.98 -18.60 42.55
C SER A 171 -24.20 -17.26 43.24
N THR A 172 -23.14 -16.46 43.30
CA THR A 172 -23.27 -15.08 43.76
C THR A 172 -22.80 -14.05 42.75
N VAL A 173 -22.02 -14.44 41.74
CA VAL A 173 -21.49 -13.48 40.78
C VAL A 173 -21.13 -14.22 39.50
N PHE A 174 -21.27 -13.51 38.38
CA PHE A 174 -20.64 -13.98 37.14
C PHE A 174 -20.43 -12.78 36.21
N ALA A 175 -19.76 -13.03 35.09
CA ALA A 175 -19.40 -11.94 34.18
C ALA A 175 -19.92 -12.26 32.78
N ALA A 176 -20.06 -11.21 31.96
CA ALA A 176 -20.48 -11.38 30.57
C ALA A 176 -19.61 -10.52 29.67
N LEU A 177 -19.30 -11.08 28.51
CA LEU A 177 -18.54 -10.41 27.46
C LEU A 177 -19.47 -10.16 26.29
N GLU A 178 -19.54 -8.90 25.85
CA GLU A 178 -20.41 -8.47 24.77
C GLU A 178 -19.55 -7.99 23.61
N MET A 179 -19.60 -8.73 22.49
CA MET A 179 -18.88 -8.35 21.27
C MET A 179 -19.76 -7.41 20.47
N LEU A 180 -19.56 -6.11 20.65
CA LEU A 180 -20.41 -5.08 20.01
C LEU A 180 -19.87 -4.63 18.67
N HIS A 181 -19.32 -5.53 17.85
CA HIS A 181 -18.78 -5.19 16.53
C HIS A 181 -17.82 -4.00 16.61
N GLY A 182 -16.55 -4.28 16.91
CA GLY A 182 -15.51 -3.28 16.99
C GLY A 182 -15.04 -2.96 18.40
N HIS A 183 -15.85 -3.19 19.43
CA HIS A 183 -15.36 -2.99 20.78
C HIS A 183 -16.02 -4.00 21.71
N LEU A 184 -15.39 -4.19 22.87
CA LEU A 184 -15.83 -5.18 23.84
C LEU A 184 -16.43 -4.48 25.06
N SER A 185 -17.57 -4.97 25.51
CA SER A 185 -18.15 -4.52 26.77
C SER A 185 -18.15 -5.67 27.76
N VAL A 186 -18.07 -5.32 29.04
CA VAL A 186 -18.10 -6.29 30.12
C VAL A 186 -19.25 -5.93 31.05
N LYS A 187 -20.03 -6.94 31.43
CA LYS A 187 -21.10 -6.80 32.41
C LYS A 187 -20.79 -7.69 33.60
N VAL A 188 -21.24 -7.26 34.78
CA VAL A 188 -21.08 -8.05 35.99
C VAL A 188 -22.45 -8.24 36.64
N TYR A 189 -22.75 -9.47 37.05
CA TYR A 189 -24.00 -9.85 37.68
C TYR A 189 -23.70 -10.30 39.10
N PHE A 190 -24.42 -9.70 40.05
CA PHE A 190 -24.32 -10.00 41.48
C PHE A 190 -25.61 -10.65 41.93
N ILE A 191 -25.51 -11.82 42.57
CA ILE A 191 -26.66 -12.53 43.10
C ILE A 191 -26.53 -12.60 44.63
N PRO A 192 -27.10 -11.65 45.37
CA PRO A 192 -26.85 -11.58 46.81
C PRO A 192 -27.33 -12.81 47.55
N VAL A 193 -26.62 -13.14 48.63
CA VAL A 193 -27.03 -14.18 49.55
C VAL A 193 -28.04 -13.60 50.53
N GLU A 194 -29.20 -14.23 50.63
CA GLU A 194 -30.28 -13.74 51.48
C GLU A 194 -30.19 -14.34 52.87
N THR A 195 -30.52 -13.53 53.87
CA THR A 195 -30.63 -13.92 55.28
C THR A 195 -32.01 -13.50 55.75
N PRO A 196 -32.49 -14.06 56.88
CA PRO A 196 -33.84 -13.70 57.36
C PRO A 196 -34.09 -12.20 57.49
N ASP A 197 -33.07 -11.38 57.68
CA ASP A 197 -33.27 -9.94 57.84
C ASP A 197 -32.71 -9.12 56.70
N PHE A 198 -32.08 -9.73 55.69
CA PHE A 198 -31.47 -8.99 54.59
C PHE A 198 -31.79 -9.71 53.29
N SER A 199 -32.94 -9.37 52.70
CA SER A 199 -33.29 -9.98 51.43
C SER A 199 -32.41 -9.39 50.32
N ALA A 200 -32.55 -9.95 49.12
CA ALA A 200 -31.75 -9.49 48.00
C ALA A 200 -32.11 -8.05 47.61
N TRP A 201 -33.39 -7.71 47.66
CA TRP A 201 -33.81 -6.36 47.28
C TRP A 201 -33.32 -5.32 48.28
N HIS A 202 -33.30 -5.65 49.57
CA HIS A 202 -32.79 -4.71 50.55
C HIS A 202 -31.33 -4.37 50.28
N GLN A 203 -30.52 -5.39 50.03
CA GLN A 203 -29.10 -5.19 49.75
C GLN A 203 -28.89 -4.41 48.46
N ILE A 204 -29.63 -4.77 47.41
CA ILE A 204 -29.45 -4.10 46.12
C ILE A 204 -29.85 -2.63 46.20
N LYS A 205 -30.97 -2.35 46.87
CA LYS A 205 -31.43 -0.97 46.99
C LYS A 205 -30.44 -0.14 47.80
N HIS A 206 -29.92 -0.71 48.90
CA HIS A 206 -28.96 0.03 49.71
C HIS A 206 -27.68 0.31 48.92
N ALA A 207 -27.25 -0.66 48.09
CA ALA A 207 -26.05 -0.46 47.30
C ALA A 207 -26.24 0.65 46.28
N ILE A 208 -27.39 0.67 45.62
CA ILE A 208 -27.63 1.72 44.64
C ILE A 208 -27.70 3.08 45.32
N GLU A 209 -28.33 3.14 46.50
CA GLU A 209 -28.41 4.42 47.20
C GLU A 209 -27.03 4.87 47.66
N ALA A 210 -26.11 3.94 47.93
CA ALA A 210 -24.76 4.30 48.35
C ALA A 210 -23.79 4.46 47.19
N SER A 211 -24.25 4.34 45.94
CA SER A 211 -23.36 4.38 44.79
C SER A 211 -23.08 5.78 44.26
N GLY A 212 -23.77 6.80 44.77
CA GLY A 212 -23.57 8.16 44.30
C GLY A 212 -24.39 8.53 43.09
N CYS A 213 -25.60 8.01 42.97
CA CYS A 213 -26.44 8.32 41.82
C CYS A 213 -26.89 9.77 41.87
N PRO A 214 -26.89 10.47 40.73
CA PRO A 214 -27.38 11.86 40.71
C PRO A 214 -28.87 11.95 40.99
N ASN A 215 -29.67 11.20 40.24
CA ASN A 215 -31.11 11.15 40.43
C ASN A 215 -31.53 9.70 40.68
N LEU A 216 -32.25 9.48 41.78
CA LEU A 216 -32.74 8.17 42.16
C LEU A 216 -34.25 8.08 42.00
N GLU A 217 -34.82 8.89 41.10
CA GLU A 217 -36.26 8.89 40.92
C GLU A 217 -36.75 7.58 40.33
N ALA A 218 -36.02 7.02 39.35
CA ALA A 218 -36.44 5.74 38.77
C ALA A 218 -36.31 4.60 39.77
N LEU A 219 -35.27 4.63 40.62
CA LEU A 219 -35.17 3.62 41.67
C LEU A 219 -36.34 3.71 42.62
N ASN A 220 -36.77 4.93 42.94
CA ASN A 220 -37.94 5.10 43.81
C ASN A 220 -39.21 4.61 43.11
N HIS A 221 -39.31 4.83 41.81
CA HIS A 221 -40.45 4.29 41.08
C HIS A 221 -40.48 2.76 41.18
N VAL A 222 -39.33 2.12 40.98
CA VAL A 222 -39.28 0.66 41.07
C VAL A 222 -39.60 0.19 42.48
N ASP A 223 -39.07 0.89 43.49
CA ASP A 223 -39.32 0.52 44.88
C ASP A 223 -40.81 0.66 45.23
N ALA A 224 -41.44 1.76 44.80
CA ALA A 224 -42.85 1.96 45.08
C ALA A 224 -43.70 0.91 44.39
N TYR A 225 -43.32 0.55 43.16
CA TYR A 225 -44.04 -0.51 42.45
C TYR A 225 -43.90 -1.85 43.17
N LEU A 226 -42.69 -2.17 43.61
CA LEU A 226 -42.44 -3.46 44.24
C LEU A 226 -43.12 -3.55 45.61
N SER A 227 -43.18 -2.44 46.34
CA SER A 227 -43.69 -2.45 47.72
C SER A 227 -45.19 -2.24 47.81
N SER A 228 -45.78 -1.44 46.93
CA SER A 228 -47.16 -1.00 47.09
C SER A 228 -48.12 -1.58 46.06
N HIS A 229 -47.69 -1.75 44.82
CA HIS A 229 -48.57 -2.25 43.77
C HIS A 229 -48.89 -3.72 43.99
N ASP A 230 -50.13 -4.12 43.67
CA ASP A 230 -50.55 -5.49 43.92
C ASP A 230 -49.76 -6.48 43.09
N ASP A 231 -49.55 -6.17 41.81
CA ASP A 231 -48.73 -7.05 40.97
C ASP A 231 -47.24 -6.90 41.29
N GLY A 232 -46.79 -5.68 41.56
CA GLY A 232 -45.40 -5.47 41.89
C GLY A 232 -44.99 -6.15 43.18
N ARG A 233 -45.94 -6.34 44.10
CA ARG A 233 -45.67 -7.07 45.34
C ARG A 233 -45.46 -8.56 45.11
N GLN A 234 -45.79 -9.06 43.92
CA GLN A 234 -45.61 -10.47 43.58
C GLN A 234 -44.23 -10.76 42.98
N LEU A 235 -43.41 -9.74 42.77
CA LEU A 235 -42.07 -9.90 42.20
C LEU A 235 -41.03 -9.97 43.31
N ARG A 236 -40.05 -10.84 43.13
CA ARG A 236 -38.96 -11.04 44.10
C ARG A 236 -37.63 -10.73 43.45
N PRO A 237 -37.03 -9.56 43.72
CA PRO A 237 -35.73 -9.25 43.13
C PRO A 237 -34.65 -10.21 43.61
N PHE A 238 -33.71 -10.52 42.73
CA PHE A 238 -32.70 -11.51 43.08
C PHE A 238 -31.32 -11.22 42.49
N MET A 239 -31.20 -10.27 41.55
CA MET A 239 -29.94 -10.11 40.86
C MET A 239 -29.79 -8.67 40.41
N LEU A 240 -28.53 -8.20 40.39
CA LEU A 240 -28.20 -6.87 39.88
C LEU A 240 -27.12 -6.97 38.82
N ALA A 241 -27.30 -6.25 37.72
CA ALA A 241 -26.32 -6.25 36.64
C ALA A 241 -25.86 -4.84 36.36
N ILE A 242 -24.54 -4.66 36.23
CA ILE A 242 -23.93 -3.39 35.90
C ILE A 242 -23.03 -3.56 34.70
N ASP A 243 -22.78 -2.45 34.01
CA ASP A 243 -21.82 -2.35 32.92
C ASP A 243 -20.52 -1.77 33.42
N LEU A 244 -19.39 -2.31 32.95
CA LEU A 244 -18.07 -1.84 33.40
C LEU A 244 -17.58 -0.65 32.56
N VAL A 245 -18.43 0.37 32.45
CA VAL A 245 -18.07 1.63 31.81
C VAL A 245 -18.24 2.74 32.84
N GLU A 246 -18.13 3.99 32.41
CA GLU A 246 -18.31 5.11 33.33
C GLU A 246 -19.68 5.01 34.00
N PRO A 247 -19.77 5.27 35.30
CA PRO A 247 -21.05 5.06 36.01
C PRO A 247 -22.20 5.89 35.46
N ALA A 248 -21.91 7.05 34.85
CA ALA A 248 -22.96 7.83 34.23
C ALA A 248 -23.52 7.16 32.99
N ALA A 249 -22.77 6.23 32.37
CA ALA A 249 -23.20 5.55 31.17
C ALA A 249 -23.57 4.09 31.43
N SER A 250 -23.45 3.61 32.66
CA SER A 250 -23.76 2.23 32.97
C SER A 250 -25.24 2.06 33.27
N ARG A 251 -25.78 0.90 32.89
CA ARG A 251 -27.13 0.52 33.24
C ARG A 251 -27.14 -0.10 34.63
N LEU A 252 -28.33 -0.10 35.25
CA LEU A 252 -28.54 -0.74 36.55
C LEU A 252 -29.74 -1.67 36.39
N LYS A 253 -29.48 -2.92 36.06
CA LYS A 253 -30.55 -3.88 35.80
C LYS A 253 -30.88 -4.66 37.05
N ILE A 254 -32.11 -4.50 37.53
CA ILE A 254 -32.61 -5.17 38.74
C ILE A 254 -33.54 -6.30 38.29
N TYR A 255 -33.08 -7.54 38.42
CA TYR A 255 -33.84 -8.70 38.00
C TYR A 255 -34.79 -9.13 39.11
N ALA A 256 -36.03 -9.49 38.73
CA ALA A 256 -37.03 -9.92 39.68
C ALA A 256 -37.87 -11.03 39.06
N ARG A 257 -38.25 -12.00 39.89
CA ARG A 257 -38.96 -13.19 39.47
C ARG A 257 -40.27 -13.32 40.24
N SER A 258 -41.32 -13.82 39.57
CA SER A 258 -42.61 -14.03 40.17
C SER A 258 -43.15 -15.41 39.81
N ASN A 259 -44.08 -15.90 40.64
CA ASN A 259 -44.75 -17.16 40.39
C ASN A 259 -45.91 -17.04 39.42
N GLN A 260 -46.43 -15.84 39.23
CA GLN A 260 -47.49 -15.61 38.26
C GLN A 260 -46.93 -15.66 36.85
N THR A 261 -47.76 -16.14 35.91
CA THR A 261 -47.31 -16.28 34.53
C THR A 261 -48.30 -15.79 33.49
N SER A 262 -49.46 -15.26 33.88
CA SER A 262 -50.42 -14.78 32.89
C SER A 262 -49.88 -13.53 32.18
N PHE A 263 -50.28 -13.36 30.92
CA PHE A 263 -49.80 -12.21 30.18
C PHE A 263 -50.39 -10.90 30.70
N ARG A 264 -51.57 -10.93 31.33
CA ARG A 264 -52.05 -9.72 31.98
C ARG A 264 -51.05 -9.20 33.01
N PHE A 265 -50.50 -10.12 33.82
CA PHE A 265 -49.46 -9.77 34.78
C PHE A 265 -48.21 -9.26 34.08
N VAL A 266 -47.78 -9.96 33.02
CA VAL A 266 -46.58 -9.56 32.29
C VAL A 266 -46.72 -8.16 31.73
N ARG A 267 -47.88 -7.88 31.14
CA ARG A 267 -48.16 -6.56 30.58
C ARG A 267 -48.10 -5.50 31.67
N ASP A 268 -48.75 -5.77 32.81
CA ASP A 268 -48.74 -4.77 33.88
C ASP A 268 -47.33 -4.48 34.34
N VAL A 269 -46.48 -5.51 34.37
CA VAL A 269 -45.08 -5.31 34.77
C VAL A 269 -44.34 -4.47 33.73
N MET A 270 -44.56 -4.76 32.44
CA MET A 270 -43.90 -3.96 31.38
C MET A 270 -44.20 -2.48 31.51
N THR A 271 -45.40 -2.12 31.98
CA THR A 271 -45.78 -0.72 32.13
C THR A 271 -45.52 -0.19 33.52
N ILE A 272 -45.05 -1.04 34.44
CA ILE A 272 -44.82 -0.66 35.83
C ILE A 272 -46.12 -0.09 36.39
N GLY A 273 -47.21 -0.83 36.21
CA GLY A 273 -48.49 -0.41 36.76
C GLY A 273 -49.09 0.82 36.13
N GLY A 274 -48.71 1.15 34.90
CA GLY A 274 -49.23 2.32 34.23
C GLY A 274 -48.32 3.52 34.21
N LEU A 275 -47.16 3.45 34.88
CA LEU A 275 -46.21 4.56 34.84
C LEU A 275 -45.76 4.86 33.41
N ARG A 276 -45.45 3.83 32.65
CA ARG A 276 -45.05 4.01 31.26
C ARG A 276 -46.29 4.01 30.38
N THR A 277 -46.37 5.01 29.51
CA THR A 277 -47.47 5.17 28.58
C THR A 277 -46.96 5.04 27.14
N ASP A 278 -47.90 5.07 26.19
CA ASP A 278 -47.59 5.00 24.77
C ASP A 278 -46.87 3.70 24.39
N LEU A 279 -47.34 2.58 24.91
CA LEU A 279 -46.75 1.28 24.63
C LEU A 279 -47.78 0.27 24.12
N ASP A 280 -48.97 0.73 23.72
CA ASP A 280 -50.04 -0.19 23.34
C ASP A 280 -49.64 -1.05 22.14
N ARG A 281 -49.01 -0.43 21.12
CA ARG A 281 -48.63 -1.19 19.93
C ARG A 281 -47.54 -2.21 20.25
N SER A 282 -46.53 -1.80 21.01
CA SER A 282 -45.46 -2.71 21.38
C SER A 282 -45.98 -3.87 22.20
N ILE A 283 -46.87 -3.60 23.14
CA ILE A 283 -47.39 -4.66 23.99
C ILE A 283 -48.29 -5.61 23.19
N GLU A 284 -49.03 -5.09 22.20
CA GLU A 284 -49.80 -5.99 21.35
C GLU A 284 -48.87 -6.95 20.60
N LYS A 285 -47.78 -6.41 20.04
CA LYS A 285 -46.81 -7.28 19.36
C LYS A 285 -46.19 -8.26 20.36
N PHE A 286 -45.92 -7.81 21.57
CA PHE A 286 -45.42 -8.68 22.63
C PHE A 286 -46.40 -9.83 22.89
N SER A 287 -47.69 -9.52 22.98
CA SER A 287 -48.69 -10.56 23.25
C SER A 287 -48.66 -11.63 22.16
N ASP A 288 -48.60 -11.18 20.90
CA ASP A 288 -48.50 -12.14 19.80
C ASP A 288 -47.23 -13.01 19.95
N LEU A 289 -46.09 -12.36 20.19
CA LEU A 289 -44.84 -13.11 20.28
C LEU A 289 -44.86 -14.08 21.45
N TRP A 290 -45.42 -13.66 22.58
CA TRP A 290 -45.51 -14.52 23.76
C TRP A 290 -46.26 -15.80 23.41
N LYS A 291 -47.41 -15.65 22.74
CA LYS A 291 -48.18 -16.84 22.41
C LYS A 291 -47.48 -17.69 21.36
N ARG A 292 -46.86 -17.08 20.34
CA ARG A 292 -46.21 -17.90 19.32
C ARG A 292 -44.99 -18.63 19.88
N ALA A 293 -44.17 -17.94 20.68
CA ALA A 293 -42.97 -18.56 21.22
C ALA A 293 -43.33 -19.70 22.16
N LEU A 294 -44.39 -19.52 22.96
CA LEU A 294 -44.74 -20.58 23.88
C LEU A 294 -45.64 -21.63 23.26
N GLY A 295 -46.06 -21.46 22.01
CA GLY A 295 -46.94 -22.43 21.39
C GLY A 295 -48.35 -22.43 21.95
N LEU A 296 -48.78 -21.29 22.49
CA LEU A 296 -50.10 -21.17 23.09
C LEU A 296 -51.17 -20.96 22.02
N ASP A 297 -52.40 -21.29 22.38
CA ASP A 297 -53.52 -21.06 21.49
C ASP A 297 -53.62 -19.57 21.18
N PRO A 298 -53.90 -19.18 19.94
CA PRO A 298 -53.97 -17.74 19.62
C PRO A 298 -55.04 -17.01 20.41
N ASP A 299 -56.06 -17.70 20.89
CA ASP A 299 -57.13 -17.11 21.67
C ASP A 299 -56.96 -17.34 23.16
N THR A 300 -55.73 -17.58 23.63
CA THR A 300 -55.48 -17.78 25.05
C THR A 300 -55.80 -16.50 25.81
N PRO A 301 -56.68 -16.54 26.81
CA PRO A 301 -57.01 -15.32 27.57
C PRO A 301 -55.80 -14.78 28.31
N PRO A 302 -55.60 -13.46 28.32
CA PRO A 302 -54.42 -12.89 28.98
C PRO A 302 -54.43 -13.05 30.49
N GLU A 303 -55.58 -13.34 31.10
CA GLU A 303 -55.68 -13.53 32.53
C GLU A 303 -55.37 -14.95 32.97
N ASP A 304 -55.25 -15.88 32.03
CA ASP A 304 -54.97 -17.28 32.34
C ASP A 304 -53.50 -17.48 32.66
N GLU A 305 -53.24 -18.22 33.73
CA GLU A 305 -51.86 -18.56 34.04
C GLU A 305 -51.38 -19.65 33.09
N LEU A 306 -50.07 -19.69 32.92
CA LEU A 306 -49.47 -20.79 32.19
C LEU A 306 -49.58 -22.04 33.05
N PRO A 307 -49.59 -23.23 32.45
CA PRO A 307 -49.62 -24.46 33.26
C PRO A 307 -48.43 -24.49 34.23
N LYS A 308 -48.69 -25.00 35.43
CA LYS A 308 -47.74 -24.84 36.53
C LYS A 308 -46.43 -25.58 36.24
N VAL A 309 -45.31 -24.86 36.42
CA VAL A 309 -44.00 -25.48 36.42
C VAL A 309 -43.33 -25.15 37.75
N ASP A 310 -42.89 -26.19 38.47
CA ASP A 310 -42.31 -26.07 39.81
C ASP A 310 -40.78 -26.18 39.72
N HIS A 311 -40.10 -25.02 39.69
CA HIS A 311 -38.65 -25.01 39.53
C HIS A 311 -38.09 -23.71 40.12
N LEU A 312 -36.80 -23.76 40.45
CA LEU A 312 -36.11 -22.58 40.96
C LEU A 312 -36.25 -21.38 40.03
N THR A 313 -36.17 -21.60 38.71
CA THR A 313 -36.20 -20.49 37.78
C THR A 313 -37.48 -20.45 36.94
N SER A 314 -38.57 -21.03 37.44
CA SER A 314 -39.85 -20.97 36.75
C SER A 314 -40.54 -19.65 37.06
N GLY A 315 -41.72 -19.44 36.47
CA GLY A 315 -42.47 -18.21 36.62
C GLY A 315 -41.99 -17.13 35.68
N ALA A 316 -42.54 -15.93 35.83
CA ALA A 316 -42.18 -14.82 34.96
C ALA A 316 -41.01 -14.04 35.54
N VAL A 317 -40.06 -13.66 34.68
CA VAL A 317 -38.87 -12.95 35.14
C VAL A 317 -38.67 -11.70 34.30
N PHE A 318 -38.19 -10.64 34.96
CA PHE A 318 -38.01 -9.33 34.35
C PHE A 318 -36.73 -8.71 34.88
N ASN A 319 -36.32 -7.60 34.25
CA ASN A 319 -35.36 -6.70 34.86
C ASN A 319 -35.80 -5.27 34.60
N PHE A 320 -35.50 -4.41 35.57
CA PHE A 320 -35.77 -2.98 35.52
C PHE A 320 -34.45 -2.25 35.36
N ASP A 321 -34.36 -1.40 34.35
CA ASP A 321 -33.17 -0.55 34.20
C ASP A 321 -33.46 0.79 34.87
N VAL A 322 -32.79 1.07 35.99
CA VAL A 322 -32.97 2.36 36.71
C VAL A 322 -31.78 3.26 36.36
N ALA A 323 -31.42 3.34 35.08
CA ALA A 323 -30.23 4.10 34.66
C ALA A 323 -30.41 5.60 34.83
N PRO A 324 -29.32 6.38 35.03
CA PRO A 324 -29.40 7.84 35.10
C PRO A 324 -29.79 8.50 33.76
N LYS A 325 -30.08 9.80 33.80
CA LYS A 325 -30.51 10.55 32.58
C LYS A 325 -31.86 9.99 32.11
N SER A 326 -32.56 9.27 32.98
CA SER A 326 -33.88 8.69 32.64
C SER A 326 -34.69 8.56 33.94
N GLN A 327 -35.73 9.35 34.11
CA GLN A 327 -36.49 9.34 35.39
C GLN A 327 -37.47 8.16 35.44
N ILE A 328 -37.88 7.67 34.28
CA ILE A 328 -38.81 6.51 34.22
C ILE A 328 -37.97 5.27 33.96
N PRO A 329 -38.08 4.22 34.79
CA PRO A 329 -37.36 2.99 34.53
C PRO A 329 -37.84 2.21 33.29
N GLU A 330 -36.95 1.43 32.67
CA GLU A 330 -37.34 0.61 31.53
C GLU A 330 -37.40 -0.85 31.95
N VAL A 331 -38.26 -1.61 31.30
CA VAL A 331 -38.49 -3.00 31.68
C VAL A 331 -38.16 -3.92 30.51
N LYS A 332 -37.48 -5.01 30.82
CA LYS A 332 -37.25 -6.09 29.89
C LYS A 332 -37.86 -7.35 30.48
N ALA A 333 -38.72 -8.01 29.71
CA ALA A 333 -39.36 -9.25 30.15
C ALA A 333 -38.66 -10.42 29.49
N TYR A 334 -38.59 -11.56 30.18
CA TYR A 334 -37.94 -12.73 29.62
C TYR A 334 -38.95 -13.87 29.51
N ILE A 335 -39.24 -14.26 28.28
CA ILE A 335 -40.13 -15.40 27.99
C ILE A 335 -39.35 -16.66 28.34
N PRO A 336 -39.73 -17.39 29.41
CA PRO A 336 -39.00 -18.61 29.84
C PRO A 336 -39.34 -19.79 28.95
N VAL A 337 -38.68 -19.80 27.80
CA VAL A 337 -38.94 -20.79 26.77
C VAL A 337 -38.72 -22.20 27.29
N ARG A 338 -37.64 -22.41 28.05
CA ARG A 338 -37.27 -23.76 28.45
C ARG A 338 -38.34 -24.39 29.34
N HIS A 339 -39.08 -23.58 30.10
CA HIS A 339 -40.04 -24.12 31.06
C HIS A 339 -41.43 -24.33 30.48
N TYR A 340 -41.83 -23.52 29.49
CA TYR A 340 -43.22 -23.51 29.07
C TYR A 340 -43.45 -23.78 27.60
N ALA A 341 -42.42 -23.77 26.75
CA ALA A 341 -42.64 -24.11 25.36
C ALA A 341 -42.74 -25.63 25.22
N ASN A 342 -43.18 -26.07 24.03
CA ASN A 342 -43.29 -27.50 23.76
C ASN A 342 -41.93 -28.11 23.44
N ASN A 343 -41.17 -27.48 22.53
CA ASN A 343 -39.84 -27.93 22.19
C ASN A 343 -39.07 -26.75 21.60
N ASP A 344 -37.75 -26.90 21.50
CA ASP A 344 -36.91 -25.79 21.05
C ASP A 344 -37.22 -25.38 19.61
N LEU A 345 -37.46 -26.36 18.73
CA LEU A 345 -37.74 -26.01 17.33
C LEU A 345 -39.04 -25.21 17.22
N GLN A 346 -40.07 -25.63 17.95
CA GLN A 346 -41.34 -24.89 17.91
C GLN A 346 -41.17 -23.46 18.41
N ALA A 347 -40.47 -23.28 19.52
CA ALA A 347 -40.26 -21.92 20.04
C ALA A 347 -39.43 -21.10 19.06
N ALA A 348 -38.42 -21.72 18.46
CA ALA A 348 -37.58 -21.01 17.50
C ALA A 348 -38.37 -20.61 16.26
N LEU A 349 -39.24 -21.50 15.77
CA LEU A 349 -40.03 -21.16 14.59
C LEU A 349 -41.06 -20.09 14.91
N GLY A 350 -41.58 -20.05 16.13
CA GLY A 350 -42.46 -18.96 16.51
C GLY A 350 -41.73 -17.62 16.54
N LEU A 351 -40.54 -17.59 17.13
CA LEU A 351 -39.76 -16.36 17.17
C LEU A 351 -39.39 -15.90 15.77
N ILE A 352 -38.94 -16.84 14.94
CA ILE A 352 -38.53 -16.53 13.58
C ILE A 352 -39.74 -16.10 12.74
N GLY A 353 -40.90 -16.69 12.98
CA GLY A 353 -42.10 -16.27 12.27
C GLY A 353 -42.50 -14.85 12.64
N TYR A 354 -42.40 -14.50 13.92
CA TYR A 354 -42.67 -13.13 14.33
C TYR A 354 -41.70 -12.18 13.62
N LEU A 355 -40.41 -12.52 13.62
CA LEU A 355 -39.42 -11.67 12.97
C LEU A 355 -39.73 -11.50 11.48
N GLU A 356 -40.10 -12.60 10.82
CA GLU A 356 -40.40 -12.55 9.40
C GLU A 356 -41.62 -11.68 9.13
N ASP A 357 -42.63 -11.75 10.00
CA ASP A 357 -43.84 -10.95 9.80
C ASP A 357 -43.56 -9.45 9.91
N HIS A 358 -42.51 -9.05 10.62
CA HIS A 358 -42.19 -7.63 10.79
C HIS A 358 -40.95 -7.21 10.02
N GLY A 359 -40.44 -8.04 9.11
CA GLY A 359 -39.30 -7.67 8.28
C GLY A 359 -37.99 -7.53 9.03
N HIS A 360 -37.79 -8.31 10.10
CA HIS A 360 -36.60 -8.25 10.93
C HIS A 360 -35.86 -9.58 10.99
N GLY A 361 -36.15 -10.48 10.07
CA GLY A 361 -35.59 -11.82 10.18
C GLY A 361 -34.52 -12.20 9.19
N GLY A 362 -33.64 -11.24 8.84
CA GLY A 362 -32.58 -11.56 7.90
C GLY A 362 -31.58 -12.59 8.41
N TYR A 363 -31.41 -12.68 9.73
CA TYR A 363 -30.48 -13.63 10.30
C TYR A 363 -31.19 -14.83 10.93
N SER A 364 -32.39 -15.14 10.46
CA SER A 364 -33.14 -16.26 11.03
C SER A 364 -32.48 -17.60 10.71
N GLN A 365 -32.04 -17.79 9.47
CA GLN A 365 -31.39 -19.04 9.11
C GLN A 365 -30.07 -19.21 9.84
N SER A 366 -29.30 -18.12 9.95
CA SER A 366 -28.05 -18.18 10.68
C SER A 366 -28.31 -18.61 12.11
N TYR A 367 -29.38 -18.07 12.71
CA TYR A 367 -29.76 -18.45 14.06
C TYR A 367 -30.13 -19.93 14.16
N LEU A 368 -30.88 -20.44 13.18
CA LEU A 368 -31.24 -21.85 13.23
C LEU A 368 -30.00 -22.74 13.12
N ARG A 369 -29.04 -22.35 12.27
CA ARG A 369 -27.80 -23.13 12.19
C ARG A 369 -27.06 -23.08 13.52
N GLY A 370 -27.11 -21.94 14.22
CA GLY A 370 -26.48 -21.87 15.53
C GLY A 370 -27.17 -22.76 16.55
N LEU A 371 -28.51 -22.81 16.52
CA LEU A 371 -29.23 -23.74 17.39
C LEU A 371 -28.87 -25.18 17.08
N ASP A 372 -28.79 -25.52 15.79
CA ASP A 372 -28.42 -26.89 15.42
C ASP A 372 -27.01 -27.22 15.90
N MET A 373 -26.10 -26.25 15.88
CA MET A 373 -24.77 -26.48 16.41
C MET A 373 -24.80 -26.69 17.93
N LEU A 374 -25.63 -25.93 18.63
CA LEU A 374 -25.67 -26.01 20.09
C LEU A 374 -26.48 -27.17 20.61
N ALA A 375 -27.44 -27.67 19.84
CA ALA A 375 -28.41 -28.60 20.40
C ALA A 375 -27.78 -29.96 20.66
N PRO A 376 -28.20 -30.65 21.73
CA PRO A 376 -27.85 -32.06 21.88
C PRO A 376 -28.41 -32.85 20.71
N SER A 377 -27.61 -33.79 20.22
CA SER A 377 -27.96 -34.50 18.99
C SER A 377 -29.35 -35.11 19.06
N GLY A 378 -30.26 -34.57 18.26
CA GLY A 378 -31.60 -35.09 18.16
C GLY A 378 -32.56 -34.69 19.27
N GLN A 379 -32.53 -33.43 19.70
CA GLN A 379 -33.43 -33.01 20.76
C GLN A 379 -34.14 -31.68 20.49
N LEU A 380 -33.82 -30.99 19.38
CA LEU A 380 -34.43 -29.69 19.13
C LEU A 380 -35.95 -29.78 19.04
N ASP A 381 -36.47 -30.78 18.34
CA ASP A 381 -37.90 -30.88 18.11
C ASP A 381 -38.62 -31.75 19.13
N GLN A 382 -37.91 -32.31 20.10
CA GLN A 382 -38.56 -33.16 21.09
C GLN A 382 -38.41 -32.66 22.51
N ALA A 383 -37.50 -31.74 22.77
CA ALA A 383 -37.30 -31.26 24.13
C ALA A 383 -36.96 -29.78 24.11
N THR A 384 -36.95 -29.18 25.29
CA THR A 384 -36.50 -27.82 25.52
C THR A 384 -35.15 -27.85 26.22
N GLY A 385 -34.62 -26.67 26.49
CA GLY A 385 -33.36 -26.56 27.21
C GLY A 385 -32.30 -25.74 26.50
N VAL A 386 -32.31 -25.72 25.16
CA VAL A 386 -31.30 -24.97 24.42
C VAL A 386 -31.55 -23.48 24.56
N GLN A 387 -32.76 -23.03 24.24
CA GLN A 387 -33.14 -21.64 24.36
C GLN A 387 -33.70 -21.44 25.77
N THR A 388 -32.97 -20.70 26.60
CA THR A 388 -33.45 -20.48 27.97
C THR A 388 -34.53 -19.41 27.99
N TYR A 389 -34.26 -18.27 27.37
CA TYR A 389 -35.17 -17.14 27.38
C TYR A 389 -35.22 -16.46 26.01
N PHE A 390 -36.37 -15.85 25.72
CA PHE A 390 -36.48 -14.81 24.70
C PHE A 390 -36.73 -13.51 25.43
N ALA A 391 -35.74 -12.61 25.45
CA ALA A 391 -35.90 -11.30 26.08
C ALA A 391 -36.60 -10.35 25.14
N VAL A 392 -37.51 -9.57 25.71
CA VAL A 392 -38.37 -8.62 25.00
C VAL A 392 -38.31 -7.27 25.70
N ALA A 393 -37.91 -6.22 24.97
CA ALA A 393 -38.01 -4.85 25.44
C ALA A 393 -38.87 -4.05 24.46
N CYS A 394 -39.63 -3.10 24.98
CA CYS A 394 -40.53 -2.30 24.16
C CYS A 394 -39.82 -1.00 23.74
N GLN A 395 -39.55 -0.84 22.45
CA GLN A 395 -38.89 0.34 21.91
C GLN A 395 -39.90 1.07 21.02
N GLY A 396 -40.57 2.07 21.59
CA GLY A 396 -41.58 2.80 20.87
C GLY A 396 -42.75 1.94 20.48
N GLU A 397 -42.85 1.61 19.19
CA GLU A 397 -43.88 0.70 18.70
C GLU A 397 -43.34 -0.67 18.33
N ASP A 398 -42.04 -0.92 18.46
CA ASP A 398 -41.45 -2.19 18.05
C ASP A 398 -40.89 -2.92 19.26
N LEU A 399 -40.43 -4.15 19.01
CA LEU A 399 -39.83 -4.99 20.03
C LEU A 399 -38.33 -5.15 19.76
N SER A 400 -37.54 -5.11 20.83
CA SER A 400 -36.12 -5.48 20.81
C SER A 400 -35.99 -6.85 21.45
N LEU A 401 -35.46 -7.82 20.70
CA LEU A 401 -35.45 -9.23 21.07
C LEU A 401 -34.05 -9.79 21.23
N THR A 402 -33.90 -10.69 22.20
CA THR A 402 -32.63 -11.38 22.46
C THR A 402 -32.89 -12.85 22.78
N SER A 403 -32.12 -13.75 22.17
CA SER A 403 -32.21 -15.18 22.47
C SER A 403 -31.07 -15.60 23.40
N TYR A 404 -31.40 -16.27 24.48
CA TYR A 404 -30.40 -16.81 25.41
C TYR A 404 -30.32 -18.32 25.25
N LEU A 405 -29.09 -18.85 25.30
CA LEU A 405 -28.78 -20.21 24.85
C LEU A 405 -27.93 -20.95 25.89
N ASN A 406 -28.37 -22.16 26.25
CA ASN A 406 -27.65 -23.00 27.18
C ASN A 406 -27.00 -24.15 26.43
N PRO A 407 -25.67 -24.29 26.46
CA PRO A 407 -25.02 -25.42 25.79
C PRO A 407 -25.32 -26.76 26.44
N GLN A 408 -25.83 -26.78 27.67
CA GLN A 408 -26.26 -28.00 28.35
C GLN A 408 -25.14 -29.04 28.41
N PHE A 409 -24.04 -28.63 29.05
CA PHE A 409 -22.90 -29.53 29.18
C PHE A 409 -23.26 -30.79 29.92
N TYR A 410 -24.15 -30.70 30.91
CA TYR A 410 -24.45 -31.84 31.77
C TYR A 410 -25.79 -32.49 31.48
N ALA A 411 -26.86 -31.72 31.23
CA ALA A 411 -28.14 -32.34 30.89
C ALA A 411 -28.07 -33.07 29.56
N ALA A 412 -27.17 -32.65 28.69
CA ALA A 412 -26.97 -33.27 27.38
C ALA A 412 -25.56 -33.81 27.22
N PHE A 413 -25.03 -34.43 28.26
CA PHE A 413 -23.64 -34.87 28.22
C PHE A 413 -23.38 -35.88 27.10
N GLN A 414 -22.60 -35.46 26.10
CA GLN A 414 -22.21 -36.35 25.01
C GLN A 414 -20.94 -37.12 25.35
N SER B 11 0.51 13.03 -23.92
CA SER B 11 1.90 13.37 -24.23
C SER B 11 2.56 14.08 -23.06
N VAL B 12 3.76 13.63 -22.72
CA VAL B 12 4.51 14.26 -21.62
C VAL B 12 4.78 15.72 -21.93
N TRP B 13 5.19 16.02 -23.17
CA TRP B 13 5.51 17.41 -23.50
C TRP B 13 4.26 18.30 -23.44
N LYS B 14 3.12 17.82 -23.91
CA LYS B 14 1.89 18.63 -23.85
C LYS B 14 1.51 18.91 -22.40
N THR B 15 1.65 17.92 -21.53
CA THR B 15 1.36 18.12 -20.11
C THR B 15 2.27 19.18 -19.51
N LEU B 16 3.59 19.03 -19.72
CA LEU B 16 4.52 20.00 -19.15
C LEU B 16 4.28 21.38 -19.72
N ASN B 17 4.05 21.48 -21.03
CA ASN B 17 3.80 22.76 -21.67
C ASN B 17 2.51 23.39 -21.18
N LYS B 18 1.52 22.57 -20.81
CA LYS B 18 0.30 23.14 -20.29
C LYS B 18 0.52 23.75 -18.91
N TRP B 19 1.37 23.13 -18.07
CA TRP B 19 1.39 23.58 -16.69
C TRP B 19 2.66 24.29 -16.23
N LEU B 20 3.79 24.10 -16.90
CA LEU B 20 5.01 24.79 -16.49
C LEU B 20 4.88 26.30 -16.70
N PRO B 21 5.55 27.10 -15.88
CA PRO B 21 5.49 28.55 -16.07
C PRO B 21 6.02 28.94 -17.44
N PRO B 22 5.39 29.90 -18.11
CA PRO B 22 5.76 30.21 -19.48
C PRO B 22 7.11 30.88 -19.58
N LEU B 23 7.71 30.75 -20.76
CA LEU B 23 9.01 31.32 -21.06
C LEU B 23 8.83 32.46 -22.04
N SER B 24 9.86 33.30 -22.14
CA SER B 24 9.85 34.38 -23.11
C SER B 24 9.87 33.80 -24.53
N ARG B 25 9.62 34.69 -25.50
CA ARG B 25 9.22 34.26 -26.85
C ARG B 25 10.21 33.29 -27.50
N ASP B 26 11.50 33.65 -27.58
CA ASP B 26 12.47 32.77 -28.23
C ASP B 26 12.70 31.49 -27.43
N LYS B 27 12.80 31.61 -26.10
CA LYS B 27 12.96 30.42 -25.28
C LYS B 27 11.77 29.49 -25.48
N ASP B 28 10.56 30.07 -25.57
CA ASP B 28 9.35 29.29 -25.81
C ASP B 28 9.40 28.62 -27.18
N TRP B 29 9.96 29.31 -28.18
CA TRP B 29 10.12 28.69 -29.49
C TRP B 29 11.03 27.47 -29.42
N TRP B 30 12.18 27.60 -28.75
CA TRP B 30 13.06 26.45 -28.61
C TRP B 30 12.37 25.34 -27.81
N TRP B 31 11.60 25.71 -26.79
CA TRP B 31 10.88 24.71 -25.99
C TRP B 31 9.90 23.94 -26.85
N LYS B 32 9.08 24.65 -27.63
CA LYS B 32 8.07 24.03 -28.49
C LYS B 32 8.65 23.36 -29.73
N THR B 33 9.94 23.54 -30.01
CA THR B 33 10.57 22.84 -31.12
C THR B 33 11.34 21.60 -30.64
N LEU B 34 12.27 21.80 -29.71
CA LEU B 34 13.08 20.69 -29.20
C LEU B 34 12.25 19.73 -28.34
N GLY B 35 11.33 20.25 -27.53
CA GLY B 35 10.53 19.42 -26.65
C GLY B 35 9.83 18.29 -27.38
N PRO B 36 9.00 18.63 -28.37
CA PRO B 36 8.32 17.57 -29.15
C PRO B 36 9.28 16.61 -29.85
N GLN B 37 10.43 17.08 -30.34
CA GLN B 37 11.37 16.19 -31.00
C GLN B 37 11.96 15.18 -30.01
N ILE B 38 12.44 15.68 -28.86
CA ILE B 38 13.01 14.80 -27.84
C ILE B 38 11.94 13.85 -27.30
N ASN B 39 10.73 14.36 -27.08
CA ASN B 39 9.64 13.52 -26.58
C ASN B 39 9.28 12.42 -27.56
N THR B 40 9.22 12.76 -28.87
CA THR B 40 8.91 11.74 -29.87
C THR B 40 10.00 10.67 -29.92
N LEU B 41 11.26 11.09 -29.91
CA LEU B 41 12.33 10.09 -29.95
C LEU B 41 12.30 9.18 -28.73
N LEU B 42 12.07 9.75 -27.53
CA LEU B 42 12.04 8.92 -26.32
C LEU B 42 10.81 8.02 -26.30
N THR B 43 9.66 8.52 -26.78
CA THR B 43 8.46 7.69 -26.79
C THR B 43 8.62 6.53 -27.74
N GLU B 44 9.14 6.79 -28.95
CA GLU B 44 9.30 5.72 -29.93
C GLU B 44 10.29 4.66 -29.46
N ALA B 45 11.28 5.04 -28.64
CA ALA B 45 12.26 4.12 -28.09
C ALA B 45 11.80 3.49 -26.78
N ASP B 46 10.53 3.70 -26.39
CA ASP B 46 9.90 3.04 -25.25
C ASP B 46 10.55 3.41 -23.91
N TYR B 47 10.94 4.65 -23.75
CA TYR B 47 11.38 5.10 -22.43
C TYR B 47 10.17 5.18 -21.50
N ASP B 48 10.37 4.85 -20.23
CA ASP B 48 9.25 4.93 -19.30
C ASP B 48 8.88 6.39 -19.04
N LEU B 49 7.70 6.59 -18.45
CA LEU B 49 7.14 7.92 -18.30
C LEU B 49 8.02 8.83 -17.46
N ASN B 50 8.60 8.30 -16.37
CA ASN B 50 9.40 9.13 -15.49
C ASN B 50 10.63 9.65 -16.22
N GLU B 51 11.22 8.84 -17.09
CA GLU B 51 12.40 9.26 -17.84
C GLU B 51 12.07 10.33 -18.87
N ARG B 52 10.87 10.28 -19.46
CA ARG B 52 10.48 11.34 -20.38
C ARG B 52 10.24 12.65 -19.64
N TYR B 53 9.62 12.58 -18.45
CA TYR B 53 9.44 13.79 -17.65
C TYR B 53 10.79 14.37 -17.24
N GLU B 54 11.70 13.53 -16.77
CA GLU B 54 13.01 14.01 -16.35
C GLU B 54 13.75 14.65 -17.51
N ALA B 55 13.72 14.02 -18.69
CA ALA B 55 14.44 14.57 -19.83
C ALA B 55 13.87 15.91 -20.25
N LEU B 56 12.54 16.03 -20.28
CA LEU B 56 11.96 17.30 -20.72
C LEU B 56 12.10 18.39 -19.67
N LEU B 57 12.08 18.03 -18.38
CA LEU B 57 12.31 19.02 -17.35
C LEU B 57 13.74 19.54 -17.40
N LEU B 58 14.70 18.64 -17.62
CA LEU B 58 16.08 19.04 -17.84
C LEU B 58 16.17 20.01 -19.02
N LEU B 59 15.58 19.64 -20.15
CA LEU B 59 15.59 20.50 -21.33
C LEU B 59 15.01 21.88 -21.01
N TYR B 60 13.86 21.90 -20.34
CA TYR B 60 13.18 23.16 -20.02
C TYR B 60 14.04 24.03 -19.12
N ARG B 61 14.74 23.43 -18.17
CA ARG B 61 15.46 24.24 -17.19
C ARG B 61 16.84 24.68 -17.67
N TRP B 62 17.60 23.78 -18.32
CA TRP B 62 19.02 24.04 -18.53
C TRP B 62 19.46 24.18 -19.97
N VAL B 63 18.66 23.76 -20.95
CA VAL B 63 19.06 23.80 -22.35
C VAL B 63 18.34 24.93 -23.05
N VAL B 64 17.01 24.89 -23.00
CA VAL B 64 16.17 25.88 -23.68
C VAL B 64 16.58 27.33 -23.36
N PRO B 65 16.84 27.72 -22.11
CA PRO B 65 17.15 29.13 -21.85
C PRO B 65 18.45 29.62 -22.49
N GLU B 66 19.34 28.73 -22.91
CA GLU B 66 20.65 29.13 -23.42
C GLU B 66 20.83 28.81 -24.91
N MET B 67 19.74 28.75 -25.68
CA MET B 67 19.83 28.43 -27.10
C MET B 67 19.93 29.67 -27.98
N GLY B 68 19.74 30.86 -27.43
CA GLY B 68 19.85 32.09 -28.19
C GLY B 68 18.61 32.40 -29.00
N PRO B 69 18.70 33.38 -29.89
CA PRO B 69 17.52 33.79 -30.67
C PRO B 69 17.05 32.67 -31.59
N ARG B 70 15.76 32.68 -31.89
CA ARG B 70 15.20 31.64 -32.75
C ARG B 70 15.74 31.78 -34.17
N PRO B 71 15.81 30.68 -34.92
CA PRO B 71 16.24 30.77 -36.32
C PRO B 71 15.26 31.61 -37.12
N ARG B 72 15.79 32.46 -37.99
CA ARG B 72 14.95 33.29 -38.83
C ARG B 72 15.28 33.23 -40.31
N SER B 73 16.32 32.50 -40.70
CA SER B 73 16.69 32.38 -42.11
C SER B 73 17.56 31.15 -42.27
N SER B 74 18.14 30.98 -43.46
CA SER B 74 19.06 29.88 -43.72
C SER B 74 20.47 30.14 -43.20
N VAL B 75 20.76 31.37 -42.76
CA VAL B 75 22.06 31.71 -42.19
C VAL B 75 21.97 31.55 -40.68
N ALA B 76 22.85 30.74 -40.12
CA ALA B 76 22.92 30.53 -38.68
C ALA B 76 23.70 31.66 -38.03
N PRO B 77 23.43 31.96 -36.75
CA PRO B 77 24.17 33.05 -36.08
C PRO B 77 25.63 32.71 -35.80
N SER B 78 26.04 31.47 -36.02
CA SER B 78 27.44 31.06 -35.82
C SER B 78 27.79 30.00 -36.86
N LYS B 79 29.06 29.64 -36.88
CA LYS B 79 29.55 28.52 -37.70
C LYS B 79 29.81 27.30 -36.83
N SER B 80 28.83 26.98 -35.99
CA SER B 80 28.95 25.88 -35.03
C SER B 80 29.34 24.58 -35.71
N PHE B 81 30.35 23.92 -35.14
CA PHE B 81 30.86 22.66 -35.68
C PHE B 81 29.94 21.47 -35.37
N MET B 82 28.79 21.71 -34.74
CA MET B 82 27.89 20.63 -34.37
C MET B 82 27.35 19.91 -35.60
N THR B 83 26.82 20.67 -36.57
CA THR B 83 26.25 20.14 -37.80
C THR B 83 26.65 21.05 -38.95
N ASP B 84 26.43 20.58 -40.18
CA ASP B 84 26.88 21.32 -41.36
C ASP B 84 26.10 22.62 -41.55
N ASP B 85 24.79 22.61 -41.29
CA ASP B 85 24.01 23.83 -41.39
C ASP B 85 24.11 24.66 -40.12
N HIS B 86 25.02 24.29 -39.22
CA HIS B 86 25.30 24.99 -37.97
C HIS B 86 24.13 24.93 -37.00
N SER B 87 23.27 23.93 -37.15
CA SER B 87 22.30 23.64 -36.11
C SER B 87 23.04 23.22 -34.84
N PRO B 88 22.72 23.82 -33.69
CA PRO B 88 23.45 23.52 -32.46
C PRO B 88 22.96 22.29 -31.72
N ILE B 89 22.16 21.45 -32.35
CA ILE B 89 21.59 20.27 -31.70
C ILE B 89 21.75 19.10 -32.67
N GLU B 90 22.21 17.95 -32.16
CA GLU B 90 22.27 16.74 -32.98
C GLU B 90 21.80 15.58 -32.13
N TYR B 91 20.78 14.85 -32.61
CA TYR B 91 20.29 13.68 -31.91
C TYR B 91 21.03 12.43 -32.37
N SER B 92 21.07 11.43 -31.51
CA SER B 92 21.58 10.14 -31.95
C SER B 92 20.71 9.03 -31.37
N TRP B 93 20.63 7.95 -32.14
CA TRP B 93 19.75 6.82 -31.90
C TRP B 93 20.64 5.59 -32.02
N LYS B 94 21.02 4.99 -30.89
CA LYS B 94 21.88 3.82 -30.89
C LYS B 94 21.02 2.56 -30.92
N TRP B 95 21.25 1.72 -31.93
CA TRP B 95 20.52 0.47 -32.10
C TRP B 95 21.13 -0.57 -31.18
N ILE B 96 20.36 -1.02 -30.22
CA ILE B 96 20.84 -1.98 -29.24
C ILE B 96 20.51 -3.38 -29.72
N SER B 97 21.47 -4.28 -29.60
CA SER B 97 21.31 -5.64 -30.09
C SER B 97 20.22 -6.38 -29.33
N GLY B 98 19.85 -7.54 -29.86
CA GLY B 98 18.78 -8.31 -29.24
C GLY B 98 17.42 -7.66 -29.36
N ASN B 99 17.28 -6.67 -30.24
CA ASN B 99 16.02 -5.95 -30.41
C ASN B 99 15.56 -5.28 -29.11
N LYS B 100 16.52 -4.84 -28.30
CA LYS B 100 16.24 -4.13 -27.06
C LYS B 100 16.00 -2.66 -27.38
N LYS B 101 15.55 -1.92 -26.38
CA LYS B 101 15.17 -0.54 -26.63
C LYS B 101 16.38 0.27 -27.11
N PRO B 102 16.21 1.13 -28.11
CA PRO B 102 17.31 1.99 -28.56
C PRO B 102 17.68 3.00 -27.48
N GLU B 103 18.93 3.48 -27.55
CA GLU B 103 19.37 4.54 -26.63
C GLU B 103 19.35 5.88 -27.34
N ILE B 104 18.69 6.85 -26.72
CA ILE B 104 18.58 8.21 -27.32
C ILE B 104 19.57 9.13 -26.63
N ARG B 105 20.30 9.89 -27.43
CA ARG B 105 21.28 10.85 -26.90
C ARG B 105 21.17 12.13 -27.72
N TYR B 106 21.58 13.25 -27.16
CA TYR B 106 21.64 14.50 -27.96
C TYR B 106 22.81 15.37 -27.54
N ALA B 107 23.52 15.89 -28.52
CA ALA B 107 24.59 16.84 -28.28
C ALA B 107 24.06 18.25 -28.54
N VAL B 108 24.54 19.18 -27.74
CA VAL B 108 24.11 20.57 -27.79
C VAL B 108 25.33 21.46 -27.56
N GLU B 109 25.39 22.56 -28.31
CA GLU B 109 26.31 23.66 -28.04
C GLU B 109 25.48 24.89 -27.67
N LEU B 110 25.41 25.16 -26.37
CA LEU B 110 24.71 26.35 -25.89
C LEU B 110 25.51 27.60 -26.27
N VAL B 111 24.83 28.75 -26.25
CA VAL B 111 25.39 29.99 -26.75
C VAL B 111 25.00 31.14 -25.83
N SER B 112 25.72 32.24 -25.95
CA SER B 112 25.42 33.46 -25.23
C SER B 112 25.79 34.64 -26.11
N PRO B 113 25.29 35.85 -25.78
CA PRO B 113 25.71 37.04 -26.54
C PRO B 113 27.19 37.35 -26.46
N LEU B 114 27.90 36.80 -25.47
CA LEU B 114 29.34 37.03 -25.37
C LEU B 114 30.14 36.26 -26.41
N ALA B 115 29.52 35.29 -27.09
CA ALA B 115 30.22 34.43 -28.02
C ALA B 115 30.84 35.24 -29.16
N GLY B 116 32.15 35.04 -29.39
CA GLY B 116 32.88 35.73 -30.42
C GLY B 116 33.63 36.96 -29.94
N SER B 117 33.24 37.52 -28.80
CA SER B 117 33.91 38.71 -28.27
C SER B 117 35.13 38.31 -27.46
N LYS B 118 35.86 39.31 -26.96
CA LYS B 118 37.02 39.03 -26.12
C LYS B 118 36.63 38.36 -24.82
N GLN B 119 35.38 38.52 -24.37
CA GLN B 119 34.96 37.90 -23.12
C GLN B 119 34.68 36.41 -23.25
N ASP B 120 34.43 35.92 -24.44
CA ASP B 120 34.23 34.48 -24.65
C ASP B 120 34.45 34.17 -26.13
N PRO B 121 35.68 34.28 -26.62
CA PRO B 121 35.89 34.20 -28.08
C PRO B 121 35.57 32.84 -28.67
N PHE B 122 35.51 31.79 -27.86
CA PHE B 122 35.28 30.45 -28.37
C PHE B 122 34.02 29.81 -27.78
N ASN B 123 33.12 30.63 -27.23
CA ASN B 123 31.81 30.19 -26.76
C ASN B 123 31.95 29.02 -25.80
N GLN B 124 32.66 29.25 -24.70
CA GLN B 124 32.94 28.20 -23.74
C GLN B 124 32.12 28.32 -22.46
N ILE B 125 31.72 29.52 -22.07
CA ILE B 125 31.03 29.68 -20.79
C ILE B 125 29.71 28.90 -20.73
N PRO B 126 28.83 28.94 -21.75
CA PRO B 126 27.54 28.23 -21.60
C PRO B 126 27.68 26.73 -21.40
N THR B 127 28.60 26.08 -22.11
CA THR B 127 28.81 24.64 -21.91
C THR B 127 29.35 24.34 -20.51
N ARG B 128 30.34 25.12 -20.06
CA ARG B 128 30.87 24.92 -18.72
C ARG B 128 29.76 25.07 -17.68
N ASN B 129 28.93 26.10 -17.84
CA ASN B 129 27.82 26.31 -16.90
C ASN B 129 26.83 25.16 -16.94
N LEU B 130 26.52 24.64 -18.14
CA LEU B 130 25.61 23.49 -18.22
C LEU B 130 26.17 22.30 -17.48
N VAL B 131 27.48 22.03 -17.64
CA VAL B 131 28.09 20.90 -16.95
C VAL B 131 27.96 21.08 -15.44
N TYR B 132 28.23 22.29 -14.95
CA TYR B 132 28.14 22.53 -13.51
C TYR B 132 26.70 22.41 -13.00
N ASN B 133 25.73 22.93 -13.78
CA ASN B 133 24.33 22.83 -13.40
C ASN B 133 23.88 21.37 -13.30
N LEU B 134 24.29 20.56 -14.28
CA LEU B 134 23.92 19.15 -14.23
C LEU B 134 24.62 18.43 -13.08
N ALA B 135 25.89 18.76 -12.84
CA ALA B 135 26.62 18.13 -11.74
C ALA B 135 25.99 18.44 -10.40
N LYS B 136 25.37 19.61 -10.26
CA LYS B 136 24.70 19.91 -8.99
C LYS B 136 23.51 18.99 -8.75
N ILE B 137 22.78 18.65 -9.82
CA ILE B 137 21.58 17.83 -9.68
C ILE B 137 21.90 16.34 -9.70
N ILE B 138 22.95 15.95 -10.42
CA ILE B 138 23.32 14.55 -10.54
C ILE B 138 24.70 14.38 -9.91
N PRO B 139 24.78 14.09 -8.61
CA PRO B 139 26.10 14.02 -7.95
C PRO B 139 26.99 12.92 -8.49
N GLU B 140 26.43 11.91 -9.17
CA GLU B 140 27.22 10.83 -9.72
C GLU B 140 28.10 11.28 -10.88
N LEU B 141 27.86 12.47 -11.43
CA LEU B 141 28.74 12.97 -12.48
C LEU B 141 30.09 13.28 -11.85
N ASP B 142 31.15 12.83 -12.49
CA ASP B 142 32.51 13.04 -12.01
C ASP B 142 33.18 14.08 -12.92
N LEU B 143 33.79 15.09 -12.32
CA LEU B 143 34.36 16.19 -13.08
C LEU B 143 35.89 16.19 -13.06
N THR B 144 36.49 15.09 -12.60
CA THR B 144 37.95 15.02 -12.50
C THR B 144 38.60 15.19 -13.87
N TRP B 145 38.20 14.33 -14.82
CA TRP B 145 38.77 14.44 -16.16
C TRP B 145 38.21 15.65 -16.89
N PHE B 146 36.99 16.09 -16.54
CA PHE B 146 36.46 17.31 -17.14
C PHE B 146 37.37 18.49 -16.84
N GLU B 147 37.73 18.66 -15.57
CA GLU B 147 38.59 19.78 -15.20
C GLU B 147 39.99 19.60 -15.78
N HIS B 148 40.50 18.36 -15.80
CA HIS B 148 41.84 18.15 -16.34
C HIS B 148 41.92 18.51 -17.81
N PHE B 149 41.06 17.90 -18.63
CA PHE B 149 41.14 18.16 -20.07
C PHE B 149 40.68 19.57 -20.41
N TRP B 150 39.78 20.18 -19.62
CA TRP B 150 39.43 21.57 -19.84
C TRP B 150 40.65 22.46 -19.66
N HIS B 151 41.40 22.25 -18.57
CA HIS B 151 42.56 23.10 -18.34
C HIS B 151 43.63 22.85 -19.41
N GLU B 152 43.83 21.58 -19.80
CA GLU B 152 44.90 21.29 -20.75
C GLU B 152 44.57 21.81 -22.16
N LEU B 153 43.32 21.67 -22.59
CA LEU B 153 42.98 21.92 -23.99
C LEU B 153 42.35 23.29 -24.22
N LEU B 154 41.70 23.87 -23.22
CA LEU B 154 40.99 25.14 -23.38
C LEU B 154 41.44 26.24 -22.44
N GLY B 155 42.06 25.93 -21.30
CA GLY B 155 42.34 26.95 -20.32
C GLY B 155 43.61 27.73 -20.55
N PRO B 156 44.16 28.29 -19.47
CA PRO B 156 45.38 29.11 -19.59
C PRO B 156 46.59 28.27 -19.99
N GLY B 157 47.50 28.91 -20.71
CA GLY B 157 48.70 28.26 -21.19
C GLY B 157 48.51 27.42 -22.43
N SER B 158 47.28 27.03 -22.74
CA SER B 158 47.01 26.24 -23.93
C SER B 158 47.25 27.08 -25.19
N PRO B 159 47.65 26.44 -26.29
CA PRO B 159 47.85 27.14 -27.57
C PRO B 159 46.53 27.55 -28.21
N GLY B 170 35.10 26.00 -35.85
CA GLY B 170 33.81 26.61 -35.60
C GLY B 170 33.31 26.52 -34.16
N SER B 171 33.89 25.61 -33.39
CA SER B 171 33.56 25.45 -31.97
C SER B 171 34.80 24.96 -31.23
N THR B 172 34.78 25.06 -29.90
CA THR B 172 35.84 24.45 -29.10
C THR B 172 35.35 23.44 -28.08
N VAL B 173 34.07 23.47 -27.70
CA VAL B 173 33.56 22.54 -26.69
C VAL B 173 32.05 22.43 -26.86
N PHE B 174 31.53 21.23 -26.59
CA PHE B 174 30.09 21.08 -26.44
C PHE B 174 29.80 19.86 -25.58
N ALA B 175 28.52 19.67 -25.25
CA ALA B 175 28.15 18.60 -24.34
C ALA B 175 27.11 17.70 -25.00
N ALA B 176 26.99 16.49 -24.47
CA ALA B 176 25.98 15.55 -24.94
C ALA B 176 25.35 14.88 -23.73
N LEU B 177 24.04 14.65 -23.83
CA LEU B 177 23.26 13.98 -22.79
C LEU B 177 22.83 12.63 -23.31
N GLU B 178 23.11 11.58 -22.54
CA GLU B 178 22.78 10.21 -22.91
C GLU B 178 21.71 9.69 -21.94
N MET B 179 20.50 9.40 -22.45
CA MET B 179 19.44 8.78 -21.67
C MET B 179 19.62 7.26 -21.74
N LEU B 180 20.31 6.72 -20.74
CA LEU B 180 20.66 5.30 -20.72
C LEU B 180 19.66 4.42 -20.01
N HIS B 181 18.35 4.68 -20.13
CA HIS B 181 17.31 3.87 -19.49
C HIS B 181 17.60 3.63 -18.00
N GLY B 182 17.14 4.53 -17.15
CA GLY B 182 17.29 4.46 -15.71
C GLY B 182 18.31 5.41 -15.13
N HIS B 183 19.27 5.89 -15.91
CA HIS B 183 20.18 6.91 -15.41
C HIS B 183 20.63 7.78 -16.57
N LEU B 184 21.16 8.96 -16.22
CA LEU B 184 21.62 9.94 -17.19
C LEU B 184 23.14 10.00 -17.18
N SER B 185 23.75 9.98 -18.36
CA SER B 185 25.18 10.17 -18.51
C SER B 185 25.46 11.44 -19.31
N VAL B 186 26.61 12.07 -19.04
CA VAL B 186 27.00 13.28 -19.76
C VAL B 186 28.36 13.04 -20.42
N LYS B 187 28.48 13.48 -21.66
CA LYS B 187 29.74 13.45 -22.41
C LYS B 187 30.15 14.88 -22.72
N VAL B 188 31.46 15.11 -22.77
CA VAL B 188 32.00 16.40 -23.14
C VAL B 188 32.97 16.24 -24.29
N TYR B 189 32.87 17.13 -25.29
CA TYR B 189 33.69 17.12 -26.48
C TYR B 189 34.53 18.40 -26.52
N PHE B 190 35.84 18.23 -26.68
CA PHE B 190 36.82 19.30 -26.80
C PHE B 190 37.38 19.32 -28.20
N ILE B 191 37.35 20.48 -28.86
CA ILE B 191 37.91 20.64 -30.20
C ILE B 191 39.07 21.63 -30.10
N PRO B 192 40.30 21.17 -29.94
CA PRO B 192 41.41 22.08 -29.68
C PRO B 192 41.63 23.05 -30.83
N VAL B 193 42.08 24.25 -30.48
CA VAL B 193 42.51 25.23 -31.47
C VAL B 193 43.95 24.93 -31.86
N GLU B 194 44.20 24.76 -33.15
CA GLU B 194 45.50 24.36 -33.65
C GLU B 194 46.38 25.57 -33.93
N THR B 195 47.68 25.40 -33.66
CA THR B 195 48.71 26.37 -33.99
C THR B 195 49.78 25.67 -34.81
N PRO B 196 50.59 26.42 -35.56
CA PRO B 196 51.63 25.78 -36.37
C PRO B 196 52.54 24.83 -35.60
N ASP B 197 52.74 25.05 -34.30
CA ASP B 197 53.62 24.19 -33.52
C ASP B 197 52.86 23.24 -32.60
N PHE B 198 51.52 23.30 -32.57
CA PHE B 198 50.73 22.46 -31.66
C PHE B 198 49.47 22.00 -32.41
N SER B 199 49.57 20.87 -33.09
CA SER B 199 48.39 20.38 -33.78
C SER B 199 47.39 19.85 -32.76
N ALA B 200 46.18 19.54 -33.24
CA ALA B 200 45.15 19.05 -32.35
C ALA B 200 45.55 17.70 -31.77
N TRP B 201 46.17 16.84 -32.58
CA TRP B 201 46.58 15.53 -32.09
C TRP B 201 47.67 15.67 -31.05
N HIS B 202 48.59 16.61 -31.25
CA HIS B 202 49.66 16.83 -30.29
C HIS B 202 49.09 17.24 -28.94
N GLN B 203 48.14 18.17 -28.95
CA GLN B 203 47.53 18.63 -27.71
C GLN B 203 46.75 17.50 -27.04
N ILE B 204 45.99 16.73 -27.80
CA ILE B 204 45.18 15.65 -27.22
C ILE B 204 46.09 14.58 -26.62
N LYS B 205 47.15 14.19 -27.33
CA LYS B 205 48.06 13.18 -26.82
C LYS B 205 48.76 13.66 -25.56
N HIS B 206 49.21 14.92 -25.54
CA HIS B 206 49.88 15.44 -24.34
C HIS B 206 48.92 15.51 -23.17
N ALA B 207 47.66 15.87 -23.42
CA ALA B 207 46.70 15.93 -22.32
C ALA B 207 46.44 14.54 -21.75
N ILE B 208 46.33 13.53 -22.62
CA ILE B 208 46.11 12.17 -22.12
C ILE B 208 47.32 11.69 -21.33
N GLU B 209 48.54 12.03 -21.78
CA GLU B 209 49.73 11.61 -21.05
C GLU B 209 49.77 12.24 -19.66
N ALA B 210 49.16 13.41 -19.49
CA ALA B 210 49.12 14.12 -18.22
C ALA B 210 47.91 13.76 -17.37
N SER B 211 47.07 12.82 -17.82
CA SER B 211 45.80 12.55 -17.16
C SER B 211 45.90 11.52 -16.04
N GLY B 212 47.04 10.85 -15.89
CA GLY B 212 47.18 9.86 -14.84
C GLY B 212 46.66 8.49 -15.17
N CYS B 213 46.54 8.16 -16.45
CA CYS B 213 46.01 6.87 -16.84
C CYS B 213 46.97 5.77 -16.39
N PRO B 214 46.44 4.62 -15.92
CA PRO B 214 47.35 3.56 -15.47
C PRO B 214 48.16 2.95 -16.60
N ASN B 215 47.56 2.79 -17.77
CA ASN B 215 48.22 2.20 -18.93
C ASN B 215 47.97 3.10 -20.14
N LEU B 216 48.96 3.16 -21.03
CA LEU B 216 48.85 4.00 -22.21
C LEU B 216 49.27 3.25 -23.47
N GLU B 217 49.15 1.91 -23.47
CA GLU B 217 49.55 1.13 -24.65
C GLU B 217 48.61 1.39 -25.82
N ALA B 218 47.31 1.51 -25.56
CA ALA B 218 46.37 1.75 -26.66
C ALA B 218 46.59 3.12 -27.29
N LEU B 219 46.89 4.12 -26.47
CA LEU B 219 47.24 5.44 -27.01
C LEU B 219 48.50 5.35 -27.85
N ASN B 220 49.46 4.54 -27.42
CA ASN B 220 50.68 4.37 -28.21
C ASN B 220 50.40 3.67 -29.52
N HIS B 221 49.49 2.70 -29.51
CA HIS B 221 49.10 2.04 -30.75
C HIS B 221 48.48 3.05 -31.72
N VAL B 222 47.60 3.91 -31.21
CA VAL B 222 47.00 4.93 -32.05
C VAL B 222 48.06 5.89 -32.58
N ASP B 223 49.02 6.25 -31.74
CA ASP B 223 50.09 7.15 -32.17
C ASP B 223 50.93 6.51 -33.26
N ALA B 224 51.29 5.24 -33.10
CA ALA B 224 52.11 4.54 -34.09
C ALA B 224 51.35 4.37 -35.40
N TYR B 225 50.06 4.06 -35.32
CA TYR B 225 49.25 3.93 -36.52
C TYR B 225 49.14 5.26 -37.26
N LEU B 226 48.92 6.35 -36.52
CA LEU B 226 48.75 7.65 -37.14
C LEU B 226 50.06 8.16 -37.73
N SER B 227 51.19 7.85 -37.10
CA SER B 227 52.46 8.42 -37.51
C SER B 227 53.19 7.58 -38.56
N SER B 228 53.08 6.25 -38.51
CA SER B 228 53.91 5.38 -39.32
C SER B 228 53.16 4.62 -40.41
N HIS B 229 51.92 4.22 -40.14
CA HIS B 229 51.13 3.45 -41.10
C HIS B 229 50.67 4.35 -42.24
N ASP B 230 50.61 3.79 -43.45
CA ASP B 230 50.26 4.58 -44.63
C ASP B 230 48.84 5.11 -44.53
N ASP B 231 47.90 4.27 -44.10
CA ASP B 231 46.52 4.72 -43.97
C ASP B 231 46.34 5.63 -42.75
N GLY B 232 47.00 5.31 -41.64
CA GLY B 232 46.88 6.15 -40.45
C GLY B 232 47.42 7.54 -40.65
N ARG B 233 48.40 7.70 -41.55
CA ARG B 233 48.94 9.00 -41.89
C ARG B 233 47.96 9.86 -42.67
N GLN B 234 46.86 9.26 -43.16
CA GLN B 234 45.82 10.00 -43.84
C GLN B 234 44.77 10.55 -42.89
N LEU B 235 44.84 10.21 -41.61
CA LEU B 235 43.84 10.64 -40.63
C LEU B 235 44.35 11.88 -39.90
N ARG B 236 43.43 12.83 -39.67
CA ARG B 236 43.75 14.08 -38.98
C ARG B 236 42.89 14.20 -37.73
N PRO B 237 43.42 13.93 -36.54
CA PRO B 237 42.61 14.07 -35.32
C PRO B 237 42.19 15.50 -35.06
N PHE B 238 41.00 15.66 -34.48
CA PHE B 238 40.49 17.02 -34.29
C PHE B 238 39.69 17.20 -33.01
N MET B 239 39.32 16.12 -32.34
CA MET B 239 38.37 16.21 -31.25
C MET B 239 38.63 15.11 -30.23
N LEU B 240 38.34 15.40 -28.97
CA LEU B 240 38.41 14.43 -27.89
C LEU B 240 37.11 14.43 -27.11
N ALA B 241 36.60 13.24 -26.80
CA ALA B 241 35.36 13.08 -26.05
C ALA B 241 35.63 12.25 -24.82
N ILE B 242 35.10 12.71 -23.68
CA ILE B 242 35.20 12.00 -22.41
C ILE B 242 33.80 11.83 -21.82
N ASP B 243 33.68 10.83 -20.93
CA ASP B 243 32.48 10.58 -20.15
C ASP B 243 32.66 11.15 -18.74
N LEU B 244 31.62 11.77 -18.20
CA LEU B 244 31.70 12.39 -16.88
C LEU B 244 31.44 11.36 -15.78
N VAL B 245 32.19 10.26 -15.82
CA VAL B 245 32.16 9.25 -14.78
C VAL B 245 33.57 9.13 -14.21
N GLU B 246 33.78 8.18 -13.31
CA GLU B 246 35.12 7.99 -12.75
C GLU B 246 36.11 7.75 -13.88
N PRO B 247 37.29 8.39 -13.84
CA PRO B 247 38.20 8.29 -14.99
C PRO B 247 38.60 6.86 -15.33
N ALA B 248 38.57 5.95 -14.35
CA ALA B 248 38.85 4.55 -14.66
C ALA B 248 37.75 3.92 -15.52
N ALA B 249 36.54 4.47 -15.51
CA ALA B 249 35.43 3.92 -16.28
C ALA B 249 35.06 4.78 -17.48
N SER B 250 35.73 5.91 -17.68
CA SER B 250 35.40 6.81 -18.77
C SER B 250 36.10 6.38 -20.04
N ARG B 251 35.46 6.64 -21.17
CA ARG B 251 36.12 6.42 -22.44
C ARG B 251 36.96 7.64 -22.81
N LEU B 252 37.93 7.43 -23.69
CA LEU B 252 38.75 8.51 -24.25
C LEU B 252 38.65 8.36 -25.76
N LYS B 253 37.65 9.00 -26.37
CA LYS B 253 37.42 8.86 -27.80
C LYS B 253 38.12 9.98 -28.55
N ILE B 254 39.05 9.61 -29.43
CA ILE B 254 39.84 10.52 -30.24
C ILE B 254 39.28 10.51 -31.66
N TYR B 255 38.65 11.60 -32.08
CA TYR B 255 38.05 11.71 -33.40
C TYR B 255 39.07 12.18 -34.43
N ALA B 256 39.02 11.57 -35.62
CA ALA B 256 39.95 11.88 -36.70
C ALA B 256 39.22 11.81 -38.03
N ARG B 257 39.60 12.73 -38.91
CA ARG B 257 38.95 12.81 -40.24
C ARG B 257 39.96 12.54 -41.34
N SER B 258 39.49 11.96 -42.43
CA SER B 258 40.32 11.74 -43.60
C SER B 258 39.54 12.08 -44.85
N ASN B 259 40.29 12.36 -45.92
CA ASN B 259 39.75 12.61 -47.24
C ASN B 259 39.45 11.33 -48.01
N GLN B 260 40.01 10.19 -47.58
CA GLN B 260 39.74 8.93 -48.24
C GLN B 260 38.31 8.46 -47.95
N THR B 261 37.72 7.80 -48.94
CA THR B 261 36.34 7.31 -48.82
C THR B 261 36.17 5.88 -49.32
N SER B 262 37.24 5.24 -49.78
CA SER B 262 37.16 3.85 -50.21
C SER B 262 36.95 2.93 -49.03
N PHE B 263 36.21 1.84 -49.25
CA PHE B 263 35.94 0.93 -48.15
C PHE B 263 37.18 0.15 -47.71
N ARG B 264 38.14 -0.05 -48.61
CA ARG B 264 39.40 -0.66 -48.19
C ARG B 264 40.07 0.16 -47.09
N PHE B 265 40.08 1.49 -47.26
CA PHE B 265 40.64 2.37 -46.24
C PHE B 265 39.86 2.25 -44.95
N VAL B 266 38.53 2.25 -45.04
CA VAL B 266 37.68 2.16 -43.85
C VAL B 266 37.96 0.87 -43.10
N ARG B 267 38.07 -0.24 -43.83
CA ARG B 267 38.35 -1.56 -43.22
C ARG B 267 39.71 -1.54 -42.50
N ASP B 268 40.70 -0.90 -43.10
CA ASP B 268 42.05 -0.85 -42.50
C ASP B 268 42.00 -0.08 -41.18
N VAL B 269 41.35 1.08 -41.17
CA VAL B 269 41.22 1.87 -39.92
C VAL B 269 40.43 1.05 -38.90
N MET B 270 39.38 0.33 -39.33
CA MET B 270 38.68 -0.49 -38.35
C MET B 270 39.59 -1.53 -37.73
N THR B 271 40.61 -2.00 -38.47
CA THR B 271 41.55 -3.02 -37.92
C THR B 271 42.77 -2.36 -37.29
N ILE B 272 42.97 -1.06 -37.49
CA ILE B 272 44.19 -0.34 -37.00
C ILE B 272 45.42 -1.07 -37.55
N GLY B 273 45.50 -1.20 -38.86
CA GLY B 273 46.67 -1.85 -39.48
C GLY B 273 46.81 -3.29 -39.04
N GLY B 274 45.70 -4.02 -39.03
CA GLY B 274 45.77 -5.42 -38.68
C GLY B 274 45.99 -5.70 -37.22
N LEU B 275 46.10 -4.66 -36.38
CA LEU B 275 46.28 -4.87 -34.95
C LEU B 275 45.12 -5.65 -34.35
N ARG B 276 43.90 -5.25 -34.67
CA ARG B 276 42.72 -6.01 -34.26
C ARG B 276 42.47 -7.11 -35.28
N THR B 277 42.34 -8.35 -34.79
CA THR B 277 42.06 -9.50 -35.63
C THR B 277 40.71 -10.11 -35.25
N ASP B 278 40.36 -11.19 -35.95
CA ASP B 278 39.09 -11.91 -35.70
C ASP B 278 37.87 -11.01 -35.93
N LEU B 279 37.89 -10.22 -37.01
CA LEU B 279 36.79 -9.33 -37.33
C LEU B 279 36.28 -9.53 -38.76
N ASP B 280 36.65 -10.64 -39.41
CA ASP B 280 36.33 -10.81 -40.82
C ASP B 280 34.81 -10.82 -41.05
N ARG B 281 34.06 -11.48 -40.18
CA ARG B 281 32.61 -11.54 -40.34
C ARG B 281 31.99 -10.16 -40.16
N SER B 282 32.42 -9.45 -39.11
CA SER B 282 31.92 -8.11 -38.85
C SER B 282 32.24 -7.19 -40.02
N ILE B 283 33.44 -7.31 -40.57
CA ILE B 283 33.83 -6.46 -41.69
C ILE B 283 33.02 -6.81 -42.94
N GLU B 284 32.70 -8.08 -43.14
CA GLU B 284 31.86 -8.44 -44.29
C GLU B 284 30.47 -7.81 -44.16
N LYS B 285 29.88 -7.90 -42.97
CA LYS B 285 28.59 -7.24 -42.75
C LYS B 285 28.71 -5.74 -42.91
N PHE B 286 29.83 -5.17 -42.45
CA PHE B 286 30.10 -3.75 -42.63
C PHE B 286 30.12 -3.36 -44.10
N SER B 287 30.78 -4.17 -44.95
CA SER B 287 30.82 -3.87 -46.37
C SER B 287 29.41 -3.86 -46.97
N ASP B 288 28.61 -4.87 -46.62
CA ASP B 288 27.24 -4.91 -47.11
C ASP B 288 26.47 -3.65 -46.68
N LEU B 289 26.53 -3.31 -45.39
CA LEU B 289 25.79 -2.16 -44.89
C LEU B 289 26.30 -0.87 -45.53
N TRP B 290 27.62 -0.76 -45.72
CA TRP B 290 28.21 0.42 -46.33
C TRP B 290 27.60 0.66 -47.70
N LYS B 291 27.53 -0.39 -48.52
CA LYS B 291 26.97 -0.21 -49.86
C LYS B 291 25.48 0.08 -49.79
N ARG B 292 24.75 -0.59 -48.89
CA ARG B 292 23.30 -0.33 -48.85
C ARG B 292 22.99 1.08 -48.39
N ALA B 293 23.70 1.56 -47.36
CA ALA B 293 23.43 2.88 -46.82
C ALA B 293 23.78 3.97 -47.81
N LEU B 294 24.91 3.83 -48.51
CA LEU B 294 25.29 4.89 -49.44
C LEU B 294 24.62 4.74 -50.81
N GLY B 295 23.81 3.71 -51.02
CA GLY B 295 23.17 3.52 -52.29
C GLY B 295 24.11 3.10 -53.39
N LEU B 296 25.22 2.47 -53.04
CA LEU B 296 26.21 2.05 -54.02
C LEU B 296 25.79 0.74 -54.68
N ASP B 297 26.31 0.53 -55.88
CA ASP B 297 26.08 -0.72 -56.57
C ASP B 297 26.65 -1.87 -55.75
N PRO B 298 25.97 -3.01 -55.68
CA PRO B 298 26.49 -4.13 -54.89
C PRO B 298 27.86 -4.63 -55.35
N ASP B 299 28.23 -4.40 -56.61
CA ASP B 299 29.53 -4.83 -57.12
C ASP B 299 30.55 -3.70 -57.15
N THR B 300 30.37 -2.66 -56.33
CA THR B 300 31.34 -1.57 -56.27
C THR B 300 32.65 -2.09 -55.70
N PRO B 301 33.77 -1.89 -56.40
CA PRO B 301 35.06 -2.36 -55.89
C PRO B 301 35.41 -1.65 -54.59
N PRO B 302 35.96 -2.38 -53.61
CA PRO B 302 36.29 -1.75 -52.32
C PRO B 302 37.43 -0.75 -52.42
N GLU B 303 38.22 -0.79 -53.50
CA GLU B 303 39.32 0.14 -53.70
C GLU B 303 38.88 1.45 -54.36
N ASP B 304 37.64 1.53 -54.83
CA ASP B 304 37.13 2.72 -55.49
C ASP B 304 36.75 3.78 -54.48
N GLU B 305 37.16 5.02 -54.73
CA GLU B 305 36.77 6.14 -53.90
C GLU B 305 35.34 6.57 -54.25
N LEU B 306 34.67 7.21 -53.28
CA LEU B 306 33.38 7.80 -53.57
C LEU B 306 33.52 9.02 -54.46
N PRO B 307 32.49 9.34 -55.26
CA PRO B 307 32.43 10.51 -56.14
C PRO B 307 32.64 11.84 -55.41
N HIS B 311 33.82 19.83 -48.45
CA HIS B 311 33.22 20.43 -47.27
C HIS B 311 34.19 20.28 -46.10
N LEU B 312 34.04 21.12 -45.08
CA LEU B 312 34.88 21.02 -43.89
C LEU B 312 34.81 19.64 -43.26
N THR B 313 33.65 18.98 -43.34
CA THR B 313 33.41 17.68 -42.71
C THR B 313 33.26 16.55 -43.72
N SER B 314 33.84 16.69 -44.92
CA SER B 314 33.74 15.63 -45.90
C SER B 314 34.76 14.52 -45.61
N GLY B 315 34.70 13.45 -46.39
CA GLY B 315 35.57 12.32 -46.17
C GLY B 315 35.06 11.39 -45.09
N ALA B 316 35.91 10.43 -44.73
CA ALA B 316 35.57 9.43 -43.72
C ALA B 316 35.99 9.92 -42.34
N VAL B 317 35.17 9.64 -41.33
CA VAL B 317 35.42 10.08 -39.97
C VAL B 317 35.44 8.86 -39.06
N PHE B 318 36.34 8.87 -38.08
CA PHE B 318 36.49 7.76 -37.16
C PHE B 318 36.75 8.30 -35.77
N ASN B 319 36.63 7.42 -34.77
CA ASN B 319 37.16 7.71 -33.45
C ASN B 319 37.80 6.46 -32.86
N PHE B 320 38.85 6.68 -32.09
CA PHE B 320 39.59 5.65 -31.38
C PHE B 320 39.34 5.79 -29.88
N ASP B 321 38.86 4.72 -29.26
CA ASP B 321 38.73 4.67 -27.80
C ASP B 321 40.00 4.04 -27.23
N VAL B 322 40.76 4.82 -26.47
CA VAL B 322 42.03 4.41 -25.89
C VAL B 322 41.93 4.22 -24.37
N ALA B 323 40.73 3.94 -23.87
CA ALA B 323 40.52 3.85 -22.41
C ALA B 323 41.37 2.73 -21.83
N PRO B 324 42.08 2.96 -20.72
CA PRO B 324 43.06 1.97 -20.21
C PRO B 324 42.45 0.70 -19.63
N LYS B 325 41.13 0.52 -19.68
CA LYS B 325 40.55 -0.77 -19.29
C LYS B 325 40.98 -1.90 -20.22
N SER B 326 41.39 -1.57 -21.45
CA SER B 326 41.86 -2.55 -22.41
C SER B 326 43.11 -2.03 -23.09
N GLN B 327 43.98 -2.95 -23.49
CA GLN B 327 45.24 -2.57 -24.12
C GLN B 327 45.13 -2.33 -25.62
N ILE B 328 44.12 -2.87 -26.26
CA ILE B 328 43.88 -2.69 -27.70
C ILE B 328 42.81 -1.62 -27.88
N PRO B 329 43.05 -0.56 -28.65
CA PRO B 329 42.05 0.48 -28.81
C PRO B 329 40.89 0.00 -29.66
N GLU B 330 39.75 0.64 -29.48
CA GLU B 330 38.55 0.30 -30.25
C GLU B 330 38.26 1.40 -31.25
N VAL B 331 37.69 1.04 -32.39
CA VAL B 331 37.47 1.99 -33.48
C VAL B 331 36.00 2.04 -33.84
N LYS B 332 35.50 3.26 -34.04
CA LYS B 332 34.16 3.46 -34.57
C LYS B 332 34.28 4.29 -35.84
N ALA B 333 33.67 3.81 -36.91
CA ALA B 333 33.67 4.52 -38.19
C ALA B 333 32.32 5.20 -38.38
N TYR B 334 32.32 6.35 -39.04
CA TYR B 334 31.09 7.10 -39.28
C TYR B 334 30.88 7.20 -40.78
N ILE B 335 29.85 6.51 -41.28
CA ILE B 335 29.42 6.55 -42.67
C ILE B 335 28.77 7.90 -42.94
N PRO B 336 29.37 8.74 -43.78
CA PRO B 336 28.83 10.09 -44.08
C PRO B 336 27.66 10.02 -45.05
N VAL B 337 26.50 9.68 -44.49
CA VAL B 337 25.29 9.52 -45.29
C VAL B 337 24.93 10.82 -45.99
N ARG B 338 24.98 11.94 -45.26
CA ARG B 338 24.45 13.20 -45.80
C ARG B 338 25.23 13.66 -47.03
N HIS B 339 26.52 13.33 -47.12
CA HIS B 339 27.32 13.84 -48.23
C HIS B 339 27.28 12.93 -49.45
N TYR B 340 27.06 11.62 -49.26
CA TYR B 340 27.25 10.67 -50.34
C TYR B 340 26.04 9.80 -50.63
N ALA B 341 25.02 9.78 -49.76
CA ALA B 341 23.83 9.01 -50.09
C ALA B 341 22.96 9.79 -51.07
N ASN B 342 21.95 9.11 -51.61
CA ASN B 342 21.07 9.75 -52.57
C ASN B 342 20.02 10.61 -51.87
N ASN B 343 19.31 10.04 -50.89
CA ASN B 343 18.34 10.78 -50.10
C ASN B 343 18.17 10.05 -48.77
N ASP B 344 17.55 10.74 -47.81
CA ASP B 344 17.44 10.19 -46.45
C ASP B 344 16.58 8.93 -46.42
N LEU B 345 15.52 8.89 -47.21
CA LEU B 345 14.68 7.70 -47.26
C LEU B 345 15.43 6.50 -47.82
N GLN B 346 16.21 6.71 -48.87
CA GLN B 346 16.99 5.61 -49.44
C GLN B 346 17.99 5.05 -48.42
N ALA B 347 18.72 5.94 -47.74
CA ALA B 347 19.69 5.48 -46.75
C ALA B 347 19.01 4.78 -45.58
N ALA B 348 17.87 5.32 -45.15
CA ALA B 348 17.14 4.72 -44.03
C ALA B 348 16.63 3.33 -44.40
N LEU B 349 16.09 3.19 -45.61
CA LEU B 349 15.60 1.87 -46.03
C LEU B 349 16.75 0.89 -46.19
N GLY B 350 17.92 1.35 -46.62
CA GLY B 350 19.06 0.44 -46.67
C GLY B 350 19.48 -0.02 -45.29
N LEU B 351 19.53 0.90 -44.32
CA LEU B 351 19.92 0.54 -42.97
C LEU B 351 18.91 -0.41 -42.33
N ILE B 352 17.61 -0.09 -42.42
CA ILE B 352 16.63 -0.97 -41.81
C ILE B 352 16.54 -2.30 -42.55
N GLY B 353 16.81 -2.31 -43.87
CA GLY B 353 16.88 -3.58 -44.57
C GLY B 353 18.02 -4.44 -44.07
N TYR B 354 19.18 -3.83 -43.79
CA TYR B 354 20.27 -4.57 -43.18
C TYR B 354 19.84 -5.16 -41.84
N LEU B 355 19.23 -4.31 -41.01
CA LEU B 355 18.77 -4.76 -39.69
C LEU B 355 17.77 -5.90 -39.82
N GLU B 356 16.84 -5.80 -40.76
CA GLU B 356 15.83 -6.82 -40.96
C GLU B 356 16.46 -8.14 -41.40
N ASP B 357 17.48 -8.06 -42.27
CA ASP B 357 18.15 -9.28 -42.70
C ASP B 357 18.88 -9.99 -41.56
N HIS B 358 19.27 -9.28 -40.51
CA HIS B 358 19.97 -9.91 -39.39
C HIS B 358 19.10 -10.03 -38.15
N GLY B 359 17.80 -9.79 -38.26
CA GLY B 359 16.93 -9.93 -37.11
C GLY B 359 17.16 -8.90 -36.02
N HIS B 360 17.56 -7.68 -36.39
CA HIS B 360 17.84 -6.63 -35.41
C HIS B 360 16.99 -5.39 -35.62
N GLY B 361 15.91 -5.50 -36.39
CA GLY B 361 15.15 -4.32 -36.74
C GLY B 361 13.79 -4.22 -36.05
N GLY B 362 13.73 -4.56 -34.76
CA GLY B 362 12.49 -4.43 -34.03
C GLY B 362 12.03 -3.00 -33.88
N TYR B 363 12.96 -2.04 -33.91
CA TYR B 363 12.62 -0.63 -33.78
C TYR B 363 12.77 0.14 -35.10
N SER B 364 12.69 -0.56 -36.23
CA SER B 364 12.84 0.11 -37.53
C SER B 364 11.69 1.06 -37.82
N GLN B 365 10.45 0.64 -37.54
CA GLN B 365 9.32 1.53 -37.79
C GLN B 365 9.36 2.75 -36.87
N SER B 366 9.71 2.53 -35.60
CA SER B 366 9.83 3.65 -34.68
C SER B 366 10.83 4.67 -35.19
N TYR B 367 11.96 4.18 -35.71
CA TYR B 367 12.98 5.04 -36.26
C TYR B 367 12.46 5.83 -37.46
N LEU B 368 11.73 5.15 -38.35
CA LEU B 368 11.20 5.86 -39.51
C LEU B 368 10.23 6.94 -39.10
N ARG B 369 9.38 6.68 -38.12
CA ARG B 369 8.48 7.72 -37.63
C ARG B 369 9.28 8.88 -37.06
N GLY B 370 10.39 8.59 -36.39
CA GLY B 370 11.23 9.66 -35.87
C GLY B 370 11.86 10.49 -36.98
N LEU B 371 12.30 9.83 -38.05
CA LEU B 371 12.85 10.55 -39.21
C LEU B 371 11.79 11.44 -39.85
N ASP B 372 10.59 10.90 -40.03
CA ASP B 372 9.51 11.70 -40.60
C ASP B 372 9.19 12.89 -39.72
N MET B 373 9.32 12.72 -38.41
CA MET B 373 9.11 13.83 -37.50
C MET B 373 10.20 14.89 -37.66
N LEU B 374 11.45 14.46 -37.84
CA LEU B 374 12.56 15.40 -37.90
C LEU B 374 12.76 16.08 -39.25
N ALA B 375 12.30 15.48 -40.34
CA ALA B 375 12.68 15.97 -41.65
C ALA B 375 11.98 17.29 -41.96
N PRO B 376 12.66 18.18 -42.70
CA PRO B 376 11.97 19.34 -43.27
C PRO B 376 10.84 18.83 -44.17
N SER B 377 9.72 19.55 -44.13
CA SER B 377 8.49 19.08 -44.78
C SER B 377 8.70 18.64 -46.23
N GLY B 378 8.56 17.34 -46.47
CA GLY B 378 8.63 16.83 -47.82
C GLY B 378 10.03 16.74 -48.41
N GLN B 379 11.00 16.30 -47.63
CA GLN B 379 12.36 16.25 -48.13
C GLN B 379 13.08 14.93 -47.87
N LEU B 380 12.46 13.99 -47.15
CA LEU B 380 13.13 12.73 -46.83
C LEU B 380 13.56 11.99 -48.10
N ASP B 381 12.68 11.92 -49.10
CA ASP B 381 12.97 11.16 -50.31
C ASP B 381 13.55 12.03 -51.42
N GLN B 382 13.86 13.30 -51.15
CA GLN B 382 14.41 14.21 -52.15
C GLN B 382 15.82 14.67 -51.84
N ALA B 383 16.25 14.66 -50.58
CA ALA B 383 17.56 15.17 -50.25
C ALA B 383 18.10 14.43 -49.04
N THR B 384 19.35 14.73 -48.72
CA THR B 384 19.98 14.25 -47.51
C THR B 384 20.02 15.38 -46.49
N GLY B 385 20.61 15.12 -45.34
CA GLY B 385 20.74 16.15 -44.33
C GLY B 385 20.19 15.74 -42.98
N VAL B 386 19.15 14.91 -42.97
CA VAL B 386 18.59 14.45 -41.70
C VAL B 386 19.54 13.47 -41.03
N GLN B 387 19.89 12.40 -41.74
CA GLN B 387 20.83 11.41 -41.22
C GLN B 387 22.22 11.87 -41.59
N THR B 388 22.96 12.38 -40.61
CA THR B 388 24.30 12.87 -40.90
C THR B 388 25.28 11.71 -41.03
N TYR B 389 25.26 10.78 -40.07
CA TYR B 389 26.19 9.66 -40.07
C TYR B 389 25.47 8.39 -39.64
N PHE B 390 25.98 7.26 -40.13
CA PHE B 390 25.72 5.94 -39.57
C PHE B 390 27.02 5.45 -38.93
N ALA B 391 27.08 5.43 -37.61
CA ALA B 391 28.25 4.95 -36.90
C ALA B 391 28.22 3.43 -36.81
N VAL B 392 29.39 2.81 -37.04
CA VAL B 392 29.57 1.37 -37.10
C VAL B 392 30.77 1.00 -36.23
N ALA B 393 30.56 0.11 -35.26
CA ALA B 393 31.64 -0.51 -34.51
C ALA B 393 31.55 -2.03 -34.66
N CYS B 394 32.69 -2.70 -34.71
CA CYS B 394 32.73 -4.15 -34.90
C CYS B 394 32.84 -4.85 -33.55
N GLN B 395 31.79 -5.58 -33.17
CA GLN B 395 31.72 -6.31 -31.91
C GLN B 395 31.65 -7.80 -32.21
N GLY B 396 32.78 -8.50 -32.13
CA GLY B 396 32.82 -9.92 -32.39
C GLY B 396 32.47 -10.25 -33.83
N GLU B 397 31.29 -10.81 -34.05
CA GLU B 397 30.80 -11.07 -35.40
C GLU B 397 29.69 -10.13 -35.84
N ASP B 398 29.25 -9.20 -34.98
CA ASP B 398 28.15 -8.33 -35.34
C ASP B 398 28.60 -6.87 -35.39
N LEU B 399 27.68 -6.02 -35.81
CA LEU B 399 27.89 -4.59 -35.92
C LEU B 399 27.06 -3.88 -34.86
N SER B 400 27.66 -2.87 -34.25
CA SER B 400 26.96 -1.96 -33.36
C SER B 400 26.74 -0.66 -34.14
N LEU B 401 25.48 -0.27 -34.32
CA LEU B 401 25.11 0.81 -35.21
C LEU B 401 24.45 1.96 -34.45
N THR B 402 24.75 3.18 -34.88
CA THR B 402 24.14 4.38 -34.30
C THR B 402 23.80 5.35 -35.42
N SER B 403 22.60 5.90 -35.40
CA SER B 403 22.18 6.90 -36.38
C SER B 403 22.27 8.29 -35.78
N TYR B 404 22.95 9.20 -36.49
CA TYR B 404 23.03 10.58 -36.06
C TYR B 404 22.11 11.43 -36.92
N LEU B 405 21.38 12.34 -36.27
CA LEU B 405 20.22 12.99 -36.86
C LEU B 405 20.33 14.49 -36.63
N ASN B 406 20.21 15.26 -37.69
CA ASN B 406 20.28 16.71 -37.62
C ASN B 406 18.89 17.28 -37.86
N PRO B 407 18.32 18.03 -36.91
CA PRO B 407 17.00 18.64 -37.12
C PRO B 407 16.98 19.73 -38.19
N GLN B 408 18.13 20.29 -38.57
CA GLN B 408 18.25 21.26 -39.66
C GLN B 408 17.36 22.49 -39.45
N PHE B 409 17.63 23.22 -38.36
CA PHE B 409 16.87 24.43 -38.07
C PHE B 409 17.07 25.49 -39.15
N TYR B 410 18.26 25.54 -39.74
CA TYR B 410 18.61 26.59 -40.71
C TYR B 410 18.57 26.09 -42.15
N ALA B 411 18.95 24.83 -42.39
CA ALA B 411 18.83 24.26 -43.73
C ALA B 411 17.39 24.24 -44.19
N ALA B 412 16.43 24.32 -43.27
CA ALA B 412 15.02 24.39 -43.60
C ALA B 412 14.45 25.73 -43.16
N SER C 11 8.95 8.26 -6.17
CA SER C 11 7.91 9.26 -5.96
C SER C 11 7.86 10.30 -7.08
N VAL C 12 6.65 10.57 -7.60
CA VAL C 12 6.46 11.61 -8.60
C VAL C 12 6.89 12.96 -8.05
N TRP C 13 6.55 13.21 -6.78
CA TRP C 13 6.93 14.48 -6.17
C TRP C 13 8.45 14.59 -6.07
N LYS C 14 9.14 13.49 -5.76
CA LYS C 14 10.59 13.56 -5.66
C LYS C 14 11.22 13.92 -7.00
N THR C 15 10.71 13.33 -8.08
CA THR C 15 11.20 13.66 -9.42
C THR C 15 10.99 15.14 -9.73
N LEU C 16 9.77 15.62 -9.52
CA LEU C 16 9.48 17.02 -9.82
C LEU C 16 10.32 17.95 -8.95
N ASN C 17 10.44 17.65 -7.66
CA ASN C 17 11.23 18.49 -6.77
C ASN C 17 12.70 18.47 -7.16
N LYS C 18 13.15 17.36 -7.75
CA LYS C 18 14.52 17.28 -8.23
C LYS C 18 14.73 18.23 -9.39
N TRP C 19 13.72 18.42 -10.25
CA TRP C 19 13.97 19.19 -11.46
C TRP C 19 13.29 20.56 -11.53
N LEU C 20 12.22 20.79 -10.78
CA LEU C 20 11.55 22.08 -10.84
C LEU C 20 12.40 23.19 -10.22
N PRO C 21 12.26 24.43 -10.72
CA PRO C 21 13.05 25.54 -10.17
C PRO C 21 12.78 25.73 -8.69
N PRO C 22 13.80 26.08 -7.92
CA PRO C 22 13.61 26.15 -6.47
C PRO C 22 12.69 27.30 -6.08
N LEU C 23 12.05 27.15 -4.92
CA LEU C 23 11.11 28.12 -4.40
C LEU C 23 11.67 28.79 -3.15
N SER C 24 11.05 29.90 -2.78
CA SER C 24 11.40 30.55 -1.52
C SER C 24 10.98 29.67 -0.34
N ARG C 25 11.45 30.05 0.85
CA ARG C 25 11.32 29.19 2.02
C ARG C 25 9.87 28.80 2.29
N ASP C 26 8.97 29.79 2.30
CA ASP C 26 7.56 29.51 2.58
C ASP C 26 6.93 28.68 1.47
N LYS C 27 7.14 29.10 0.21
CA LYS C 27 6.59 28.35 -0.91
C LYS C 27 7.16 26.94 -0.94
N ASP C 28 8.45 26.80 -0.63
CA ASP C 28 9.06 25.48 -0.59
C ASP C 28 8.46 24.62 0.53
N TRP C 29 8.14 25.24 1.67
CA TRP C 29 7.51 24.48 2.74
C TRP C 29 6.15 23.95 2.29
N TRP C 30 5.34 24.82 1.67
CA TRP C 30 4.04 24.37 1.17
C TRP C 30 4.20 23.30 0.09
N TRP C 31 5.22 23.44 -0.76
CA TRP C 31 5.45 22.44 -1.81
C TRP C 31 5.81 21.09 -1.21
N LYS C 32 6.78 21.06 -0.30
CA LYS C 32 7.24 19.81 0.31
C LYS C 32 6.25 19.25 1.32
N THR C 33 5.19 20.00 1.66
CA THR C 33 4.14 19.49 2.53
C THR C 33 2.94 18.99 1.73
N LEU C 34 2.37 19.85 0.89
CA LEU C 34 1.19 19.49 0.12
C LEU C 34 1.50 18.48 -0.97
N GLY C 35 2.64 18.61 -1.65
CA GLY C 35 3.00 17.70 -2.72
C GLY C 35 2.96 16.25 -2.30
N PRO C 36 3.76 15.86 -1.30
CA PRO C 36 3.71 14.46 -0.85
C PRO C 36 2.34 14.03 -0.37
N GLN C 37 1.56 14.91 0.26
CA GLN C 37 0.23 14.51 0.71
C GLN C 37 -0.69 14.21 -0.46
N ILE C 38 -0.74 15.12 -1.44
CA ILE C 38 -1.58 14.90 -2.62
C ILE C 38 -1.10 13.68 -3.39
N ASN C 39 0.22 13.52 -3.53
CA ASN C 39 0.77 12.38 -4.25
C ASN C 39 0.41 11.07 -3.54
N THR C 40 0.47 11.06 -2.21
CA THR C 40 0.10 9.86 -1.46
C THR C 40 -1.37 9.54 -1.64
N LEU C 41 -2.24 10.56 -1.52
CA LEU C 41 -3.67 10.31 -1.70
C LEU C 41 -3.98 9.79 -3.10
N LEU C 42 -3.34 10.38 -4.13
CA LEU C 42 -3.59 9.94 -5.49
C LEU C 42 -3.03 8.54 -5.74
N THR C 43 -1.87 8.23 -5.16
CA THR C 43 -1.27 6.91 -5.33
C THR C 43 -2.12 5.85 -4.66
N GLU C 44 -2.59 6.11 -3.43
CA GLU C 44 -3.43 5.16 -2.73
C GLU C 44 -4.74 4.91 -3.47
N ALA C 45 -5.21 5.90 -4.23
CA ALA C 45 -6.42 5.78 -5.04
C ALA C 45 -6.14 5.25 -6.44
N ASP C 46 -4.90 4.83 -6.72
CA ASP C 46 -4.52 4.18 -7.98
C ASP C 46 -4.71 5.11 -9.17
N TYR C 47 -4.38 6.39 -8.98
CA TYR C 47 -4.30 7.31 -10.12
C TYR C 47 -3.09 6.96 -10.98
N ASP C 48 -3.24 7.16 -12.29
CA ASP C 48 -2.14 6.88 -13.20
C ASP C 48 -0.98 7.84 -12.94
N LEU C 49 0.20 7.43 -13.40
CA LEU C 49 1.40 8.21 -13.12
C LEU C 49 1.29 9.61 -13.73
N ASN C 50 0.74 9.68 -14.95
CA ASN C 50 0.64 10.97 -15.63
C ASN C 50 -0.30 11.92 -14.91
N GLU C 51 -1.39 11.40 -14.34
CA GLU C 51 -2.31 12.27 -13.63
C GLU C 51 -1.71 12.77 -12.32
N ARG C 52 -0.87 11.96 -11.68
CA ARG C 52 -0.16 12.45 -10.50
C ARG C 52 0.82 13.56 -10.89
N TYR C 53 1.48 13.40 -12.04
CA TYR C 53 2.35 14.47 -12.54
C TYR C 53 1.55 15.74 -12.79
N GLU C 54 0.40 15.63 -13.49
CA GLU C 54 -0.42 16.81 -13.77
C GLU C 54 -0.89 17.48 -12.49
N ALA C 55 -1.36 16.69 -11.52
CA ALA C 55 -1.88 17.27 -10.29
C ALA C 55 -0.78 18.03 -9.56
N LEU C 56 0.41 17.44 -9.48
CA LEU C 56 1.48 18.13 -8.77
C LEU C 56 1.98 19.33 -9.54
N LEU C 57 1.92 19.30 -10.88
CA LEU C 57 2.30 20.47 -11.67
C LEU C 57 1.32 21.62 -11.46
N LEU C 58 0.02 21.31 -11.47
CA LEU C 58 -0.98 22.32 -11.15
C LEU C 58 -0.72 22.90 -9.76
N LEU C 59 -0.52 22.03 -8.77
CA LEU C 59 -0.25 22.48 -7.42
C LEU C 59 0.97 23.41 -7.38
N TYR C 60 2.05 23.02 -8.04
CA TYR C 60 3.27 23.83 -8.04
C TYR C 60 3.04 25.18 -8.70
N ARG C 61 2.22 25.20 -9.76
CA ARG C 61 2.10 26.41 -10.56
C ARG C 61 1.11 27.41 -9.98
N TRP C 62 -0.06 26.93 -9.53
CA TRP C 62 -1.16 27.83 -9.19
C TRP C 62 -1.60 27.81 -7.72
N VAL C 63 -1.20 26.83 -6.92
CA VAL C 63 -1.61 26.74 -5.53
C VAL C 63 -0.48 27.16 -4.59
N VAL C 64 0.68 26.51 -4.70
CA VAL C 64 1.79 26.77 -3.79
C VAL C 64 2.16 28.26 -3.68
N PRO C 65 2.25 29.04 -4.77
CA PRO C 65 2.69 30.43 -4.60
C PRO C 65 1.73 31.31 -3.81
N GLU C 66 0.47 30.90 -3.63
CA GLU C 66 -0.55 31.71 -2.98
C GLU C 66 -1.00 31.13 -1.64
N MET C 67 -0.14 30.35 -0.99
CA MET C 67 -0.50 29.75 0.29
C MET C 67 -0.04 30.57 1.50
N GLY C 68 0.76 31.61 1.29
CA GLY C 68 1.18 32.47 2.37
C GLY C 68 2.31 31.89 3.20
N PRO C 69 2.57 32.42 4.42
CA PRO C 69 3.68 31.95 5.24
C PRO C 69 3.49 30.55 5.81
N ARG C 70 4.59 29.86 6.03
CA ARG C 70 4.54 28.47 6.53
C ARG C 70 4.11 28.42 8.00
N PRO C 71 3.40 27.36 8.43
CA PRO C 71 3.08 27.18 9.84
C PRO C 71 4.33 27.17 10.71
N ARG C 72 4.47 28.17 11.59
CA ARG C 72 5.62 28.24 12.53
C ARG C 72 5.08 28.27 13.96
N SER C 73 3.83 27.85 14.16
CA SER C 73 3.16 27.88 15.49
C SER C 73 1.93 26.97 15.49
N SER C 74 1.20 26.92 16.61
CA SER C 74 -0.08 26.17 16.64
C SER C 74 -1.21 27.16 16.35
N VAL C 75 -0.88 28.45 16.25
CA VAL C 75 -1.89 29.48 15.90
C VAL C 75 -1.82 29.71 14.38
N ALA C 76 -2.99 29.81 13.75
CA ALA C 76 -3.02 30.02 12.31
C ALA C 76 -2.99 31.50 11.99
N PRO C 77 -2.41 31.89 10.85
CA PRO C 77 -2.37 33.31 10.48
C PRO C 77 -3.71 33.89 10.07
N SER C 78 -4.75 33.07 9.96
CA SER C 78 -6.06 33.55 9.53
C SER C 78 -7.15 32.79 10.29
N LYS C 79 -8.39 33.22 10.11
CA LYS C 79 -9.55 32.50 10.68
C LYS C 79 -10.31 31.87 9.52
N SER C 80 -9.58 31.28 8.57
CA SER C 80 -10.16 30.72 7.35
C SER C 80 -11.30 29.76 7.68
N PHE C 81 -12.43 29.94 7.01
CA PHE C 81 -13.60 29.10 7.17
C PHE C 81 -13.46 27.74 6.49
N MET C 82 -12.27 27.44 5.94
CA MET C 82 -12.07 26.16 5.26
C MET C 82 -12.21 24.98 6.21
N THR C 83 -11.53 25.05 7.37
CA THR C 83 -11.58 23.99 8.37
C THR C 83 -11.68 24.63 9.75
N ASP C 84 -11.96 23.83 10.77
CA ASP C 84 -12.15 24.39 12.13
C ASP C 84 -10.85 24.95 12.69
N ASP C 85 -9.72 24.28 12.42
CA ASP C 85 -8.43 24.79 12.87
C ASP C 85 -7.84 25.81 11.90
N HIS C 86 -8.61 26.25 10.91
CA HIS C 86 -8.22 27.27 9.93
C HIS C 86 -7.09 26.80 9.01
N SER C 87 -6.94 25.49 8.83
CA SER C 87 -6.10 24.98 7.76
C SER C 87 -6.69 25.41 6.43
N PRO C 88 -5.89 25.98 5.51
CA PRO C 88 -6.44 26.50 4.27
C PRO C 88 -6.65 25.46 3.17
N ILE C 89 -6.54 24.16 3.50
CA ILE C 89 -6.76 23.10 2.52
C ILE C 89 -7.53 21.97 3.17
N GLU C 90 -8.49 21.41 2.44
CA GLU C 90 -9.26 20.25 2.88
C GLU C 90 -9.33 19.25 1.75
N TYR C 91 -8.88 18.03 2.02
CA TYR C 91 -8.93 16.97 1.01
C TYR C 91 -10.27 16.26 1.09
N SER C 92 -10.70 15.68 -0.02
CA SER C 92 -11.88 14.83 0.00
C SER C 92 -11.63 13.60 -0.85
N TRP C 93 -12.22 12.49 -0.39
CA TRP C 93 -12.02 11.15 -0.89
C TRP C 93 -13.42 10.59 -1.13
N LYS C 94 -13.86 10.58 -2.39
CA LYS C 94 -15.20 10.12 -2.73
C LYS C 94 -15.15 8.63 -3.07
N TRP C 95 -15.94 7.85 -2.34
CA TRP C 95 -16.03 6.41 -2.55
C TRP C 95 -16.97 6.14 -3.72
N ILE C 96 -16.43 5.46 -4.72
CA ILE C 96 -17.23 5.16 -5.93
C ILE C 96 -17.66 3.70 -5.87
N SER C 97 -18.90 3.43 -6.29
CA SER C 97 -19.45 2.05 -6.27
C SER C 97 -18.95 1.24 -7.46
N GLY C 98 -18.95 -0.08 -7.35
CA GLY C 98 -18.59 -0.94 -8.50
C GLY C 98 -17.12 -1.30 -8.56
N ASN C 99 -16.46 -1.42 -7.40
CA ASN C 99 -14.99 -1.71 -7.34
C ASN C 99 -14.26 -0.67 -8.20
N LYS C 100 -14.72 0.58 -8.20
CA LYS C 100 -14.10 1.65 -9.01
C LYS C 100 -13.17 2.47 -8.13
N LYS C 101 -12.26 3.22 -8.73
CA LYS C 101 -11.27 3.96 -7.96
C LYS C 101 -11.93 5.12 -7.20
N PRO C 102 -11.47 5.42 -5.98
CA PRO C 102 -11.97 6.61 -5.30
C PRO C 102 -11.53 7.86 -6.07
N GLU C 103 -12.31 8.93 -5.91
CA GLU C 103 -12.02 10.21 -6.54
C GLU C 103 -11.41 11.17 -5.52
N ILE C 104 -10.25 11.73 -5.86
CA ILE C 104 -9.56 12.65 -4.91
C ILE C 104 -9.78 14.08 -5.35
N ARG C 105 -10.20 14.92 -4.42
CA ARG C 105 -10.43 16.36 -4.69
C ARG C 105 -9.87 17.15 -3.51
N TYR C 106 -9.67 18.45 -3.68
CA TYR C 106 -9.23 19.31 -2.56
C TYR C 106 -9.71 20.74 -2.74
N ALA C 107 -10.21 21.31 -1.65
CA ALA C 107 -10.59 22.72 -1.63
C ALA C 107 -9.51 23.53 -0.94
N VAL C 108 -9.30 24.74 -1.44
CA VAL C 108 -8.26 25.63 -0.97
C VAL C 108 -8.78 27.06 -1.00
N GLU C 109 -8.36 27.83 0.00
CA GLU C 109 -8.51 29.28 0.01
C GLU C 109 -7.10 29.86 -0.07
N LEU C 110 -6.73 30.35 -1.24
CA LEU C 110 -5.45 31.02 -1.38
C LEU C 110 -5.48 32.36 -0.65
N VAL C 111 -4.29 32.89 -0.36
CA VAL C 111 -4.13 34.07 0.47
C VAL C 111 -3.03 34.94 -0.11
N SER C 112 -3.05 36.21 0.28
CA SER C 112 -2.02 37.17 -0.12
C SER C 112 -1.83 38.15 1.03
N PRO C 113 -0.70 38.88 1.05
CA PRO C 113 -0.51 39.89 2.10
C PRO C 113 -1.54 41.00 2.10
N LEU C 114 -2.28 41.22 1.00
CA LEU C 114 -3.30 42.26 1.00
C LEU C 114 -4.54 41.85 1.79
N ALA C 115 -4.64 40.59 2.19
CA ALA C 115 -5.80 40.11 2.91
C ALA C 115 -5.96 40.87 4.23
N GLY C 116 -7.16 41.41 4.44
CA GLY C 116 -7.45 42.19 5.63
C GLY C 116 -7.32 43.68 5.46
N SER C 117 -6.58 44.14 4.44
CA SER C 117 -6.40 45.56 4.19
C SER C 117 -7.57 46.09 3.38
N LYS C 118 -7.57 47.41 3.15
CA LYS C 118 -8.64 48.03 2.38
C LYS C 118 -8.68 47.53 0.94
N GLN C 119 -7.55 47.06 0.41
CA GLN C 119 -7.51 46.58 -0.96
C GLN C 119 -8.11 45.18 -1.11
N ASP C 120 -8.18 44.41 -0.03
CA ASP C 120 -8.78 43.07 -0.07
C ASP C 120 -9.18 42.65 1.33
N PRO C 121 -10.20 43.28 1.92
CA PRO C 121 -10.53 43.00 3.33
C PRO C 121 -11.06 41.59 3.56
N PHE C 122 -11.48 40.87 2.52
CA PHE C 122 -12.09 39.56 2.70
C PHE C 122 -11.36 38.47 1.93
N ASN C 123 -10.10 38.72 1.54
CA ASN C 123 -9.24 37.71 0.90
C ASN C 123 -9.92 37.09 -0.32
N GLN C 124 -10.24 37.94 -1.28
CA GLN C 124 -10.94 37.52 -2.50
C GLN C 124 -10.06 37.50 -3.74
N ILE C 125 -9.02 38.34 -3.79
CA ILE C 125 -8.19 38.42 -5.01
C ILE C 125 -7.51 37.10 -5.35
N PRO C 126 -6.89 36.37 -4.42
CA PRO C 126 -6.19 35.13 -4.84
C PRO C 126 -7.09 34.10 -5.49
N THR C 127 -8.31 33.89 -4.95
CA THR C 127 -9.24 32.94 -5.55
C THR C 127 -9.70 33.40 -6.93
N ARG C 128 -10.02 34.69 -7.07
CA ARG C 128 -10.44 35.23 -8.36
C ARG C 128 -9.34 35.07 -9.41
N ASN C 129 -8.09 35.38 -9.03
CA ASN C 129 -6.98 35.25 -9.97
C ASN C 129 -6.78 33.79 -10.36
N LEU C 130 -6.90 32.87 -9.40
CA LEU C 130 -6.80 31.45 -9.71
C LEU C 130 -7.87 31.04 -10.71
N VAL C 131 -9.10 31.49 -10.50
CA VAL C 131 -10.19 31.07 -11.39
C VAL C 131 -9.95 31.58 -12.80
N TYR C 132 -9.59 32.86 -12.95
CA TYR C 132 -9.43 33.36 -14.31
C TYR C 132 -8.22 32.72 -15.02
N ASN C 133 -7.12 32.49 -14.30
CA ASN C 133 -5.99 31.78 -14.88
C ASN C 133 -6.36 30.36 -15.31
N LEU C 134 -7.09 29.63 -14.46
CA LEU C 134 -7.48 28.29 -14.85
C LEU C 134 -8.43 28.32 -16.04
N ALA C 135 -9.33 29.31 -16.10
CA ALA C 135 -10.22 29.40 -17.24
C ALA C 135 -9.45 29.66 -18.52
N LYS C 136 -8.35 30.40 -18.43
CA LYS C 136 -7.49 30.59 -19.60
C LYS C 136 -6.80 29.28 -19.99
N ILE C 137 -6.42 28.47 -18.99
CA ILE C 137 -5.69 27.25 -19.30
C ILE C 137 -6.64 26.13 -19.71
N ILE C 138 -7.85 26.13 -19.17
CA ILE C 138 -8.84 25.08 -19.44
C ILE C 138 -10.05 25.71 -20.11
N PRO C 139 -10.10 25.73 -21.45
CA PRO C 139 -11.19 26.43 -22.14
C PRO C 139 -12.57 25.86 -21.88
N GLU C 140 -12.68 24.61 -21.43
CA GLU C 140 -13.99 24.05 -21.16
C GLU C 140 -14.64 24.63 -19.91
N LEU C 141 -13.88 25.33 -19.07
CA LEU C 141 -14.46 25.98 -17.90
C LEU C 141 -15.32 27.16 -18.34
N ASP C 142 -16.52 27.24 -17.77
CA ASP C 142 -17.46 28.34 -18.01
C ASP C 142 -17.53 29.23 -16.77
N LEU C 143 -17.43 30.53 -16.98
CA LEU C 143 -17.42 31.50 -15.87
C LEU C 143 -18.67 32.36 -15.80
N THR C 144 -19.73 31.98 -16.52
CA THR C 144 -20.95 32.80 -16.55
C THR C 144 -21.55 32.93 -15.16
N TRP C 145 -21.82 31.79 -14.52
CA TRP C 145 -22.38 31.84 -13.18
C TRP C 145 -21.34 32.30 -12.16
N PHE C 146 -20.06 32.06 -12.44
CA PHE C 146 -19.02 32.58 -11.56
C PHE C 146 -19.08 34.10 -11.49
N GLU C 147 -19.12 34.76 -12.65
CA GLU C 147 -19.17 36.22 -12.68
C GLU C 147 -20.49 36.75 -12.14
N HIS C 148 -21.61 36.05 -12.44
CA HIS C 148 -22.90 36.52 -11.95
C HIS C 148 -22.95 36.49 -10.42
N PHE C 149 -22.63 35.33 -9.83
CA PHE C 149 -22.70 35.20 -8.39
C PHE C 149 -21.60 36.00 -7.69
N TRP C 150 -20.46 36.21 -8.34
CA TRP C 150 -19.44 37.09 -7.76
C TRP C 150 -19.97 38.51 -7.65
N HIS C 151 -20.59 39.01 -8.72
CA HIS C 151 -21.11 40.37 -8.68
C HIS C 151 -22.26 40.49 -7.70
N GLU C 152 -23.13 39.48 -7.63
CA GLU C 152 -24.29 39.55 -6.76
C GLU C 152 -23.92 39.40 -5.28
N LEU C 153 -22.99 38.50 -4.97
CA LEU C 153 -22.70 38.15 -3.58
C LEU C 153 -21.45 38.82 -3.03
N LEU C 154 -20.49 39.17 -3.88
CA LEU C 154 -19.24 39.75 -3.43
C LEU C 154 -18.94 41.12 -4.01
N GLY C 155 -19.42 41.43 -5.22
CA GLY C 155 -19.10 42.68 -5.86
C GLY C 155 -20.03 43.81 -5.49
N PRO C 156 -20.26 44.73 -6.43
CA PRO C 156 -21.16 45.87 -6.15
C PRO C 156 -22.60 45.47 -5.88
N GLY C 157 -23.04 44.32 -6.36
CA GLY C 157 -24.42 43.89 -6.15
C GLY C 157 -24.79 43.50 -4.72
N SER C 158 -23.87 43.66 -3.78
CA SER C 158 -24.11 43.34 -2.38
C SER C 158 -23.46 44.40 -1.52
N PRO C 159 -23.91 44.56 -0.26
CA PRO C 159 -23.26 45.45 0.70
C PRO C 159 -21.78 45.15 0.89
N GLY C 170 -15.26 34.10 8.45
CA GLY C 170 -13.82 33.94 8.38
C GLY C 170 -13.28 33.93 6.96
N SER C 171 -14.17 33.68 6.00
CA SER C 171 -13.82 33.72 4.59
C SER C 171 -15.05 34.15 3.80
N THR C 172 -14.82 34.58 2.56
CA THR C 172 -15.91 34.90 1.66
C THR C 172 -15.92 34.07 0.38
N VAL C 173 -14.80 33.45 0.00
CA VAL C 173 -14.76 32.69 -1.24
C VAL C 173 -13.61 31.70 -1.16
N PHE C 174 -13.81 30.53 -1.76
CA PHE C 174 -12.68 29.63 -2.00
C PHE C 174 -13.03 28.70 -3.15
N ALA C 175 -12.06 27.91 -3.57
CA ALA C 175 -12.23 27.09 -4.75
C ALA C 175 -11.90 25.64 -4.43
N ALA C 176 -12.38 24.73 -5.28
CA ALA C 176 -12.09 23.32 -5.14
C ALA C 176 -11.67 22.77 -6.49
N LEU C 177 -10.67 21.89 -6.48
CA LEU C 177 -10.16 21.24 -7.66
C LEU C 177 -10.48 19.76 -7.56
N GLU C 178 -11.13 19.24 -8.60
CA GLU C 178 -11.59 17.86 -8.66
C GLU C 178 -10.73 17.17 -9.69
N MET C 179 -9.90 16.22 -9.24
CA MET C 179 -9.09 15.46 -10.19
C MET C 179 -9.92 14.25 -10.62
N LEU C 180 -10.76 14.44 -11.64
CA LEU C 180 -11.53 13.28 -12.15
C LEU C 180 -10.67 12.51 -13.13
N HIS C 181 -11.05 11.27 -13.44
CA HIS C 181 -10.27 10.43 -14.38
C HIS C 181 -10.12 11.11 -15.74
N GLY C 182 -9.03 11.85 -15.94
CA GLY C 182 -8.77 12.41 -17.27
C GLY C 182 -9.14 13.87 -17.43
N HIS C 183 -9.75 14.51 -16.42
CA HIS C 183 -10.00 15.93 -16.55
C HIS C 183 -10.09 16.62 -15.18
N LEU C 184 -10.00 17.94 -15.22
CA LEU C 184 -10.06 18.76 -14.01
C LEU C 184 -11.37 19.52 -13.96
N SER C 185 -12.06 19.45 -12.82
CA SER C 185 -13.24 20.26 -12.61
C SER C 185 -12.96 21.27 -11.51
N VAL C 186 -13.59 22.43 -11.65
CA VAL C 186 -13.40 23.50 -10.63
C VAL C 186 -14.74 23.89 -10.03
N LYS C 187 -14.79 23.97 -8.71
CA LYS C 187 -16.00 24.46 -8.02
C LYS C 187 -15.67 25.75 -7.27
N VAL C 188 -16.62 26.68 -7.20
CA VAL C 188 -16.41 27.95 -6.44
C VAL C 188 -17.45 28.09 -5.32
N TYR C 189 -17.00 28.43 -4.12
CA TYR C 189 -17.83 28.59 -2.94
C TYR C 189 -17.83 30.04 -2.51
N PHE C 190 -19.03 30.61 -2.35
CA PHE C 190 -19.26 31.97 -1.90
C PHE C 190 -19.87 31.94 -0.51
N ILE C 191 -19.25 32.66 0.43
CA ILE C 191 -19.75 32.75 1.80
C ILE C 191 -20.07 34.22 2.06
N PRO C 192 -21.33 34.63 1.88
CA PRO C 192 -21.65 36.06 1.96
C PRO C 192 -21.38 36.63 3.35
N VAL C 193 -21.00 37.90 3.38
CA VAL C 193 -20.86 38.62 4.64
C VAL C 193 -22.24 39.09 5.06
N GLU C 194 -22.64 38.68 6.26
CA GLU C 194 -24.02 38.97 6.73
C GLU C 194 -24.13 40.36 7.33
N THR C 195 -25.19 41.09 6.98
CA THR C 195 -25.46 42.41 7.60
C THR C 195 -26.81 42.31 8.31
N PRO C 196 -27.06 43.01 9.43
CA PRO C 196 -28.37 43.03 10.10
C PRO C 196 -29.54 43.05 9.11
N ASP C 197 -29.42 43.84 8.04
CA ASP C 197 -30.50 43.95 7.03
C ASP C 197 -30.47 42.77 6.04
N PHE C 198 -29.29 42.23 5.72
CA PHE C 198 -29.20 41.20 4.66
C PHE C 198 -28.51 39.91 5.15
N SER C 199 -29.28 38.84 5.27
CA SER C 199 -28.78 37.52 5.73
C SER C 199 -28.21 36.75 4.55
N ALA C 200 -27.45 35.71 4.87
CA ALA C 200 -26.84 34.96 3.77
C ALA C 200 -27.89 34.37 2.84
N TRP C 201 -28.99 33.89 3.42
CA TRP C 201 -30.04 33.25 2.59
C TRP C 201 -30.65 34.27 1.65
N HIS C 202 -30.78 35.51 2.12
CA HIS C 202 -31.46 36.53 1.29
C HIS C 202 -30.58 36.81 0.08
N GLN C 203 -29.31 37.08 0.34
CA GLN C 203 -28.36 37.35 -0.76
C GLN C 203 -28.36 36.16 -1.73
N ILE C 204 -28.32 34.92 -1.21
CA ILE C 204 -28.20 33.77 -2.09
C ILE C 204 -29.47 33.56 -2.92
N LYS C 205 -30.64 33.66 -2.27
CA LYS C 205 -31.90 33.47 -3.00
C LYS C 205 -32.11 34.57 -4.04
N HIS C 206 -31.81 35.82 -3.69
CA HIS C 206 -31.98 36.91 -4.66
C HIS C 206 -31.01 36.74 -5.82
N ALA C 207 -29.79 36.25 -5.54
CA ALA C 207 -28.83 36.03 -6.62
C ALA C 207 -29.29 34.91 -7.53
N ILE C 208 -29.84 33.83 -6.97
CA ILE C 208 -30.30 32.72 -7.80
C ILE C 208 -31.49 33.15 -8.64
N GLU C 209 -32.40 33.95 -8.09
CA GLU C 209 -33.54 34.41 -8.87
C GLU C 209 -33.10 35.31 -10.01
N ALA C 210 -31.98 36.02 -9.85
CA ALA C 210 -31.47 36.92 -10.87
C ALA C 210 -30.53 36.25 -11.87
N SER C 211 -30.45 34.91 -11.84
CA SER C 211 -29.48 34.18 -12.70
C SER C 211 -30.07 33.84 -14.07
N LEU C 216 -37.08 27.34 -11.45
CA LEU C 216 -37.00 28.01 -10.13
C LEU C 216 -37.86 27.26 -9.11
N GLU C 217 -38.46 26.14 -9.51
CA GLU C 217 -39.37 25.37 -8.62
C GLU C 217 -38.60 24.82 -7.43
N ALA C 218 -37.41 24.27 -7.65
CA ALA C 218 -36.63 23.66 -6.56
C ALA C 218 -36.18 24.75 -5.58
N LEU C 219 -35.79 25.92 -6.08
CA LEU C 219 -35.47 27.02 -5.17
C LEU C 219 -36.67 27.37 -4.33
N ASN C 220 -37.87 27.37 -4.92
CA ASN C 220 -39.08 27.66 -4.18
C ASN C 220 -39.40 26.57 -3.17
N HIS C 221 -39.12 25.31 -3.52
CA HIS C 221 -39.31 24.22 -2.55
C HIS C 221 -38.42 24.40 -1.33
N VAL C 222 -37.14 24.71 -1.56
CA VAL C 222 -36.23 24.93 -0.44
C VAL C 222 -36.66 26.17 0.34
N ASP C 223 -37.12 27.21 -0.35
CA ASP C 223 -37.58 28.42 0.32
C ASP C 223 -38.77 28.14 1.22
N ALA C 224 -39.74 27.37 0.73
CA ALA C 224 -40.92 27.05 1.53
C ALA C 224 -40.54 26.19 2.73
N TYR C 225 -39.60 25.28 2.54
CA TYR C 225 -39.14 24.46 3.66
C TYR C 225 -38.42 25.30 4.70
N LEU C 226 -37.57 26.22 4.27
CA LEU C 226 -36.78 27.02 5.22
C LEU C 226 -37.64 28.05 5.94
N SER C 227 -38.60 28.65 5.24
CA SER C 227 -39.37 29.76 5.79
C SER C 227 -40.63 29.32 6.51
N SER C 228 -41.29 28.27 6.03
CA SER C 228 -42.61 27.89 6.54
C SER C 228 -42.59 26.58 7.32
N HIS C 229 -41.79 25.60 6.88
CA HIS C 229 -41.74 24.32 7.57
C HIS C 229 -41.05 24.47 8.92
N ASP C 230 -41.57 23.73 9.91
CA ASP C 230 -41.05 23.86 11.27
C ASP C 230 -39.61 23.34 11.38
N ASP C 231 -39.33 22.20 10.76
CA ASP C 231 -37.97 21.67 10.81
C ASP C 231 -37.03 22.50 9.93
N GLY C 232 -37.51 22.93 8.76
CA GLY C 232 -36.70 23.77 7.89
C GLY C 232 -36.38 25.11 8.48
N ARG C 233 -37.19 25.59 9.43
CA ARG C 233 -36.93 26.87 10.09
C ARG C 233 -35.72 26.81 11.02
N GLN C 234 -35.21 25.61 11.33
CA GLN C 234 -34.03 25.45 12.15
C GLN C 234 -32.73 25.49 11.35
N LEU C 235 -32.81 25.60 10.03
CA LEU C 235 -31.63 25.63 9.17
C LEU C 235 -31.24 27.06 8.85
N ARG C 236 -29.93 27.33 8.85
CA ARG C 236 -29.38 28.65 8.56
C ARG C 236 -28.44 28.58 7.37
N PRO C 237 -28.86 28.99 6.17
CA PRO C 237 -27.96 28.97 5.01
C PRO C 237 -26.79 29.94 5.19
N PHE C 238 -25.64 29.58 4.65
CA PHE C 238 -24.44 30.37 4.85
C PHE C 238 -23.50 30.39 3.65
N MET C 239 -23.72 29.51 2.67
CA MET C 239 -22.76 29.31 1.59
C MET C 239 -23.48 28.85 0.32
N LEU C 240 -22.92 29.24 -0.83
CA LEU C 240 -23.39 28.77 -2.12
C LEU C 240 -22.22 28.23 -2.94
N ALA C 241 -22.42 27.08 -3.58
CA ALA C 241 -21.37 26.45 -4.37
C ALA C 241 -21.86 26.20 -5.79
N ILE C 242 -21.01 26.53 -6.77
CA ILE C 242 -21.33 26.33 -8.17
C ILE C 242 -20.20 25.54 -8.83
N ASP C 243 -20.55 24.91 -9.95
CA ASP C 243 -19.60 24.23 -10.82
C ASP C 243 -19.26 25.14 -12.00
N LEU C 244 -17.99 25.15 -12.39
CA LEU C 244 -17.54 26.02 -13.48
C LEU C 244 -17.74 25.35 -14.84
N VAL C 245 -18.98 24.90 -15.09
CA VAL C 245 -19.37 24.34 -16.38
C VAL C 245 -20.49 25.20 -16.93
N GLU C 246 -21.08 24.79 -18.05
CA GLU C 246 -22.19 25.55 -18.63
C GLU C 246 -23.32 25.67 -17.61
N PRO C 247 -23.92 26.84 -17.45
CA PRO C 247 -24.92 27.02 -16.38
C PRO C 247 -26.10 26.06 -16.47
N ALA C 248 -26.43 25.57 -17.66
CA ALA C 248 -27.48 24.56 -17.77
C ALA C 248 -27.07 23.23 -17.16
N ALA C 249 -25.76 22.99 -17.03
CA ALA C 249 -25.23 21.75 -16.47
C ALA C 249 -24.63 21.93 -15.09
N SER C 250 -24.62 23.16 -14.56
CA SER C 250 -24.02 23.42 -13.26
C SER C 250 -25.02 23.17 -12.13
N ARG C 251 -24.51 22.70 -11.01
CA ARG C 251 -25.29 22.54 -9.80
C ARG C 251 -25.35 23.86 -9.04
N LEU C 252 -26.33 23.97 -8.15
CA LEU C 252 -26.47 25.17 -7.31
C LEU C 252 -26.67 24.66 -5.90
N LYS C 253 -25.58 24.52 -5.15
CA LYS C 253 -25.65 23.91 -3.81
C LYS C 253 -25.74 24.96 -2.73
N ILE C 254 -26.88 25.01 -2.03
CA ILE C 254 -27.08 25.98 -0.92
C ILE C 254 -26.78 25.26 0.38
N TYR C 255 -25.66 25.60 1.00
CA TYR C 255 -25.27 24.99 2.25
C TYR C 255 -25.98 25.66 3.41
N ALA C 256 -26.43 24.84 4.37
CA ALA C 256 -27.16 25.32 5.53
C ALA C 256 -26.76 24.51 6.75
N ARG C 257 -26.72 25.19 7.89
CA ARG C 257 -26.31 24.58 9.14
C ARG C 257 -27.44 24.74 10.17
N SER C 258 -27.61 23.72 11.02
CA SER C 258 -28.60 23.75 12.07
C SER C 258 -28.00 23.27 13.38
N ASN C 259 -28.60 23.71 14.48
CA ASN C 259 -28.21 23.29 15.81
C ASN C 259 -28.86 22.00 16.23
N GLN C 260 -29.97 21.62 15.60
CA GLN C 260 -30.61 20.33 15.87
C GLN C 260 -29.80 19.21 15.24
N THR C 261 -29.78 18.05 15.92
CA THR C 261 -28.98 16.92 15.47
C THR C 261 -29.71 15.59 15.51
N SER C 262 -30.99 15.56 15.88
CA SER C 262 -31.71 14.30 15.91
C SER C 262 -31.84 13.73 14.50
N PHE C 263 -31.83 12.41 14.40
CA PHE C 263 -31.91 11.81 13.08
C PHE C 263 -33.28 11.98 12.46
N ARG C 264 -34.33 12.15 13.27
CA ARG C 264 -35.63 12.50 12.71
C ARG C 264 -35.55 13.80 11.92
N PHE C 265 -34.87 14.80 12.48
CA PHE C 265 -34.65 16.06 11.78
C PHE C 265 -33.83 15.85 10.51
N VAL C 266 -32.76 15.06 10.60
CA VAL C 266 -31.91 14.80 9.44
C VAL C 266 -32.72 14.14 8.33
N ARG C 267 -33.55 13.15 8.69
CA ARG C 267 -34.39 12.49 7.71
C ARG C 267 -35.37 13.47 7.08
N ASP C 268 -36.01 14.31 7.89
CA ASP C 268 -36.96 15.27 7.34
C ASP C 268 -36.27 16.22 6.38
N VAL C 269 -35.01 16.57 6.65
CA VAL C 269 -34.25 17.45 5.76
C VAL C 269 -33.93 16.72 4.45
N MET C 270 -33.47 15.46 4.55
CA MET C 270 -33.14 14.69 3.35
C MET C 270 -34.35 14.55 2.43
N THR C 271 -35.55 14.50 3.00
CA THR C 271 -36.79 14.42 2.25
C THR C 271 -37.45 15.78 2.03
N ILE C 272 -36.87 16.85 2.58
CA ILE C 272 -37.41 18.20 2.54
C ILE C 272 -38.82 18.22 3.11
N GLY C 273 -38.97 17.74 4.34
CA GLY C 273 -40.28 17.76 4.98
C GLY C 273 -41.26 16.77 4.41
N GLY C 274 -40.81 15.56 4.12
CA GLY C 274 -41.63 14.58 3.45
C GLY C 274 -41.93 14.89 2.01
N LEU C 275 -41.26 15.89 1.43
CA LEU C 275 -41.58 16.35 0.07
C LEU C 275 -41.28 15.29 -0.97
N ARG C 276 -40.46 14.30 -0.61
CA ARG C 276 -40.06 13.23 -1.56
C ARG C 276 -40.14 11.87 -0.86
N THR C 277 -40.44 10.82 -1.62
CA THR C 277 -40.72 9.50 -0.96
C THR C 277 -39.87 8.35 -1.51
N ASP C 278 -39.07 8.55 -2.54
CA ASP C 278 -38.31 7.42 -3.14
C ASP C 278 -36.93 7.35 -2.51
N LEU C 279 -36.85 7.06 -1.21
CA LEU C 279 -35.56 7.10 -0.53
C LEU C 279 -35.52 6.21 0.71
N ASP C 280 -36.51 5.33 0.91
CA ASP C 280 -36.59 4.56 2.15
C ASP C 280 -35.39 3.64 2.31
N ARG C 281 -34.96 2.96 1.25
CA ARG C 281 -33.81 2.07 1.34
C ARG C 281 -32.53 2.87 1.60
N SER C 282 -32.34 3.96 0.87
CA SER C 282 -31.17 4.79 1.09
C SER C 282 -31.17 5.38 2.49
N ILE C 283 -32.31 5.88 2.96
CA ILE C 283 -32.37 6.48 4.29
C ILE C 283 -32.19 5.43 5.39
N GLU C 284 -32.66 4.20 5.18
CA GLU C 284 -32.39 3.14 6.16
C GLU C 284 -30.89 2.86 6.26
N LYS C 285 -30.23 2.73 5.11
CA LYS C 285 -28.77 2.56 5.13
C LYS C 285 -28.09 3.78 5.74
N PHE C 286 -28.63 4.97 5.49
CA PHE C 286 -28.12 6.19 6.12
C PHE C 286 -28.23 6.13 7.63
N SER C 287 -29.37 5.66 8.15
CA SER C 287 -29.52 5.54 9.60
C SER C 287 -28.46 4.59 10.17
N ASP C 288 -28.27 3.46 9.49
CA ASP C 288 -27.22 2.53 9.90
C ASP C 288 -25.86 3.21 9.93
N LEU C 289 -25.50 3.87 8.81
CA LEU C 289 -24.19 4.50 8.69
C LEU C 289 -24.03 5.65 9.69
N TRP C 290 -25.09 6.42 9.91
CA TRP C 290 -25.04 7.52 10.86
C TRP C 290 -24.69 7.03 12.25
N LYS C 291 -25.36 5.96 12.69
CA LYS C 291 -25.07 5.44 14.01
C LYS C 291 -23.66 4.84 14.05
N ARG C 292 -23.25 4.17 12.97
CA ARG C 292 -21.93 3.54 12.94
C ARG C 292 -20.82 4.58 12.96
N ALA C 293 -20.96 5.64 12.17
CA ALA C 293 -19.95 6.68 12.08
C ALA C 293 -19.86 7.49 13.37
N LEU C 294 -21.00 7.80 13.98
CA LEU C 294 -20.97 8.56 15.23
C LEU C 294 -20.81 7.67 16.46
N GLY C 295 -20.75 6.36 16.27
CA GLY C 295 -20.61 5.45 17.41
C GLY C 295 -21.84 5.34 18.28
N LEU C 296 -23.01 5.60 17.72
CA LEU C 296 -24.25 5.52 18.48
C LEU C 296 -24.74 4.08 18.55
N ASP C 297 -25.56 3.82 19.56
CA ASP C 297 -26.18 2.51 19.72
C ASP C 297 -27.03 2.18 18.49
N PRO C 298 -27.01 0.93 18.01
CA PRO C 298 -27.82 0.58 16.84
C PRO C 298 -29.31 0.78 17.04
N ASP C 299 -29.79 0.75 18.29
CA ASP C 299 -31.18 0.96 18.63
C ASP C 299 -31.44 2.38 19.13
N THR C 300 -30.60 3.33 18.73
CA THR C 300 -30.79 4.71 19.14
C THR C 300 -32.09 5.26 18.58
N PRO C 301 -32.97 5.82 19.43
CA PRO C 301 -34.23 6.39 18.95
C PRO C 301 -33.97 7.55 18.00
N PRO C 302 -34.77 7.67 16.92
CA PRO C 302 -34.53 8.76 15.96
C PRO C 302 -34.81 10.14 16.52
N GLU C 303 -35.50 10.24 17.65
CA GLU C 303 -35.81 11.51 18.29
C GLU C 303 -34.70 12.01 19.20
N ASP C 304 -33.66 11.22 19.45
CA ASP C 304 -32.59 11.61 20.35
C ASP C 304 -31.66 12.61 19.67
N GLU C 305 -31.39 13.70 20.36
CA GLU C 305 -30.41 14.68 19.90
C GLU C 305 -29.00 14.20 20.22
N LEU C 306 -28.04 14.67 19.43
CA LEU C 306 -26.64 14.44 19.76
C LEU C 306 -26.24 15.33 20.94
N PRO C 307 -25.24 14.92 21.72
CA PRO C 307 -24.74 15.80 22.79
C PRO C 307 -24.31 17.14 22.22
N LYS C 308 -24.67 18.20 22.93
CA LYS C 308 -24.50 19.55 22.40
C LYS C 308 -23.03 19.91 22.26
N VAL C 309 -22.67 20.47 21.11
CA VAL C 309 -21.33 20.98 20.84
C VAL C 309 -21.47 22.45 20.50
N ASP C 310 -20.73 23.30 21.21
CA ASP C 310 -20.75 24.74 20.96
C ASP C 310 -19.56 25.08 20.07
N HIS C 311 -19.81 25.20 18.77
CA HIS C 311 -18.79 25.59 17.81
C HIS C 311 -19.47 26.27 16.64
N LEU C 312 -18.69 27.06 15.91
CA LEU C 312 -19.21 27.74 14.72
C LEU C 312 -19.82 26.76 13.73
N THR C 313 -19.20 25.60 13.55
CA THR C 313 -19.64 24.63 12.55
C THR C 313 -20.22 23.37 13.19
N SER C 314 -20.74 23.49 14.41
CA SER C 314 -21.35 22.36 15.09
C SER C 314 -22.76 22.14 14.55
N GLY C 315 -23.40 21.08 15.01
CA GLY C 315 -24.73 20.77 14.53
C GLY C 315 -24.68 20.04 13.20
N ALA C 316 -25.88 19.86 12.63
CA ALA C 316 -26.00 19.15 11.36
C ALA C 316 -25.89 20.13 10.21
N VAL C 317 -25.17 19.72 9.16
CA VAL C 317 -24.97 20.60 8.00
C VAL C 317 -25.37 19.84 6.75
N PHE C 318 -26.02 20.55 5.83
CA PHE C 318 -26.53 19.96 4.60
C PHE C 318 -26.29 20.92 3.46
N ASN C 319 -26.51 20.43 2.24
CA ASN C 319 -26.66 21.33 1.11
C ASN C 319 -27.80 20.86 0.23
N PHE C 320 -28.50 21.83 -0.35
CA PHE C 320 -29.59 21.59 -1.28
C PHE C 320 -29.14 21.93 -2.69
N ASP C 321 -29.24 20.96 -3.58
CA ASP C 321 -28.98 21.17 -5.00
C ASP C 321 -30.29 21.46 -5.71
N VAL C 322 -30.39 22.72 -6.12
CA VAL C 322 -31.53 23.16 -6.94
C VAL C 322 -31.00 23.16 -8.38
N GLN C 327 -37.10 19.29 -10.84
CA GLN C 327 -37.57 20.46 -10.06
C GLN C 327 -37.72 20.06 -8.60
N ILE C 328 -37.20 18.90 -8.25
CA ILE C 328 -37.25 18.39 -6.85
C ILE C 328 -35.79 18.44 -6.40
N PRO C 329 -35.45 19.19 -5.35
CA PRO C 329 -34.04 19.37 -4.98
C PRO C 329 -33.44 18.10 -4.40
N GLU C 330 -32.11 18.01 -4.46
CA GLU C 330 -31.42 16.92 -3.77
C GLU C 330 -30.71 17.46 -2.54
N VAL C 331 -30.57 16.61 -1.53
CA VAL C 331 -29.97 17.01 -0.28
C VAL C 331 -28.75 16.13 -0.02
N LYS C 332 -27.66 16.76 0.41
CA LYS C 332 -26.47 16.03 0.86
C LYS C 332 -26.23 16.38 2.31
N ALA C 333 -26.08 15.36 3.14
CA ALA C 333 -25.83 15.57 4.56
C ALA C 333 -24.36 15.36 4.87
N TYR C 334 -23.84 16.12 5.82
CA TYR C 334 -22.45 15.98 6.23
C TYR C 334 -22.45 15.57 7.70
N ILE C 335 -22.07 14.33 7.97
CA ILE C 335 -21.98 13.80 9.32
C ILE C 335 -20.77 14.44 9.99
N PRO C 336 -20.96 15.25 11.04
CA PRO C 336 -19.84 15.94 11.68
C PRO C 336 -19.01 15.01 12.54
N VAL C 337 -18.11 14.25 11.91
CA VAL C 337 -17.32 13.27 12.62
C VAL C 337 -16.47 13.95 13.69
N ARG C 338 -15.87 15.10 13.35
CA ARG C 338 -14.92 15.73 14.25
C ARG C 338 -15.59 16.19 15.54
N HIS C 339 -16.88 16.52 15.50
CA HIS C 339 -17.56 17.10 16.64
C HIS C 339 -18.24 16.08 17.54
N TYR C 340 -18.63 14.92 17.00
CA TYR C 340 -19.48 13.99 17.73
C TYR C 340 -18.95 12.55 17.82
N ALA C 341 -17.94 12.17 17.03
CA ALA C 341 -17.39 10.83 17.10
C ALA C 341 -16.43 10.68 18.29
N ASN C 342 -16.04 9.43 18.56
CA ASN C 342 -15.13 9.17 19.67
C ASN C 342 -13.67 9.44 19.27
N ASN C 343 -13.23 8.86 18.16
CA ASN C 343 -11.87 9.08 17.64
C ASN C 343 -11.87 8.76 16.16
N ASP C 344 -10.80 9.20 15.48
CA ASP C 344 -10.74 9.08 14.02
C ASP C 344 -10.69 7.62 13.57
N LEU C 345 -9.91 6.79 14.27
CA LEU C 345 -9.81 5.38 13.88
C LEU C 345 -11.15 4.66 14.04
N GLN C 346 -11.88 4.95 15.11
CA GLN C 346 -13.18 4.30 15.33
C GLN C 346 -14.14 4.67 14.22
N ALA C 347 -14.22 5.97 13.87
CA ALA C 347 -15.11 6.40 12.81
C ALA C 347 -14.71 5.80 11.47
N ALA C 348 -13.40 5.69 11.23
CA ALA C 348 -12.92 5.10 9.99
C ALA C 348 -13.28 3.64 9.90
N LEU C 349 -13.15 2.90 11.01
CA LEU C 349 -13.52 1.49 10.99
C LEU C 349 -15.02 1.31 10.84
N GLY C 350 -15.82 2.23 11.38
CA GLY C 350 -17.27 2.15 11.14
C GLY C 350 -17.63 2.37 9.68
N LEU C 351 -17.02 3.39 9.05
CA LEU C 351 -17.27 3.64 7.65
C LEU C 351 -16.82 2.47 6.79
N ILE C 352 -15.62 1.94 7.08
CA ILE C 352 -15.09 0.82 6.31
C ILE C 352 -15.96 -0.42 6.51
N GLY C 353 -16.49 -0.61 7.72
CA GLY C 353 -17.37 -1.74 7.95
C GLY C 353 -18.64 -1.64 7.14
N TYR C 354 -19.24 -0.45 7.08
CA TYR C 354 -20.42 -0.28 6.22
C TYR C 354 -20.07 -0.55 4.76
N LEU C 355 -18.98 0.06 4.28
CA LEU C 355 -18.60 -0.08 2.87
C LEU C 355 -18.36 -1.55 2.50
N GLU C 356 -17.63 -2.27 3.35
CA GLU C 356 -17.37 -3.69 3.07
C GLU C 356 -18.65 -4.51 3.21
N ASP C 357 -19.54 -4.15 4.14
CA ASP C 357 -20.81 -4.84 4.25
C ASP C 357 -21.67 -4.67 3.00
N HIS C 358 -21.44 -3.59 2.24
CA HIS C 358 -22.19 -3.37 1.01
C HIS C 358 -21.34 -3.58 -0.24
N GLY C 359 -20.17 -4.20 -0.12
CA GLY C 359 -19.32 -4.49 -1.25
C GLY C 359 -18.66 -3.28 -1.88
N HIS C 360 -18.31 -2.28 -1.08
CA HIS C 360 -17.69 -1.06 -1.56
C HIS C 360 -16.37 -0.77 -0.86
N GLY C 361 -15.76 -1.76 -0.21
CA GLY C 361 -14.57 -1.50 0.59
C GLY C 361 -13.27 -2.05 0.04
N GLY C 362 -13.09 -2.00 -1.28
CA GLY C 362 -11.85 -2.48 -1.88
C GLY C 362 -10.64 -1.64 -1.52
N TYR C 363 -10.84 -0.37 -1.22
CA TYR C 363 -9.75 0.57 -0.92
C TYR C 363 -9.67 0.92 0.55
N SER C 364 -10.10 0.01 1.43
CA SER C 364 -10.10 0.29 2.86
C SER C 364 -8.69 0.45 3.41
N GLN C 365 -7.77 -0.44 2.99
CA GLN C 365 -6.40 -0.36 3.48
C GLN C 365 -5.70 0.90 2.97
N SER C 366 -5.92 1.25 1.70
CA SER C 366 -5.34 2.48 1.17
C SER C 366 -5.87 3.70 1.93
N TYR C 367 -7.16 3.73 2.24
CA TYR C 367 -7.72 4.83 3.00
C TYR C 367 -7.09 4.90 4.39
N LEU C 368 -6.89 3.75 5.02
CA LEU C 368 -6.24 3.75 6.33
C LEU C 368 -4.81 4.28 6.24
N ARG C 369 -4.07 3.89 5.20
CA ARG C 369 -2.71 4.40 5.02
C ARG C 369 -2.70 5.90 4.79
N GLY C 370 -3.69 6.42 4.05
CA GLY C 370 -3.78 7.85 3.85
C GLY C 370 -4.09 8.59 5.15
N LEU C 371 -4.97 8.01 5.97
CA LEU C 371 -5.24 8.60 7.28
C LEU C 371 -3.99 8.63 8.14
N ASP C 372 -3.23 7.53 8.14
CA ASP C 372 -1.99 7.49 8.90
C ASP C 372 -1.00 8.52 8.37
N MET C 373 -1.03 8.78 7.06
CA MET C 373 -0.18 9.83 6.50
C MET C 373 -0.62 11.21 6.98
N LEU C 374 -1.92 11.44 7.11
CA LEU C 374 -2.41 12.76 7.50
C LEU C 374 -2.41 12.97 9.02
N ALA C 375 -2.57 11.90 9.80
CA ALA C 375 -2.81 12.04 11.23
C ALA C 375 -1.52 12.41 11.96
N PRO C 376 -1.63 13.21 13.02
CA PRO C 376 -0.46 13.44 13.87
C PRO C 376 0.06 12.11 14.44
N SER C 377 1.38 11.99 14.47
CA SER C 377 2.05 10.74 14.86
C SER C 377 1.53 10.23 16.20
N GLY C 378 0.82 9.11 16.17
CA GLY C 378 0.32 8.49 17.38
C GLY C 378 -0.90 9.15 17.98
N GLN C 379 -1.84 9.60 17.14
CA GLN C 379 -3.05 10.25 17.61
C GLN C 379 -4.30 9.75 16.91
N LEU C 380 -4.16 8.86 15.92
CA LEU C 380 -5.30 8.41 15.14
C LEU C 380 -6.37 7.75 16.01
N ASP C 381 -5.96 6.89 16.94
CA ASP C 381 -6.90 6.17 17.78
C ASP C 381 -7.17 6.85 19.12
N GLN C 382 -6.67 8.08 19.32
CA GLN C 382 -6.83 8.76 20.59
C GLN C 382 -7.66 10.04 20.50
N ALA C 383 -7.79 10.63 19.32
CA ALA C 383 -8.53 11.88 19.17
C ALA C 383 -9.17 11.92 17.79
N THR C 384 -9.96 12.97 17.57
CA THR C 384 -10.55 13.26 16.27
C THR C 384 -9.78 14.42 15.62
N GLY C 385 -10.25 14.84 14.44
CA GLY C 385 -9.64 15.96 13.77
C GLY C 385 -9.23 15.70 12.34
N VAL C 386 -8.84 14.46 12.04
CA VAL C 386 -8.42 14.11 10.67
C VAL C 386 -9.61 14.11 9.73
N GLN C 387 -10.64 13.33 10.08
CA GLN C 387 -11.87 13.24 9.29
C GLN C 387 -12.86 14.28 9.78
N THR C 388 -13.09 15.32 8.97
CA THR C 388 -14.02 16.38 9.37
C THR C 388 -15.47 15.96 9.17
N TYR C 389 -15.80 15.46 7.98
CA TYR C 389 -17.17 15.09 7.67
C TYR C 389 -17.20 13.76 6.92
N PHE C 390 -18.31 13.05 7.08
CA PHE C 390 -18.69 11.99 6.15
C PHE C 390 -19.93 12.48 5.40
N ALA C 391 -19.75 12.84 4.13
CA ALA C 391 -20.86 13.28 3.32
C ALA C 391 -21.63 12.08 2.77
N VAL C 392 -22.95 12.18 2.83
CA VAL C 392 -23.86 11.11 2.45
C VAL C 392 -24.90 11.71 1.51
N ALA C 393 -25.00 11.14 0.31
CA ALA C 393 -26.07 11.46 -0.62
C ALA C 393 -26.82 10.18 -0.98
N CYS C 394 -28.12 10.31 -1.23
CA CYS C 394 -28.95 9.16 -1.56
C CYS C 394 -29.00 9.00 -3.08
N GLN C 395 -28.40 7.92 -3.58
CA GLN C 395 -28.36 7.62 -5.00
C GLN C 395 -29.16 6.35 -5.23
N GLY C 396 -30.42 6.52 -5.63
CA GLY C 396 -31.30 5.38 -5.85
C GLY C 396 -31.57 4.61 -4.59
N GLU C 397 -30.97 3.42 -4.48
CA GLU C 397 -31.09 2.59 -3.30
C GLU C 397 -29.83 2.59 -2.45
N ASP C 398 -28.77 3.25 -2.88
CA ASP C 398 -27.49 3.19 -2.20
C ASP C 398 -27.08 4.58 -1.70
N LEU C 399 -25.96 4.60 -0.99
CA LEU C 399 -25.39 5.83 -0.47
C LEU C 399 -24.13 6.16 -1.23
N SER C 400 -23.96 7.44 -1.53
CA SER C 400 -22.72 7.97 -2.05
C SER C 400 -22.01 8.65 -0.90
N LEU C 401 -20.82 8.17 -0.57
CA LEU C 401 -20.11 8.57 0.63
C LEU C 401 -18.82 9.27 0.24
N THR C 402 -18.50 10.33 0.98
CA THR C 402 -17.27 11.08 0.77
C THR C 402 -16.65 11.37 2.12
N SER C 403 -15.35 11.11 2.25
CA SER C 403 -14.62 11.41 3.47
C SER C 403 -13.90 12.73 3.28
N TYR C 404 -14.12 13.68 4.19
CA TYR C 404 -13.40 14.94 4.15
C TYR C 404 -12.31 14.94 5.22
N LEU C 405 -11.13 15.42 4.86
CA LEU C 405 -9.91 15.20 5.61
C LEU C 405 -9.18 16.52 5.82
N ASN C 406 -8.82 16.79 7.08
CA ASN C 406 -8.08 17.98 7.46
C ASN C 406 -6.68 17.57 7.87
N PRO C 407 -5.63 18.06 7.19
CA PRO C 407 -4.26 17.69 7.60
C PRO C 407 -3.85 18.27 8.95
N GLN C 408 -4.58 19.26 9.47
CA GLN C 408 -4.34 19.83 10.79
C GLN C 408 -2.90 20.33 10.94
N PHE C 409 -2.53 21.28 10.07
CA PHE C 409 -1.20 21.86 10.14
C PHE C 409 -0.97 22.60 11.45
N TYR C 410 -2.02 23.20 12.00
CA TYR C 410 -1.91 24.04 13.19
C TYR C 410 -2.33 23.31 14.45
N ALA C 411 -3.35 22.46 14.37
CA ALA C 411 -3.72 21.62 15.51
C ALA C 411 -2.62 20.64 15.88
N ALA C 412 -1.74 20.30 14.94
CA ALA C 412 -0.61 19.41 15.22
C ALA C 412 0.72 20.12 15.01
N SER D 11 -3.49 -4.09 12.24
CA SER D 11 -2.38 -4.97 11.94
C SER D 11 -2.52 -6.32 12.65
N VAL D 12 -2.32 -7.41 11.90
CA VAL D 12 -2.38 -8.75 12.47
C VAL D 12 -1.34 -8.91 13.58
N TRP D 13 -0.13 -8.39 13.35
CA TRP D 13 0.92 -8.52 14.35
C TRP D 13 0.54 -7.79 15.64
N LYS D 14 -0.07 -6.61 15.52
CA LYS D 14 -0.47 -5.87 16.71
C LYS D 14 -1.53 -6.64 17.49
N THR D 15 -2.49 -7.26 16.79
CA THR D 15 -3.51 -8.06 17.45
C THR D 15 -2.90 -9.22 18.22
N LEU D 16 -2.03 -9.99 17.55
CA LEU D 16 -1.41 -11.13 18.20
C LEU D 16 -0.55 -10.68 19.37
N ASN D 17 0.19 -9.58 19.21
CA ASN D 17 1.00 -9.06 20.30
C ASN D 17 0.14 -8.60 21.46
N LYS D 18 -1.08 -8.14 21.17
CA LYS D 18 -2.01 -7.74 22.22
C LYS D 18 -2.48 -8.95 23.02
N TRP D 19 -2.67 -10.10 22.37
CA TRP D 19 -3.32 -11.20 23.07
C TRP D 19 -2.41 -12.38 23.40
N LEU D 20 -1.33 -12.59 22.65
CA LEU D 20 -0.43 -13.67 22.99
C LEU D 20 0.32 -13.35 24.27
N PRO D 21 0.73 -14.38 25.03
CA PRO D 21 1.47 -14.13 26.27
C PRO D 21 2.78 -13.41 25.99
N PRO D 22 3.20 -12.50 26.88
CA PRO D 22 4.40 -11.71 26.62
C PRO D 22 5.66 -12.56 26.67
N LEU D 23 6.68 -12.07 25.97
CA LEU D 23 7.97 -12.77 25.87
C LEU D 23 9.06 -12.01 26.61
N SER D 24 10.17 -12.70 26.82
CA SER D 24 11.36 -12.09 27.39
C SER D 24 11.95 -11.07 26.40
N ARG D 25 12.94 -10.31 26.88
CA ARG D 25 13.44 -9.15 26.13
C ARG D 25 13.94 -9.56 24.75
N ASP D 26 14.76 -10.60 24.67
CA ASP D 26 15.34 -11.01 23.40
C ASP D 26 14.28 -11.53 22.43
N LYS D 27 13.46 -12.47 22.89
CA LYS D 27 12.41 -12.98 21.99
C LYS D 27 11.42 -11.89 21.64
N ASP D 28 11.13 -10.99 22.58
CA ASP D 28 10.23 -9.88 22.25
C ASP D 28 10.82 -9.00 21.16
N TRP D 29 12.14 -8.79 21.19
CA TRP D 29 12.79 -8.05 20.12
C TRP D 29 12.68 -8.78 18.79
N TRP D 30 12.95 -10.08 18.80
CA TRP D 30 12.81 -10.87 17.58
C TRP D 30 11.37 -10.90 17.10
N TRP D 31 10.41 -10.97 18.01
CA TRP D 31 8.99 -10.97 17.66
C TRP D 31 8.61 -9.64 17.01
N LYS D 32 8.99 -8.53 17.65
CA LYS D 32 8.67 -7.20 17.14
C LYS D 32 9.50 -6.82 15.93
N THR D 33 10.51 -7.62 15.57
CA THR D 33 11.26 -7.39 14.35
C THR D 33 10.78 -8.28 13.21
N LEU D 34 10.77 -9.59 13.42
CA LEU D 34 10.38 -10.52 12.36
C LEU D 34 8.88 -10.45 12.06
N GLY D 35 8.04 -10.34 13.10
CA GLY D 35 6.62 -10.31 12.91
C GLY D 35 6.17 -9.23 11.95
N PRO D 36 6.47 -7.97 12.25
CA PRO D 36 6.11 -6.90 11.30
C PRO D 36 6.73 -7.09 9.92
N GLN D 37 7.94 -7.63 9.84
CA GLN D 37 8.56 -7.84 8.53
C GLN D 37 7.80 -8.88 7.72
N ILE D 38 7.52 -10.03 8.33
CA ILE D 38 6.75 -11.08 7.64
C ILE D 38 5.35 -10.59 7.31
N ASN D 39 4.71 -9.89 8.26
CA ASN D 39 3.36 -9.41 8.03
C ASN D 39 3.34 -8.38 6.90
N THR D 40 4.35 -7.51 6.83
CA THR D 40 4.44 -6.54 5.75
C THR D 40 4.63 -7.23 4.41
N LEU D 41 5.53 -8.22 4.35
CA LEU D 41 5.74 -8.94 3.10
C LEU D 41 4.47 -9.64 2.65
N LEU D 42 3.75 -10.27 3.58
CA LEU D 42 2.51 -10.96 3.21
C LEU D 42 1.42 -9.97 2.80
N THR D 43 1.36 -8.82 3.47
CA THR D 43 0.37 -7.81 3.13
C THR D 43 0.63 -7.25 1.74
N GLU D 44 1.90 -6.92 1.45
CA GLU D 44 2.24 -6.38 0.15
C GLU D 44 1.97 -7.39 -0.96
N ALA D 45 2.04 -8.68 -0.65
CA ALA D 45 1.74 -9.73 -1.60
C ALA D 45 0.26 -10.12 -1.60
N ASP D 46 -0.58 -9.36 -0.90
CA ASP D 46 -2.04 -9.55 -0.92
C ASP D 46 -2.44 -10.92 -0.40
N TYR D 47 -1.74 -11.39 0.63
CA TYR D 47 -2.15 -12.59 1.34
C TYR D 47 -3.41 -12.34 2.15
N ASP D 48 -4.26 -13.36 2.24
CA ASP D 48 -5.48 -13.22 3.01
C ASP D 48 -5.15 -13.04 4.49
N LEU D 49 -6.10 -12.45 5.22
CA LEU D 49 -5.85 -12.13 6.62
C LEU D 49 -5.56 -13.41 7.42
N ASN D 50 -6.30 -14.48 7.11
CA ASN D 50 -6.14 -15.73 7.82
C ASN D 50 -4.76 -16.34 7.59
N GLU D 51 -4.22 -16.18 6.37
CA GLU D 51 -2.89 -16.71 6.10
C GLU D 51 -1.82 -15.94 6.85
N ARG D 52 -2.03 -14.63 7.04
CA ARG D 52 -1.10 -13.85 7.86
C ARG D 52 -1.17 -14.30 9.31
N TYR D 53 -2.39 -14.60 9.80
CA TYR D 53 -2.52 -15.11 11.15
C TYR D 53 -1.78 -16.42 11.32
N GLU D 54 -1.96 -17.36 10.38
CA GLU D 54 -1.24 -18.64 10.48
C GLU D 54 0.27 -18.43 10.49
N ALA D 55 0.77 -17.58 9.58
CA ALA D 55 2.21 -17.41 9.49
C ALA D 55 2.78 -16.80 10.77
N LEU D 56 2.13 -15.77 11.31
CA LEU D 56 2.67 -15.15 12.52
C LEU D 56 2.50 -16.05 13.73
N LEU D 57 1.45 -16.88 13.77
CA LEU D 57 1.32 -17.83 14.88
C LEU D 57 2.43 -18.87 14.85
N LEU D 58 2.73 -19.39 13.66
CA LEU D 58 3.85 -20.31 13.52
C LEU D 58 5.15 -19.65 13.98
N LEU D 59 5.41 -18.42 13.49
CA LEU D 59 6.61 -17.69 13.87
C LEU D 59 6.71 -17.55 15.39
N TYR D 60 5.62 -17.12 16.03
CA TYR D 60 5.63 -16.92 17.47
C TYR D 60 5.85 -18.23 18.20
N ARG D 61 5.35 -19.34 17.67
CA ARG D 61 5.38 -20.61 18.39
C ARG D 61 6.72 -21.32 18.26
N TRP D 62 7.25 -21.41 17.04
CA TRP D 62 8.39 -22.28 16.77
C TRP D 62 9.67 -21.59 16.32
N VAL D 63 9.60 -20.32 15.90
CA VAL D 63 10.76 -19.61 15.36
C VAL D 63 11.30 -18.60 16.37
N VAL D 64 10.44 -17.68 16.82
CA VAL D 64 10.89 -16.65 17.75
C VAL D 64 11.59 -17.23 18.99
N PRO D 65 11.07 -18.27 19.65
CA PRO D 65 11.76 -18.81 20.83
C PRO D 65 13.18 -19.36 20.56
N GLU D 66 13.55 -19.66 19.32
CA GLU D 66 14.84 -20.28 19.03
C GLU D 66 15.77 -19.35 18.23
N MET D 67 15.60 -18.04 18.37
CA MET D 67 16.43 -17.09 17.65
C MET D 67 17.65 -16.60 18.44
N GLY D 68 17.72 -16.90 19.73
CA GLY D 68 18.88 -16.52 20.52
C GLY D 68 18.86 -15.07 20.93
N PRO D 69 19.98 -14.59 21.46
CA PRO D 69 20.04 -13.20 21.91
C PRO D 69 19.89 -12.22 20.77
N ARG D 70 19.29 -11.07 21.08
CA ARG D 70 19.08 -10.02 20.10
C ARG D 70 20.40 -9.36 19.70
N PRO D 71 20.49 -8.80 18.50
CA PRO D 71 21.71 -8.08 18.10
C PRO D 71 21.99 -6.89 19.01
N ARG D 72 23.27 -6.71 19.35
CA ARG D 72 23.71 -5.60 20.17
C ARG D 72 24.85 -4.79 19.55
N SER D 73 25.34 -5.19 18.36
CA SER D 73 26.41 -4.47 17.69
C SER D 73 26.35 -4.79 16.20
N SER D 74 27.36 -4.35 15.46
CA SER D 74 27.46 -4.70 14.04
C SER D 74 28.10 -6.06 13.81
N VAL D 75 28.67 -6.67 14.86
CA VAL D 75 29.26 -8.00 14.78
C VAL D 75 28.22 -9.03 15.21
N ALA D 76 28.00 -10.03 14.36
CA ALA D 76 27.02 -11.07 14.64
C ALA D 76 27.57 -12.10 15.62
N PRO D 77 26.69 -12.73 16.41
CA PRO D 77 27.16 -13.75 17.37
C PRO D 77 27.60 -15.04 16.73
N SER D 78 27.41 -15.22 15.41
CA SER D 78 27.80 -16.43 14.73
C SER D 78 28.28 -16.09 13.33
N LYS D 79 28.79 -17.10 12.63
CA LYS D 79 29.16 -16.96 11.23
C LYS D 79 28.15 -17.69 10.34
N SER D 80 26.86 -17.49 10.61
CA SER D 80 25.80 -18.21 9.89
C SER D 80 25.94 -18.05 8.38
N PHE D 81 25.86 -19.17 7.66
CA PHE D 81 25.94 -19.20 6.20
C PHE D 81 24.65 -18.73 5.52
N MET D 82 23.65 -18.28 6.29
CA MET D 82 22.39 -17.87 5.70
C MET D 82 22.56 -16.64 4.81
N THR D 83 23.25 -15.62 5.30
CA THR D 83 23.47 -14.38 4.55
C THR D 83 24.91 -13.92 4.80
N ASP D 84 25.35 -12.94 4.00
CA ASP D 84 26.74 -12.49 4.07
C ASP D 84 27.05 -11.82 5.41
N ASP D 85 26.11 -11.04 5.94
CA ASP D 85 26.29 -10.42 7.25
C ASP D 85 25.88 -11.33 8.39
N HIS D 86 25.64 -12.61 8.09
CA HIS D 86 25.29 -13.63 9.07
C HIS D 86 23.95 -13.41 9.73
N SER D 87 23.04 -12.68 9.08
CA SER D 87 21.66 -12.66 9.54
C SER D 87 21.07 -14.05 9.39
N PRO D 88 20.46 -14.62 10.42
CA PRO D 88 19.94 -15.98 10.33
C PRO D 88 18.60 -16.11 9.63
N ILE D 89 18.18 -15.09 8.91
CA ILE D 89 16.89 -15.06 8.25
C ILE D 89 17.07 -14.54 6.83
N GLU D 90 16.43 -15.21 5.87
CA GLU D 90 16.42 -14.72 4.49
C GLU D 90 15.03 -14.88 3.93
N TYR D 91 14.42 -13.79 3.49
CA TYR D 91 13.10 -13.85 2.88
C TYR D 91 13.23 -14.07 1.38
N SER D 92 12.19 -14.64 0.77
CA SER D 92 12.16 -14.72 -0.69
C SER D 92 10.75 -14.40 -1.19
N TRP D 93 10.75 -13.75 -2.35
CA TRP D 93 9.58 -13.15 -2.99
C TRP D 93 9.58 -13.67 -4.43
N LYS D 94 8.75 -14.66 -4.71
CA LYS D 94 8.69 -15.27 -6.03
C LYS D 94 7.62 -14.57 -6.87
N TRP D 95 8.03 -14.06 -8.02
CA TRP D 95 7.13 -13.36 -8.93
C TRP D 95 6.35 -14.37 -9.77
N ILE D 96 5.03 -14.36 -9.65
CA ILE D 96 4.17 -15.27 -10.40
C ILE D 96 3.62 -14.57 -11.63
N SER D 97 3.64 -15.26 -12.76
CA SER D 97 3.16 -14.70 -14.02
C SER D 97 1.63 -14.55 -14.01
N GLY D 98 1.11 -13.88 -15.03
CA GLY D 98 -0.32 -13.63 -15.13
C GLY D 98 -0.88 -12.63 -14.14
N ASN D 99 -0.08 -11.65 -13.73
CA ASN D 99 -0.49 -10.61 -12.78
C ASN D 99 -1.04 -11.21 -11.49
N LYS D 100 -0.54 -12.39 -11.11
CA LYS D 100 -0.94 -13.06 -9.89
C LYS D 100 -0.09 -12.62 -8.70
N LYS D 101 -0.54 -12.99 -7.50
CA LYS D 101 0.12 -12.58 -6.27
C LYS D 101 1.50 -13.23 -6.14
N PRO D 102 2.49 -12.51 -5.62
CA PRO D 102 3.79 -13.13 -5.35
C PRO D 102 3.69 -14.14 -4.22
N GLU D 103 4.63 -15.09 -4.24
CA GLU D 103 4.72 -16.11 -3.20
C GLU D 103 5.82 -15.75 -2.20
N ILE D 104 5.46 -15.68 -0.93
CA ILE D 104 6.45 -15.29 0.13
C ILE D 104 6.92 -16.55 0.85
N ARG D 105 8.24 -16.69 1.00
CA ARG D 105 8.83 -17.83 1.73
C ARG D 105 9.94 -17.25 2.62
N TYR D 106 10.45 -18.04 3.57
CA TYR D 106 11.61 -17.56 4.38
C TYR D 106 12.43 -18.73 4.92
N ALA D 107 13.75 -18.61 4.80
CA ALA D 107 14.67 -19.57 5.37
C ALA D 107 15.22 -19.05 6.70
N VAL D 108 15.42 -19.97 7.64
CA VAL D 108 15.85 -19.67 8.99
C VAL D 108 16.82 -20.75 9.46
N GLU D 109 17.85 -20.33 10.20
CA GLU D 109 18.73 -21.21 10.95
C GLU D 109 18.52 -20.90 12.43
N LEU D 110 17.77 -21.75 13.13
CA LEU D 110 17.59 -21.57 14.56
C LEU D 110 18.87 -21.91 15.32
N VAL D 111 18.95 -21.42 16.56
CA VAL D 111 20.15 -21.56 17.38
C VAL D 111 19.73 -21.89 18.80
N SER D 112 20.68 -22.41 19.56
CA SER D 112 20.50 -22.78 20.95
C SER D 112 21.79 -22.47 21.69
N PRO D 113 21.74 -22.39 23.03
CA PRO D 113 22.98 -22.16 23.79
C PRO D 113 24.01 -23.27 23.62
N LEU D 114 23.61 -24.45 23.14
CA LEU D 114 24.56 -25.53 22.92
C LEU D 114 25.44 -25.28 21.70
N ALA D 115 25.14 -24.30 20.87
CA ALA D 115 25.87 -24.06 19.64
C ALA D 115 27.34 -23.77 19.94
N GLY D 116 28.23 -24.53 19.29
CA GLY D 116 29.66 -24.40 19.46
C GLY D 116 30.28 -25.37 20.45
N SER D 117 29.49 -25.92 21.37
CA SER D 117 30.01 -26.87 22.35
C SER D 117 30.04 -28.27 21.74
N LYS D 118 30.56 -29.23 22.52
CA LYS D 118 30.63 -30.61 22.07
C LYS D 118 29.26 -31.23 21.85
N GLN D 119 28.22 -30.71 22.50
CA GLN D 119 26.88 -31.26 22.35
C GLN D 119 26.20 -30.83 21.05
N ASP D 120 26.65 -29.75 20.44
CA ASP D 120 26.09 -29.26 19.18
C ASP D 120 27.10 -28.36 18.48
N PRO D 121 28.21 -28.92 17.99
CA PRO D 121 29.30 -28.08 17.48
C PRO D 121 28.96 -27.31 16.21
N PHE D 122 27.94 -27.73 15.45
CA PHE D 122 27.62 -27.06 14.19
C PHE D 122 26.16 -26.61 14.14
N ASN D 123 25.50 -26.51 15.30
CA ASN D 123 24.14 -25.96 15.42
C ASN D 123 23.16 -26.70 14.50
N GLN D 124 22.99 -27.99 14.76
CA GLN D 124 22.10 -28.82 13.97
C GLN D 124 20.81 -29.21 14.69
N ILE D 125 20.86 -29.33 16.02
CA ILE D 125 19.67 -29.78 16.77
C ILE D 125 18.50 -28.82 16.67
N PRO D 126 18.67 -27.48 16.76
CA PRO D 126 17.48 -26.61 16.70
C PRO D 126 16.70 -26.76 15.40
N THR D 127 17.38 -26.89 14.26
CA THR D 127 16.69 -27.10 12.98
C THR D 127 15.97 -28.45 12.98
N ARG D 128 16.61 -29.49 13.50
CA ARG D 128 15.97 -30.80 13.60
C ARG D 128 14.73 -30.75 14.48
N ASN D 129 14.81 -30.05 15.61
CA ASN D 129 13.64 -29.92 16.49
C ASN D 129 12.52 -29.16 15.81
N LEU D 130 12.85 -28.11 15.06
CA LEU D 130 11.83 -27.40 14.30
C LEU D 130 11.14 -28.34 13.33
N VAL D 131 11.93 -29.17 12.63
CA VAL D 131 11.37 -30.12 11.67
C VAL D 131 10.45 -31.10 12.38
N TYR D 132 10.88 -31.61 13.54
CA TYR D 132 10.10 -32.61 14.24
C TYR D 132 8.79 -32.02 14.75
N ASN D 133 8.84 -30.79 15.26
CA ASN D 133 7.66 -30.10 15.75
C ASN D 133 6.65 -29.87 14.62
N LEU D 134 7.15 -29.39 13.48
CA LEU D 134 6.25 -29.16 12.34
C LEU D 134 5.67 -30.46 11.83
N ALA D 135 6.47 -31.54 11.86
CA ALA D 135 5.94 -32.85 11.46
C ALA D 135 4.84 -33.30 12.42
N LYS D 136 4.95 -32.94 13.70
CA LYS D 136 3.89 -33.26 14.64
C LYS D 136 2.62 -32.48 14.32
N ILE D 137 2.76 -31.22 13.90
CA ILE D 137 1.57 -30.41 13.64
C ILE D 137 1.03 -30.56 12.21
N ILE D 138 1.90 -30.83 11.24
CA ILE D 138 1.49 -30.92 9.83
C ILE D 138 1.67 -32.34 9.33
N PRO D 139 0.61 -33.17 9.38
CA PRO D 139 0.77 -34.58 9.01
C PRO D 139 1.17 -34.83 7.57
N GLU D 140 0.94 -33.87 6.66
CA GLU D 140 1.29 -34.08 5.26
C GLU D 140 2.79 -34.07 5.02
N LEU D 141 3.60 -33.61 5.97
CA LEU D 141 5.05 -33.62 5.82
C LEU D 141 5.60 -35.03 5.91
N ASP D 142 6.48 -35.39 4.97
CA ASP D 142 7.16 -36.68 4.96
C ASP D 142 8.62 -36.45 5.33
N LEU D 143 9.13 -37.22 6.30
CA LEU D 143 10.48 -37.04 6.83
C LEU D 143 11.43 -38.18 6.47
N THR D 144 11.07 -39.04 5.53
CA THR D 144 11.92 -40.18 5.18
C THR D 144 13.28 -39.71 4.64
N TRP D 145 13.23 -38.88 3.61
CA TRP D 145 14.47 -38.38 3.02
C TRP D 145 15.16 -37.41 3.97
N PHE D 146 14.42 -36.74 4.85
CA PHE D 146 15.05 -35.89 5.85
C PHE D 146 15.96 -36.72 6.74
N GLU D 147 15.46 -37.83 7.26
CA GLU D 147 16.26 -38.67 8.15
C GLU D 147 17.41 -39.32 7.40
N HIS D 148 17.16 -39.75 6.16
CA HIS D 148 18.20 -40.40 5.37
C HIS D 148 19.37 -39.45 5.09
N PHE D 149 19.06 -38.27 4.52
CA PHE D 149 20.13 -37.33 4.20
C PHE D 149 20.75 -36.74 5.45
N TRP D 150 20.00 -36.64 6.55
CA TRP D 150 20.59 -36.19 7.80
C TRP D 150 21.70 -37.15 8.24
N HIS D 151 21.42 -38.46 8.27
CA HIS D 151 22.48 -39.40 8.67
C HIS D 151 23.60 -39.43 7.65
N GLU D 152 23.29 -39.36 6.35
CA GLU D 152 24.33 -39.51 5.34
C GLU D 152 25.28 -38.31 5.35
N LEU D 153 24.75 -37.10 5.54
CA LEU D 153 25.53 -35.88 5.44
C LEU D 153 25.93 -35.29 6.79
N LEU D 154 25.14 -35.51 7.83
CA LEU D 154 25.42 -34.94 9.14
C LEU D 154 25.54 -36.05 10.18
N GLY D 155 26.15 -35.70 11.32
CA GLY D 155 26.26 -36.67 12.42
C GLY D 155 27.04 -37.91 12.04
N PRO D 156 26.43 -39.12 12.08
CA PRO D 156 27.15 -40.36 11.81
C PRO D 156 27.29 -40.68 10.31
N GLY D 157 27.83 -39.75 9.52
CA GLY D 157 28.03 -39.94 8.07
C GLY D 157 28.26 -41.40 7.68
N LYS D 169 32.45 -23.31 6.65
CA LYS D 169 31.17 -23.08 5.98
C LYS D 169 30.26 -22.13 6.78
N GLY D 170 30.36 -22.21 8.11
CA GLY D 170 29.58 -21.39 9.00
C GLY D 170 28.23 -21.97 9.39
N SER D 171 27.72 -22.90 8.59
CA SER D 171 26.50 -23.61 8.92
C SER D 171 26.59 -25.01 8.34
N THR D 172 25.77 -25.92 8.86
CA THR D 172 25.65 -27.25 8.29
C THR D 172 24.22 -27.62 7.91
N VAL D 173 23.21 -26.94 8.44
CA VAL D 173 21.82 -27.26 8.12
C VAL D 173 20.97 -26.04 8.45
N PHE D 174 19.92 -25.83 7.65
CA PHE D 174 18.87 -24.88 8.04
C PHE D 174 17.59 -25.25 7.29
N ALA D 175 16.50 -24.56 7.63
CA ALA D 175 15.18 -24.93 7.09
C ALA D 175 14.53 -23.73 6.44
N ALA D 176 13.54 -23.99 5.58
CA ALA D 176 12.78 -22.93 4.93
C ALA D 176 11.30 -23.27 4.95
N LEU D 177 10.49 -22.25 5.18
CA LEU D 177 9.03 -22.34 5.20
C LEU D 177 8.45 -21.57 4.01
N GLU D 178 7.58 -22.23 3.25
CA GLU D 178 6.98 -21.69 2.05
C GLU D 178 5.49 -21.50 2.34
N MET D 179 5.04 -20.24 2.38
CA MET D 179 3.63 -19.92 2.51
C MET D 179 3.09 -19.83 1.09
N LEU D 180 2.56 -20.94 0.59
CA LEU D 180 2.13 -21.01 -0.81
C LEU D 180 0.70 -20.49 -0.94
N HIS D 181 -0.27 -21.28 -0.49
CA HIS D 181 -1.68 -20.89 -0.58
C HIS D 181 -2.56 -21.92 0.10
N GLY D 182 -2.78 -21.80 1.40
CA GLY D 182 -3.65 -22.74 2.07
C GLY D 182 -2.91 -23.86 2.76
N HIS D 183 -1.66 -24.10 2.38
CA HIS D 183 -0.84 -25.13 2.97
C HIS D 183 0.58 -24.62 3.10
N LEU D 184 1.33 -25.25 4.01
CA LEU D 184 2.69 -24.87 4.32
C LEU D 184 3.63 -25.92 3.77
N SER D 185 4.68 -25.49 3.09
CA SER D 185 5.69 -26.43 2.63
C SER D 185 6.99 -26.17 3.38
N VAL D 186 7.76 -27.23 3.60
CA VAL D 186 9.04 -27.11 4.31
C VAL D 186 10.15 -27.69 3.44
N LYS D 187 11.24 -26.96 3.34
CA LYS D 187 12.46 -27.42 2.67
C LYS D 187 13.59 -27.46 3.68
N VAL D 188 14.53 -28.37 3.48
CA VAL D 188 15.70 -28.51 4.36
C VAL D 188 16.97 -28.43 3.52
N TYR D 189 17.95 -27.65 3.99
CA TYR D 189 19.21 -27.41 3.31
C TYR D 189 20.36 -27.97 4.15
N PHE D 190 21.20 -28.79 3.52
CA PHE D 190 22.37 -29.42 4.12
C PHE D 190 23.63 -28.83 3.50
N ILE D 191 24.52 -28.33 4.34
CA ILE D 191 25.80 -27.77 3.89
C ILE D 191 26.91 -28.62 4.49
N PRO D 192 27.42 -29.63 3.78
CA PRO D 192 28.37 -30.56 4.41
C PRO D 192 29.64 -29.86 4.85
N VAL D 193 30.18 -30.32 5.97
CA VAL D 193 31.48 -29.86 6.44
C VAL D 193 32.53 -30.68 5.71
N GLU D 194 33.46 -30.01 5.05
CA GLU D 194 34.43 -30.69 4.21
C GLU D 194 35.65 -31.09 5.01
N THR D 195 36.14 -32.30 4.76
CA THR D 195 37.37 -32.84 5.33
C THR D 195 38.23 -33.36 4.19
N PRO D 196 39.53 -33.49 4.39
CA PRO D 196 40.40 -34.03 3.34
C PRO D 196 39.91 -35.39 2.85
N ASP D 197 39.93 -35.57 1.53
CA ASP D 197 39.49 -36.78 0.83
C ASP D 197 37.98 -36.98 0.86
N PHE D 198 37.20 -36.09 1.50
CA PHE D 198 35.74 -36.23 1.56
C PHE D 198 35.15 -34.82 1.38
N SER D 199 35.04 -34.41 0.11
CA SER D 199 34.51 -33.11 -0.25
C SER D 199 32.99 -33.07 -0.10
N ALA D 200 32.43 -31.86 -0.23
CA ALA D 200 30.98 -31.71 -0.12
C ALA D 200 30.27 -32.37 -1.30
N TRP D 201 30.83 -32.23 -2.51
CA TRP D 201 30.21 -32.84 -3.67
C TRP D 201 30.25 -34.36 -3.60
N HIS D 202 31.36 -34.91 -3.09
CA HIS D 202 31.46 -36.36 -2.95
C HIS D 202 30.40 -36.88 -1.98
N GLN D 203 30.31 -36.21 -0.83
CA GLN D 203 29.32 -36.65 0.19
C GLN D 203 27.93 -36.55 -0.43
N ILE D 204 27.60 -35.41 -1.04
CA ILE D 204 26.22 -35.21 -1.60
C ILE D 204 25.94 -36.29 -2.65
N LYS D 205 26.89 -36.55 -3.55
CA LYS D 205 26.66 -37.54 -4.62
C LYS D 205 26.46 -38.94 -3.99
N HIS D 206 27.30 -39.33 -3.03
CA HIS D 206 27.13 -40.63 -2.40
C HIS D 206 25.79 -40.74 -1.70
N ALA D 207 25.32 -39.65 -1.10
CA ALA D 207 24.03 -39.69 -0.42
C ALA D 207 22.88 -39.86 -1.42
N ILE D 208 22.94 -39.16 -2.54
CA ILE D 208 21.88 -39.28 -3.54
C ILE D 208 21.91 -40.67 -4.18
N GLU D 209 23.10 -41.19 -4.45
CA GLU D 209 23.22 -42.50 -5.07
C GLU D 209 22.67 -43.61 -4.18
N ALA D 210 22.70 -43.43 -2.86
CA ALA D 210 22.23 -44.47 -1.96
C ALA D 210 20.74 -44.37 -1.66
N SER D 211 20.05 -43.37 -2.19
CA SER D 211 18.62 -43.19 -1.96
C SER D 211 17.76 -43.68 -3.12
N GLY D 212 18.36 -43.97 -4.27
CA GLY D 212 17.61 -44.39 -5.44
C GLY D 212 17.07 -43.22 -6.25
N LEU D 216 17.93 -41.97 -11.83
CA LEU D 216 19.08 -41.18 -11.41
C LEU D 216 19.90 -40.71 -12.60
N GLU D 217 19.25 -40.57 -13.76
CA GLU D 217 19.95 -40.13 -14.96
C GLU D 217 20.39 -38.68 -14.86
N ALA D 218 19.56 -37.83 -14.26
CA ALA D 218 19.90 -36.42 -14.12
C ALA D 218 21.12 -36.22 -13.22
N LEU D 219 21.22 -37.01 -12.15
CA LEU D 219 22.41 -36.95 -11.30
C LEU D 219 23.66 -37.35 -12.07
N ASN D 220 23.55 -38.35 -12.93
CA ASN D 220 24.70 -38.74 -13.74
C ASN D 220 25.06 -37.65 -14.76
N HIS D 221 24.04 -36.99 -15.31
CA HIS D 221 24.30 -35.86 -16.20
C HIS D 221 25.05 -34.75 -15.48
N VAL D 222 24.62 -34.43 -14.26
CA VAL D 222 25.28 -33.39 -13.48
C VAL D 222 26.71 -33.80 -13.15
N ASP D 223 26.93 -35.07 -12.81
CA ASP D 223 28.28 -35.54 -12.52
C ASP D 223 29.18 -35.46 -13.75
N ALA D 224 28.67 -35.87 -14.91
CA ALA D 224 29.47 -35.82 -16.13
C ALA D 224 29.81 -34.38 -16.51
N TYR D 225 28.85 -33.47 -16.33
CA TYR D 225 29.11 -32.06 -16.61
C TYR D 225 30.12 -31.48 -15.63
N LEU D 226 30.00 -31.81 -14.34
CA LEU D 226 30.88 -31.24 -13.31
C LEU D 226 32.30 -31.78 -13.37
N SER D 227 32.47 -33.07 -13.68
CA SER D 227 33.82 -33.61 -13.51
C SER D 227 34.70 -33.41 -14.73
N SER D 228 34.14 -33.53 -15.92
CA SER D 228 34.94 -33.52 -17.14
C SER D 228 34.67 -32.33 -18.05
N HIS D 229 33.42 -31.85 -18.11
CA HIS D 229 33.10 -30.76 -19.03
C HIS D 229 33.87 -29.51 -18.64
N ASP D 230 34.30 -28.76 -19.66
CA ASP D 230 35.24 -27.66 -19.42
C ASP D 230 34.64 -26.60 -18.51
N ASP D 231 33.40 -26.19 -18.77
CA ASP D 231 32.77 -25.21 -17.91
C ASP D 231 32.31 -25.81 -16.59
N GLY D 232 31.79 -27.04 -16.63
CA GLY D 232 31.33 -27.69 -15.42
C GLY D 232 32.40 -27.95 -14.39
N ARG D 233 33.67 -28.06 -14.81
CA ARG D 233 34.76 -28.28 -13.88
C ARG D 233 35.06 -27.06 -13.01
N GLN D 234 34.53 -25.89 -13.34
CA GLN D 234 34.72 -24.70 -12.54
C GLN D 234 33.70 -24.54 -11.43
N LEU D 235 32.72 -25.44 -11.33
CA LEU D 235 31.66 -25.36 -10.32
C LEU D 235 32.01 -26.21 -9.12
N ARG D 236 31.73 -25.69 -7.92
CA ARG D 236 32.03 -26.40 -6.67
C ARG D 236 30.75 -26.59 -5.86
N PRO D 237 30.17 -27.79 -5.85
CA PRO D 237 28.96 -28.02 -5.05
C PRO D 237 29.24 -27.86 -3.55
N PHE D 238 28.25 -27.35 -2.84
CA PHE D 238 28.41 -27.05 -1.42
C PHE D 238 27.14 -27.27 -0.60
N MET D 239 26.00 -27.46 -1.26
CA MET D 239 24.73 -27.49 -0.54
C MET D 239 23.74 -28.38 -1.27
N LEU D 240 22.87 -29.03 -0.50
CA LEU D 240 21.78 -29.84 -1.03
C LEU D 240 20.47 -29.41 -0.38
N ALA D 241 19.42 -29.28 -1.19
CA ALA D 241 18.10 -28.87 -0.70
C ALA D 241 17.05 -29.90 -1.08
N ILE D 242 16.22 -30.28 -0.11
CA ILE D 242 15.16 -31.25 -0.32
C ILE D 242 13.83 -30.68 0.17
N ASP D 243 12.75 -31.22 -0.39
CA ASP D 243 11.39 -30.92 0.03
C ASP D 243 10.86 -32.02 0.94
N LEU D 244 10.13 -31.65 1.98
CA LEU D 244 9.60 -32.59 2.96
C LEU D 244 8.25 -33.18 2.54
N VAL D 245 8.18 -33.71 1.32
CA VAL D 245 7.00 -34.39 0.83
C VAL D 245 7.38 -35.83 0.49
N GLU D 246 6.46 -36.56 -0.13
CA GLU D 246 6.76 -37.93 -0.56
C GLU D 246 7.98 -37.91 -1.48
N PRO D 247 8.92 -38.85 -1.32
CA PRO D 247 10.17 -38.79 -2.11
C PRO D 247 9.94 -38.80 -3.61
N ALA D 248 8.84 -39.38 -4.09
CA ALA D 248 8.54 -39.34 -5.51
C ALA D 248 8.18 -37.95 -6.01
N ALA D 249 7.75 -37.05 -5.12
CA ALA D 249 7.38 -35.70 -5.49
C ALA D 249 8.37 -34.64 -5.01
N SER D 250 9.44 -35.04 -4.33
CA SER D 250 10.40 -34.10 -3.78
C SER D 250 11.46 -33.72 -4.82
N ARG D 251 11.93 -32.48 -4.72
CA ARG D 251 13.04 -32.00 -5.53
C ARG D 251 14.37 -32.33 -4.88
N LEU D 252 15.42 -32.33 -5.72
CA LEU D 252 16.81 -32.50 -5.28
C LEU D 252 17.62 -31.35 -5.87
N LYS D 253 17.75 -30.26 -5.12
CA LYS D 253 18.46 -29.09 -5.61
C LYS D 253 19.91 -29.17 -5.14
N ILE D 254 20.84 -29.25 -6.08
CA ILE D 254 22.26 -29.33 -5.78
C ILE D 254 22.85 -27.96 -6.08
N TYR D 255 23.22 -27.23 -5.04
CA TYR D 255 23.78 -25.89 -5.20
C TYR D 255 25.28 -25.95 -5.47
N ALA D 256 25.73 -25.12 -6.40
CA ALA D 256 27.14 -25.10 -6.80
C ALA D 256 27.56 -23.66 -7.09
N ARG D 257 28.80 -23.35 -6.72
CA ARG D 257 29.35 -22.01 -6.87
C ARG D 257 30.63 -22.08 -7.68
N SER D 258 30.84 -21.06 -8.53
CA SER D 258 32.02 -20.95 -9.38
C SER D 258 32.58 -19.54 -9.31
N ASN D 259 33.86 -19.42 -9.64
CA ASN D 259 34.51 -18.12 -9.70
C ASN D 259 34.30 -17.40 -11.03
N GLN D 260 33.93 -18.12 -12.08
CA GLN D 260 33.64 -17.49 -13.36
C GLN D 260 32.30 -16.77 -13.29
N THR D 261 32.20 -15.64 -14.01
CA THR D 261 31.00 -14.83 -13.98
C THR D 261 30.52 -14.36 -15.35
N SER D 262 31.19 -14.72 -16.44
CA SER D 262 30.73 -14.31 -17.75
C SER D 262 29.41 -14.99 -18.09
N PHE D 263 28.57 -14.28 -18.85
CA PHE D 263 27.26 -14.84 -19.18
C PHE D 263 27.36 -16.04 -20.12
N ARG D 264 28.45 -16.15 -20.90
CA ARG D 264 28.65 -17.37 -21.68
C ARG D 264 28.73 -18.58 -20.77
N PHE D 265 29.46 -18.47 -19.66
CA PHE D 265 29.53 -19.54 -18.68
C PHE D 265 28.16 -19.83 -18.07
N VAL D 266 27.44 -18.78 -17.69
CA VAL D 266 26.12 -18.95 -17.09
C VAL D 266 25.18 -19.66 -18.06
N ARG D 267 25.21 -19.26 -19.33
CA ARG D 267 24.39 -19.89 -20.36
C ARG D 267 24.75 -21.36 -20.51
N ASP D 268 26.05 -21.68 -20.55
CA ASP D 268 26.45 -23.07 -20.66
C ASP D 268 25.97 -23.89 -19.48
N VAL D 269 25.96 -23.29 -18.28
CA VAL D 269 25.45 -24.00 -17.11
C VAL D 269 23.95 -24.23 -17.25
N MET D 270 23.22 -23.20 -17.70
CA MET D 270 21.78 -23.34 -17.91
C MET D 270 21.46 -24.45 -18.90
N THR D 271 22.34 -24.67 -19.87
CA THR D 271 22.17 -25.70 -20.89
C THR D 271 22.86 -27.01 -20.52
N ILE D 272 23.56 -27.05 -19.39
CA ILE D 272 24.33 -28.21 -18.97
C ILE D 272 25.34 -28.62 -20.05
N ARG D 276 20.63 -28.81 -22.77
CA ARG D 276 19.32 -28.24 -23.08
C ARG D 276 19.38 -27.45 -24.39
N THR D 277 18.41 -27.69 -25.25
CA THR D 277 18.40 -27.02 -26.58
C THR D 277 17.12 -26.20 -26.79
N ASP D 278 16.17 -26.25 -25.86
CA ASP D 278 14.87 -25.57 -26.07
C ASP D 278 14.74 -24.29 -25.23
N LEU D 279 15.84 -23.65 -24.86
CA LEU D 279 15.74 -22.48 -23.93
C LEU D 279 16.31 -21.22 -24.57
N ASP D 280 16.52 -21.20 -25.88
CA ASP D 280 17.18 -20.03 -26.54
C ASP D 280 16.42 -18.73 -26.27
N ARG D 281 15.10 -18.75 -26.32
CA ARG D 281 14.29 -17.54 -26.05
C ARG D 281 14.41 -17.14 -24.58
N SER D 282 14.26 -18.10 -23.65
CA SER D 282 14.42 -17.83 -22.23
C SER D 282 15.81 -17.32 -21.92
N ILE D 283 16.83 -17.90 -22.53
CA ILE D 283 18.20 -17.44 -22.26
C ILE D 283 18.43 -16.05 -22.83
N GLU D 284 17.81 -15.70 -23.95
CA GLU D 284 17.92 -14.33 -24.46
C GLU D 284 17.33 -13.34 -23.47
N LYS D 285 16.13 -13.64 -22.96
CA LYS D 285 15.54 -12.78 -21.94
C LYS D 285 16.40 -12.76 -20.69
N PHE D 286 17.00 -13.91 -20.34
CA PHE D 286 17.93 -13.99 -19.21
C PHE D 286 19.11 -13.06 -19.41
N SER D 287 19.69 -13.03 -20.62
CA SER D 287 20.81 -12.14 -20.88
C SER D 287 20.40 -10.68 -20.68
N ASP D 288 19.22 -10.32 -21.19
CA ASP D 288 18.72 -8.97 -20.99
C ASP D 288 18.59 -8.65 -19.50
N LEU D 289 17.93 -9.55 -18.75
CA LEU D 289 17.70 -9.32 -17.32
C LEU D 289 19.02 -9.30 -16.54
N TRP D 290 19.94 -10.19 -16.90
CA TRP D 290 21.25 -10.24 -16.25
C TRP D 290 21.96 -8.91 -16.37
N LYS D 291 21.97 -8.33 -17.58
CA LYS D 291 22.63 -7.04 -17.76
C LYS D 291 21.87 -5.93 -17.04
N ARG D 292 20.54 -5.98 -17.08
CA ARG D 292 19.73 -4.92 -16.48
C ARG D 292 19.86 -4.89 -14.95
N ALA D 293 19.83 -6.05 -14.30
CA ALA D 293 19.92 -6.10 -12.85
C ALA D 293 21.31 -5.71 -12.36
N LEU D 294 22.35 -6.14 -13.06
CA LEU D 294 23.72 -5.86 -12.65
C LEU D 294 24.24 -4.52 -13.15
N GLY D 295 23.43 -3.76 -13.88
CA GLY D 295 23.87 -2.47 -14.37
C GLY D 295 24.92 -2.53 -15.46
N LEU D 296 24.98 -3.63 -16.21
CA LEU D 296 25.94 -3.75 -17.30
C LEU D 296 25.41 -3.07 -18.55
N ASP D 297 26.33 -2.70 -19.43
CA ASP D 297 25.93 -2.13 -20.71
C ASP D 297 25.12 -3.15 -21.50
N PRO D 298 24.06 -2.72 -22.19
CA PRO D 298 23.24 -3.68 -22.95
C PRO D 298 24.01 -4.44 -24.01
N ASP D 299 25.11 -3.88 -24.50
CA ASP D 299 25.96 -4.53 -25.49
C ASP D 299 27.19 -5.17 -24.86
N THR D 300 27.11 -5.50 -23.57
CA THR D 300 28.24 -6.13 -22.91
C THR D 300 28.54 -7.50 -23.53
N PRO D 301 29.77 -7.76 -23.95
CA PRO D 301 30.10 -9.07 -24.54
C PRO D 301 29.87 -10.18 -23.54
N PRO D 302 29.30 -11.31 -23.98
CA PRO D 302 29.01 -12.40 -23.04
C PRO D 302 30.24 -13.09 -22.48
N GLU D 303 31.41 -12.90 -23.10
CA GLU D 303 32.65 -13.50 -22.62
C GLU D 303 33.35 -12.65 -21.57
N ASP D 304 32.92 -11.42 -21.35
CA ASP D 304 33.56 -10.56 -20.36
C ASP D 304 33.12 -10.97 -18.96
N GLU D 305 34.09 -11.11 -18.06
CA GLU D 305 33.84 -11.43 -16.67
C GLU D 305 33.41 -10.21 -15.88
N LEU D 306 32.70 -10.47 -14.79
CA LEU D 306 32.33 -9.44 -13.83
C LEU D 306 33.58 -9.01 -13.07
N PRO D 307 33.60 -7.77 -12.55
CA PRO D 307 34.73 -7.34 -11.72
C PRO D 307 34.94 -8.29 -10.55
N LYS D 308 36.21 -8.58 -10.27
CA LYS D 308 36.54 -9.62 -9.30
C LYS D 308 36.20 -9.18 -7.87
N VAL D 309 35.45 -10.02 -7.16
CA VAL D 309 35.21 -9.84 -5.74
C VAL D 309 35.61 -11.13 -5.03
N ASP D 310 36.41 -11.02 -3.98
CA ASP D 310 36.92 -12.18 -3.24
C ASP D 310 36.08 -12.33 -1.98
N HIS D 311 35.00 -13.11 -2.08
CA HIS D 311 34.12 -13.34 -0.96
C HIS D 311 33.75 -14.81 -0.89
N LEU D 312 33.34 -15.24 0.31
CA LEU D 312 32.91 -16.63 0.51
C LEU D 312 31.76 -16.99 -0.43
N THR D 313 30.85 -16.05 -0.67
CA THR D 313 29.69 -16.30 -1.51
C THR D 313 29.74 -15.51 -2.82
N SER D 314 30.94 -15.13 -3.27
CA SER D 314 31.10 -14.42 -4.53
C SER D 314 31.04 -15.40 -5.69
N GLY D 315 31.10 -14.88 -6.92
CA GLY D 315 31.02 -15.73 -8.08
C GLY D 315 29.59 -16.08 -8.44
N ALA D 316 29.48 -17.00 -9.40
CA ALA D 316 28.21 -17.44 -9.93
C ALA D 316 27.67 -18.61 -9.12
N VAL D 317 26.36 -18.61 -8.88
CA VAL D 317 25.71 -19.64 -8.07
C VAL D 317 24.57 -20.25 -8.88
N PHE D 318 24.43 -21.57 -8.79
CA PHE D 318 23.38 -22.29 -9.49
C PHE D 318 22.89 -23.42 -8.60
N ASN D 319 21.77 -24.01 -9.00
CA ASN D 319 21.37 -25.30 -8.46
C ASN D 319 20.79 -26.17 -9.57
N PHE D 320 21.06 -27.46 -9.46
CA PHE D 320 20.58 -28.47 -10.41
C PHE D 320 19.47 -29.28 -9.73
N ASP D 321 18.32 -29.31 -10.38
CA ASP D 321 17.18 -30.12 -9.95
C ASP D 321 17.28 -31.47 -10.68
N VAL D 322 17.44 -32.52 -9.89
CA VAL D 322 17.62 -33.89 -10.37
C VAL D 322 16.32 -34.65 -10.18
N ALA D 323 15.92 -35.38 -11.22
CA ALA D 323 14.62 -36.07 -11.26
C ALA D 323 13.46 -35.10 -11.01
N GLN D 327 13.68 -36.89 -16.27
CA GLN D 327 14.96 -37.54 -16.48
C GLN D 327 16.03 -36.54 -16.92
N ILE D 328 15.60 -35.39 -17.43
CA ILE D 328 16.50 -34.31 -17.83
C ILE D 328 16.54 -33.30 -16.70
N PRO D 329 17.71 -32.96 -16.17
CA PRO D 329 17.77 -32.04 -15.01
C PRO D 329 17.47 -30.60 -15.42
N GLU D 330 17.01 -29.84 -14.43
CA GLU D 330 16.73 -28.42 -14.63
C GLU D 330 17.73 -27.57 -13.86
N VAL D 331 18.00 -26.37 -14.36
CA VAL D 331 19.01 -25.50 -13.75
C VAL D 331 18.37 -24.18 -13.34
N LYS D 332 18.72 -23.69 -12.15
CA LYS D 332 18.33 -22.38 -11.67
C LYS D 332 19.59 -21.57 -11.39
N ALA D 333 19.66 -20.36 -11.95
CA ALA D 333 20.79 -19.48 -11.72
C ALA D 333 20.42 -18.41 -10.71
N TYR D 334 21.40 -17.98 -9.92
CA TYR D 334 21.18 -16.92 -8.92
C TYR D 334 22.10 -15.75 -9.24
N ILE D 335 21.53 -14.64 -9.67
CA ILE D 335 22.26 -13.41 -9.95
C ILE D 335 22.65 -12.79 -8.60
N PRO D 336 23.95 -12.72 -8.27
CA PRO D 336 24.43 -12.15 -6.99
C PRO D 336 24.40 -10.61 -6.99
N VAL D 337 23.20 -10.07 -6.75
CA VAL D 337 22.99 -8.63 -6.79
C VAL D 337 23.92 -7.93 -5.79
N ARG D 338 24.03 -8.50 -4.59
CA ARG D 338 24.77 -7.84 -3.52
C ARG D 338 26.24 -7.64 -3.86
N HIS D 339 26.81 -8.53 -4.68
CA HIS D 339 28.24 -8.48 -4.95
C HIS D 339 28.61 -7.66 -6.19
N TYR D 340 27.71 -7.54 -7.16
CA TYR D 340 28.07 -6.97 -8.45
C TYR D 340 27.19 -5.82 -8.92
N ALA D 341 26.03 -5.57 -8.31
CA ALA D 341 25.22 -4.44 -8.72
C ALA D 341 25.76 -3.14 -8.10
N ASN D 342 25.25 -2.01 -8.60
CA ASN D 342 25.67 -0.72 -8.10
C ASN D 342 24.99 -0.37 -6.79
N ASN D 343 23.66 -0.50 -6.73
CA ASN D 343 22.91 -0.26 -5.50
C ASN D 343 21.59 -1.03 -5.59
N ASP D 344 20.93 -1.16 -4.43
CA ASP D 344 19.72 -1.98 -4.36
C ASP D 344 18.60 -1.37 -5.18
N LEU D 345 18.46 -0.04 -5.15
CA LEU D 345 17.41 0.61 -5.93
C LEU D 345 17.64 0.41 -7.43
N GLN D 346 18.88 0.51 -7.88
CA GLN D 346 19.19 0.32 -9.29
C GLN D 346 18.84 -1.09 -9.75
N ALA D 347 19.26 -2.10 -8.97
CA ALA D 347 18.98 -3.48 -9.34
C ALA D 347 17.48 -3.76 -9.32
N ALA D 348 16.78 -3.21 -8.32
CA ALA D 348 15.35 -3.42 -8.22
C ALA D 348 14.61 -2.76 -9.37
N LEU D 349 15.02 -1.55 -9.75
CA LEU D 349 14.39 -0.87 -10.88
C LEU D 349 14.68 -1.58 -12.19
N GLY D 350 15.87 -2.17 -12.34
CA GLY D 350 16.13 -2.98 -13.52
C GLY D 350 15.23 -4.20 -13.59
N LEU D 351 15.06 -4.88 -12.45
CA LEU D 351 14.18 -6.04 -12.41
C LEU D 351 12.74 -5.66 -12.70
N ILE D 352 12.27 -4.56 -12.11
CA ILE D 352 10.92 -4.09 -12.32
C ILE D 352 10.72 -3.66 -13.78
N GLY D 353 11.75 -3.06 -14.37
CA GLY D 353 11.66 -2.68 -15.77
C GLY D 353 11.51 -3.90 -16.68
N TYR D 354 12.27 -4.96 -16.39
CA TYR D 354 12.10 -6.19 -17.15
C TYR D 354 10.69 -6.75 -16.98
N LEU D 355 10.23 -6.84 -15.74
CA LEU D 355 8.91 -7.41 -15.47
C LEU D 355 7.81 -6.62 -16.18
N GLU D 356 7.86 -5.29 -16.10
CA GLU D 356 6.86 -4.47 -16.77
C GLU D 356 6.97 -4.58 -18.28
N ASP D 357 8.20 -4.69 -18.80
CA ASP D 357 8.37 -4.87 -20.24
C ASP D 357 7.74 -6.18 -20.70
N HIS D 358 7.64 -7.16 -19.81
CA HIS D 358 7.01 -8.43 -20.15
C HIS D 358 5.65 -8.61 -19.47
N GLY D 359 5.09 -7.54 -18.91
CA GLY D 359 3.77 -7.61 -18.31
C GLY D 359 3.68 -8.40 -17.02
N HIS D 360 4.73 -8.37 -16.20
CA HIS D 360 4.77 -9.14 -14.96
C HIS D 360 4.99 -8.25 -13.74
N GLY D 361 4.79 -6.94 -13.87
CA GLY D 361 5.14 -6.05 -12.77
C GLY D 361 3.96 -5.42 -12.07
N GLY D 362 2.89 -6.20 -11.86
CA GLY D 362 1.74 -5.67 -11.17
C GLY D 362 2.00 -5.33 -9.72
N TYR D 363 2.95 -6.02 -9.08
CA TYR D 363 3.29 -5.82 -7.68
C TYR D 363 4.64 -5.13 -7.50
N SER D 364 5.06 -4.34 -8.50
CA SER D 364 6.37 -3.71 -8.44
C SER D 364 6.46 -2.67 -7.32
N GLN D 365 5.43 -1.83 -7.20
CA GLN D 365 5.43 -0.82 -6.14
C GLN D 365 5.32 -1.47 -4.76
N SER D 366 4.54 -2.53 -4.65
CA SER D 366 4.48 -3.28 -3.39
C SER D 366 5.85 -3.83 -3.03
N TYR D 367 6.56 -4.36 -4.03
CA TYR D 367 7.91 -4.86 -3.80
C TYR D 367 8.84 -3.73 -3.34
N LEU D 368 8.71 -2.54 -3.94
CA LEU D 368 9.52 -1.42 -3.53
C LEU D 368 9.21 -1.01 -2.09
N ARG D 369 7.93 -1.05 -1.71
CA ARG D 369 7.60 -0.75 -0.31
C ARG D 369 8.20 -1.80 0.62
N GLY D 370 8.24 -3.06 0.19
CA GLY D 370 8.88 -4.09 1.00
C GLY D 370 10.38 -3.87 1.13
N LEU D 371 11.02 -3.47 0.05
CA LEU D 371 12.44 -3.13 0.09
C LEU D 371 12.70 -1.96 1.01
N ASP D 372 11.86 -0.91 0.93
CA ASP D 372 12.01 0.24 1.81
C ASP D 372 11.81 -0.15 3.26
N MET D 373 10.94 -1.13 3.53
CA MET D 373 10.78 -1.63 4.89
C MET D 373 12.03 -2.36 5.36
N LEU D 374 12.65 -3.14 4.46
CA LEU D 374 13.82 -3.91 4.88
C LEU D 374 15.11 -3.10 4.86
N ALA D 375 15.18 -2.04 4.03
CA ALA D 375 16.45 -1.35 3.80
C ALA D 375 16.81 -0.47 5.00
N PRO D 376 18.10 -0.37 5.33
CA PRO D 376 18.54 0.61 6.31
C PRO D 376 18.25 2.04 5.86
N SER D 377 17.84 2.88 6.81
CA SER D 377 17.41 4.25 6.53
C SER D 377 18.45 5.01 5.71
N GLY D 378 18.11 5.35 4.48
CA GLY D 378 19.01 6.12 3.63
C GLY D 378 20.11 5.32 3.00
N GLN D 379 19.82 4.09 2.56
CA GLN D 379 20.82 3.24 1.95
C GLN D 379 20.33 2.55 0.68
N LEU D 380 19.06 2.76 0.28
CA LEU D 380 18.51 2.06 -0.87
C LEU D 380 19.32 2.36 -2.14
N ASP D 381 19.60 3.63 -2.38
CA ASP D 381 20.31 4.09 -3.56
C ASP D 381 21.80 4.31 -3.32
N GLN D 382 22.31 3.92 -2.15
CA GLN D 382 23.72 4.15 -1.82
C GLN D 382 24.56 2.90 -1.68
N ALA D 383 23.95 1.73 -1.44
CA ALA D 383 24.70 0.50 -1.27
C ALA D 383 23.86 -0.68 -1.70
N THR D 384 24.48 -1.85 -1.72
CA THR D 384 23.81 -3.13 -1.93
C THR D 384 23.71 -3.85 -0.58
N GLY D 385 23.14 -5.06 -0.62
CA GLY D 385 23.05 -5.86 0.59
C GLY D 385 21.65 -6.34 0.91
N VAL D 386 20.65 -5.55 0.52
CA VAL D 386 19.26 -5.93 0.80
C VAL D 386 18.85 -7.12 -0.07
N GLN D 387 19.03 -7.00 -1.38
CA GLN D 387 18.71 -8.07 -2.32
C GLN D 387 19.96 -8.94 -2.50
N THR D 388 19.92 -10.16 -1.95
CA THR D 388 21.07 -11.04 -2.07
C THR D 388 21.15 -11.68 -3.46
N TYR D 389 20.04 -12.26 -3.93
CA TYR D 389 20.03 -12.95 -5.20
C TYR D 389 18.76 -12.62 -5.97
N PHE D 390 18.87 -12.66 -7.29
CA PHE D 390 17.71 -12.79 -8.18
C PHE D 390 17.81 -14.16 -8.83
N ALA D 391 16.95 -15.09 -8.39
CA ALA D 391 16.91 -16.41 -8.96
C ALA D 391 16.13 -16.41 -10.26
N VAL D 392 16.68 -17.09 -11.26
CA VAL D 392 16.16 -17.14 -12.62
C VAL D 392 16.05 -18.60 -13.03
N ALA D 393 14.85 -19.03 -13.39
CA ALA D 393 14.58 -20.34 -13.97
C ALA D 393 13.90 -20.14 -15.31
N CYS D 394 14.13 -21.06 -16.23
CA CYS D 394 13.58 -20.97 -17.58
C CYS D 394 12.24 -21.69 -17.61
N GLN D 395 11.17 -20.94 -17.82
CA GLN D 395 9.81 -21.50 -17.88
C GLN D 395 9.30 -21.29 -19.30
N GLY D 396 9.45 -22.33 -20.13
CA GLY D 396 9.04 -22.24 -21.51
C GLY D 396 9.84 -21.22 -22.28
N GLU D 397 9.20 -20.10 -22.60
CA GLU D 397 9.82 -18.99 -23.30
C GLU D 397 10.10 -17.80 -22.38
N ASP D 398 9.71 -17.90 -21.12
CA ASP D 398 9.77 -16.81 -20.15
C ASP D 398 10.70 -17.18 -19.01
N LEU D 399 10.87 -16.23 -18.09
CA LEU D 399 11.68 -16.41 -16.91
C LEU D 399 10.82 -16.45 -15.67
N SER D 400 11.17 -17.33 -14.74
CA SER D 400 10.61 -17.39 -13.39
C SER D 400 11.62 -16.76 -12.46
N LEU D 401 11.21 -15.68 -11.79
CA LEU D 401 12.12 -14.84 -11.02
C LEU D 401 11.75 -14.88 -9.55
N THR D 402 12.76 -14.89 -8.71
CA THR D 402 12.58 -14.85 -7.26
C THR D 402 13.60 -13.89 -6.68
N SER D 403 13.15 -12.97 -5.83
CA SER D 403 14.04 -12.03 -5.16
C SER D 403 14.31 -12.55 -3.75
N TYR D 404 15.58 -12.70 -3.40
CA TYR D 404 15.96 -13.09 -2.04
C TYR D 404 16.46 -11.85 -1.31
N LEU D 405 16.04 -11.70 -0.05
CA LEU D 405 16.14 -10.45 0.68
C LEU D 405 16.75 -10.71 2.05
N ASN D 406 17.75 -9.89 2.40
CA ASN D 406 18.44 -9.96 3.69
C ASN D 406 18.07 -8.75 4.54
N PRO D 407 17.47 -8.95 5.71
CA PRO D 407 17.14 -7.79 6.57
C PRO D 407 18.35 -7.08 7.13
N GLN D 408 19.54 -7.71 7.08
CA GLN D 408 20.80 -7.08 7.51
C GLN D 408 20.72 -6.61 8.97
N PHE D 409 20.50 -7.58 9.87
CA PHE D 409 20.42 -7.26 11.29
C PHE D 409 21.73 -6.68 11.82
N TYR D 410 22.86 -7.15 11.29
CA TYR D 410 24.17 -6.78 11.81
C TYR D 410 24.88 -5.75 10.97
N ALA D 411 24.75 -5.81 9.63
CA ALA D 411 25.30 -4.75 8.81
C ALA D 411 24.61 -3.42 9.08
N ALA D 412 23.39 -3.44 9.60
CA ALA D 412 22.67 -2.22 9.98
C ALA D 412 22.36 -2.19 11.48
N TRP E . -30.11 -18.68 35.38
CA TRP E . -30.68 -17.66 36.25
C TRP E . -32.16 -17.48 35.93
O TRP E . -32.86 -16.69 36.60
CB TRP E . -29.94 -16.34 36.07
CG TRP E . -29.98 -15.84 34.62
CD1 TRP E . -29.02 -16.12 33.66
CD2 TRP E . -30.97 -15.01 34.03
NE1 TRP E . -29.41 -15.51 32.53
CE2 TRP E . -30.59 -14.83 32.73
CE3 TRP E . -32.17 -14.43 34.50
CZ2 TRP E . -31.38 -14.05 31.84
CZ3 TRP E . -32.96 -13.66 33.63
CH2 TRP E . -32.55 -13.48 32.30
OXT TRP E . -32.68 -18.12 34.98
O1 PE8 F . -43.81 -11.56 4.78
C2 PE8 F . -43.01 -12.67 4.49
C3 PE8 F . -43.42 -13.25 3.14
O4 PE8 F . -42.62 -14.36 2.84
C5 PE8 F . -42.53 -14.64 1.48
C6 PE8 F . -41.26 -13.97 0.96
O7 PE8 F . -41.46 -13.51 -0.34
C8 PE8 F . -40.28 -13.56 -1.10
C9 PE8 F . -39.34 -12.43 -0.68
O10 PE8 F . -38.02 -12.85 -0.78
C11 PE8 F . -37.11 -12.17 0.03
C12 PE8 F . -36.02 -13.14 0.50
O13 PE8 F . -36.16 -13.27 1.88
C14 PE8 F . -35.08 -12.82 2.66
C15 PE8 F . -35.58 -12.66 4.11
O16 PE8 F . -34.72 -11.82 4.84
C17 PE8 F . -34.54 -10.54 4.29
C18 PE8 F . -33.89 -9.60 5.30
O19 PE8 F . -32.63 -9.24 4.82
C20 PE8 F . -31.63 -9.07 5.78
C21 PE8 F . -30.24 -9.00 5.17
O22 PE8 F . -29.30 -9.58 6.05
C23 PE8 F . -29.31 -10.98 6.06
C24 PE8 F . -27.90 -11.52 5.80
O25 PE8 F . -28.00 -12.79 5.22
O4 DST G . 28.25 5.83 -28.67
P1 DST G . 29.50 6.54 -28.20
O6 DST G . 30.55 5.53 -27.83
O5 DST G . 29.14 7.39 -27.00
O2 DST G . 30.08 7.50 -29.42
P3 DST G . 29.60 9.06 -29.55
O8 DST G . 28.10 9.13 -29.45
O7 DST G . 30.18 9.92 -28.47
S9 DST G . 30.07 9.95 -31.38
C10 DST G . 29.10 11.48 -31.36
C11 DST G . 30.00 12.62 -31.64
C12 DST G . 29.47 13.81 -31.48
C13 DST G . 28.02 14.01 -31.06
C14 DST G . 30.40 14.96 -31.73
N TRP H . 30.30 17.97 -36.93
CA TRP H . 31.66 17.49 -36.77
C TRP H . 31.95 16.41 -37.84
O TRP H . 33.11 16.27 -38.33
CB TRP H . 31.81 16.93 -35.36
CG TRP H . 30.76 15.86 -35.05
CD1 TRP H . 29.51 16.05 -34.48
CD2 TRP H . 30.92 14.48 -35.30
NE1 TRP H . 28.92 14.85 -34.40
CE2 TRP H . 29.76 13.87 -34.89
CE3 TRP H . 31.98 13.72 -35.87
CZ2 TRP H . 29.61 12.48 -35.01
CZ3 TRP H . 31.82 12.35 -35.99
CH2 TRP H . 30.64 11.74 -35.56
OXT TRP H . 31.02 15.68 -38.24
O4 DST I . -19.43 15.73 -4.09
P1 DST I . -19.24 17.21 -4.16
O6 DST I . -18.06 17.44 -5.06
O5 DST I . -20.47 17.90 -4.65
O2 DST I . -18.94 17.75 -2.65
P3 DST I . -18.37 19.25 -2.35
O8 DST I . -16.86 19.25 -2.45
O7 DST I . -18.96 20.28 -3.23
S9 DST I . -19.03 19.76 -0.43
C10 DST I . -17.68 20.09 0.68
C11 DST I . -17.34 21.54 0.85
C12 DST I . -16.13 21.84 0.50
C13 DST I . -15.17 20.84 -0.10
C14 DST I . -15.65 23.24 0.65
C1 EDO J . -13.29 19.54 -2.27
O1 EDO J . -14.11 18.53 -2.79
C2 EDO J . -12.53 18.97 -1.03
O2 EDO J . -12.83 19.68 0.18
N TRP K . -15.57 24.61 6.84
CA TRP K . -16.89 25.19 6.65
C TRP K . -17.93 24.35 7.40
O TRP K . -19.14 24.66 7.37
CB TRP K . -17.19 25.20 5.15
CG TRP K . -16.92 23.82 4.59
CD1 TRP K . -15.70 23.37 4.08
CD2 TRP K . -17.84 22.75 4.55
NE1 TRP K . -15.87 22.09 3.73
CE2 TRP K . -17.16 21.69 3.99
CE3 TRP K . -19.20 22.63 4.92
CZ2 TRP K . -17.83 20.46 3.81
CZ3 TRP K . -19.85 21.42 4.73
CH2 TRP K . -19.17 20.33 4.18
OXT TRP K . -17.56 23.33 8.05
N TRP L . 24.03 -17.65 1.79
CA TRP L . 24.62 -18.81 1.17
C TRP L . 25.08 -18.44 -0.25
O TRP L . 24.96 -17.25 -0.65
CB TRP L . 23.58 -19.93 1.09
CG TRP L . 22.29 -19.44 0.44
CD1 TRP L . 21.21 -18.89 1.10
CD2 TRP L . 21.98 -19.49 -0.93
NE1 TRP L . 20.28 -18.60 0.18
CE2 TRP L . 20.73 -18.96 -1.06
CE3 TRP L . 22.68 -19.95 -2.08
CZ2 TRP L . 20.12 -18.86 -2.34
CZ3 TRP L . 22.08 -19.86 -3.34
CH2 TRP L . 20.80 -19.31 -3.46
OXT TRP L . 25.56 -19.33 -1.00
#